data_6Z2M
#
_entry.id   6Z2M
#
_cell.length_a   149.717
_cell.length_b   150.395
_cell.length_c   119.537
_cell.angle_alpha   90.000
_cell.angle_beta   90.000
_cell.angle_gamma   90.000
#
_symmetry.space_group_name_H-M   'P 21 21 2'
#
loop_
_entity.id
_entity.type
_entity.pdbx_description
1 polymer 'Spike glycoprotein'
2 polymer 'CR3022 antibody'
3 polymer 'CR3022 antibody'
4 polymer 'nanobody D4'
5 non-polymer 2-acetamido-2-deoxy-beta-D-glucopyranose
#
loop_
_entity_poly.entity_id
_entity_poly.type
_entity_poly.pdbx_seq_one_letter_code
_entity_poly.pdbx_strand_id
1 'polypeptide(L)'
;ITNLCPFGEVFNATRFASVYAWNRKRISNCVADYSVLYNSASFSTFKCYGVSPTKLNDLCFTNVYADSFVIRGDEVRQIA
PGQTGKIADYNYKLPDDFTGCVIAWNSNNLDSKVGGNYNYLYRLFRKSNLKPFERDISTEIYQAGSTPCNGVEGFNCYFP
LQSYGFQPTNGVGYQPYRVVVLSFELLHAPATVCGPK
;
A,E
2 'polypeptide(L)'
;TQMQLVQSGTEVKKPGESLKISCKGSGYGFITYWIGWVRQMPGKGLEWMGIIYPGDSETRYSPSFQGQVTISADKSINTA
YLQWSSLKASDTAIYYCAGGSGISTPMDVWGQGTTVTVASTKGPSVFPLAPSSGGTAALGCLVKDYFPEPVTVSWNSGAL
TSGVHTFPAVLQSSGLYSLSSVVTVPSSSLGTQTYICNVNHKPSNTKVDKKVEPKS
;
B,H
3 'polypeptide(L)'
;DIQLTQSPDSLAVSLGERATINCKSSQSVLYSSINKNYLAWYQQKPGQPPKLLIYWASTRESGVPDRFSGSGSGTDFTLT
ISSLQAEDVAVYYCQQYYSTPYTFGQGTKVEIKRTVAAPSVFIFPPSDEQLKSGTASVVCLLNNFYPREAKVQWKVDNAL
QSGNSQESVTEQDSKDSTYSLSSTLTLSKADYEKHKVYACEVTHQGLSSPVTKSFNRGE
;
C,L
4 'polypeptide(L)'
;QVQLVESGGGLMQAGGSLRLSCAVSGRTFSTAAMGWFRQAPGKEREFVAAIRWSGGSAYYADSVKGRFTISRDKAKNTVY
LQMNSLKYEDTAVYYCARTENVRSLLSDYATWPYDYWGQGTQVTVSS
;
F,D
#
loop_
_chem_comp.id
_chem_comp.type
_chem_comp.name
_chem_comp.formula
NAG D-saccharide, beta linking 2-acetamido-2-deoxy-beta-D-glucopyranose 'C8 H15 N O6'
#
# COMPACT_ATOMS: atom_id res chain seq x y z
N ILE A 1 -16.65 23.06 19.28
CA ILE A 1 -15.36 23.65 18.95
C ILE A 1 -15.10 23.47 17.45
N THR A 2 -16.16 23.22 16.69
CA THR A 2 -16.04 22.99 15.25
C THR A 2 -15.80 24.31 14.52
N ASN A 3 -15.06 24.23 13.41
CA ASN A 3 -14.71 25.44 12.67
C ASN A 3 -14.36 25.11 11.22
N LEU A 4 -14.99 24.08 10.65
CA LEU A 4 -14.60 23.61 9.32
C LEU A 4 -15.31 24.40 8.24
N CYS A 5 -14.64 24.54 7.09
CA CYS A 5 -15.21 25.24 5.95
C CYS A 5 -16.46 24.51 5.49
N PRO A 6 -17.56 25.20 5.24
CA PRO A 6 -18.84 24.51 4.97
C PRO A 6 -18.98 23.96 3.55
N PHE A 7 -18.36 22.80 3.31
CA PHE A 7 -18.61 22.09 2.07
C PHE A 7 -19.94 21.35 2.07
N GLY A 8 -20.51 21.10 3.25
CA GLY A 8 -21.83 20.51 3.31
C GLY A 8 -22.90 21.36 2.65
N GLU A 9 -22.75 22.68 2.71
CA GLU A 9 -23.72 23.57 2.06
C GLU A 9 -23.57 23.50 0.54
N VAL A 10 -22.34 23.35 0.05
CA VAL A 10 -22.10 23.41 -1.39
C VAL A 10 -22.61 22.14 -2.07
N PHE A 11 -22.25 20.97 -1.53
CA PHE A 11 -22.57 19.70 -2.17
C PHE A 11 -23.95 19.19 -1.84
N ASN A 12 -24.52 19.57 -0.70
CA ASN A 12 -25.79 19.00 -0.25
C ASN A 12 -26.93 20.00 -0.29
N ALA A 13 -26.77 21.11 -1.02
CA ALA A 13 -27.85 22.07 -1.19
C ALA A 13 -29.01 21.42 -1.93
N THR A 14 -30.24 21.64 -1.44
CA THR A 14 -31.39 20.95 -2.03
C THR A 14 -31.63 21.39 -3.46
N ARG A 15 -31.53 22.69 -3.74
CA ARG A 15 -31.62 23.20 -5.10
C ARG A 15 -30.29 23.83 -5.48
N PHE A 16 -29.92 23.68 -6.76
CA PHE A 16 -28.69 24.22 -7.32
C PHE A 16 -29.00 25.37 -8.26
N ALA A 17 -28.00 25.77 -9.05
CA ALA A 17 -28.16 26.88 -9.98
C ALA A 17 -28.00 26.38 -11.41
N SER A 18 -28.63 27.08 -12.34
CA SER A 18 -28.39 26.82 -13.76
C SER A 18 -27.00 27.29 -14.14
N VAL A 19 -26.41 26.61 -15.12
CA VAL A 19 -24.99 26.84 -15.42
C VAL A 19 -24.76 28.26 -15.90
N TYR A 20 -25.72 28.85 -16.62
CA TYR A 20 -25.53 30.23 -17.07
C TYR A 20 -25.42 31.20 -15.89
N ALA A 21 -26.13 30.91 -14.80
CA ALA A 21 -26.02 31.73 -13.58
C ALA A 21 -25.39 30.93 -12.45
N TRP A 22 -24.20 30.38 -12.70
CA TRP A 22 -23.58 29.45 -11.77
C TRP A 22 -23.28 30.13 -10.44
N ASN A 23 -23.48 29.38 -9.36
CA ASN A 23 -23.26 29.90 -8.01
C ASN A 23 -21.81 29.68 -7.60
N ARG A 24 -21.18 30.75 -7.10
CA ARG A 24 -19.83 30.69 -6.57
C ARG A 24 -19.89 30.91 -5.06
N LYS A 25 -19.22 30.05 -4.31
CA LYS A 25 -19.10 30.18 -2.86
C LYS A 25 -17.62 30.32 -2.50
N ARG A 26 -17.32 31.30 -1.66
CA ARG A 26 -15.95 31.51 -1.23
C ARG A 26 -15.66 30.73 0.05
N ILE A 27 -14.38 30.46 0.27
CA ILE A 27 -13.90 29.72 1.43
C ILE A 27 -12.85 30.58 2.10
N SER A 28 -13.05 30.91 3.37
CA SER A 28 -12.16 31.83 4.06
C SER A 28 -12.12 31.52 5.55
N ASN A 29 -10.99 31.86 6.16
CA ASN A 29 -10.66 31.62 7.57
C ASN A 29 -11.33 30.36 8.11
N CYS A 30 -10.80 29.18 7.81
CA CYS A 30 -11.38 27.93 8.29
C CYS A 30 -10.37 26.83 8.02
N VAL A 31 -10.71 25.64 8.48
CA VAL A 31 -9.93 24.44 8.22
C VAL A 31 -10.89 23.39 7.69
N ALA A 32 -10.65 22.92 6.47
CA ALA A 32 -11.52 21.97 5.81
C ALA A 32 -10.82 20.64 5.63
N ASP A 33 -11.49 19.57 6.08
CA ASP A 33 -11.00 18.21 5.86
C ASP A 33 -11.44 17.77 4.46
N TYR A 34 -10.46 17.57 3.58
CA TYR A 34 -10.76 17.17 2.22
C TYR A 34 -11.05 15.67 2.10
N SER A 35 -10.80 14.89 3.14
CA SER A 35 -11.06 13.46 3.08
C SER A 35 -12.54 13.15 3.00
N VAL A 36 -13.42 14.08 3.40
CA VAL A 36 -14.84 13.87 3.23
C VAL A 36 -15.22 13.92 1.75
N LEU A 37 -14.50 14.71 0.97
CA LEU A 37 -14.78 14.87 -0.45
C LEU A 37 -14.48 13.59 -1.24
N TYR A 38 -13.20 13.23 -1.35
CA TYR A 38 -12.85 12.13 -2.24
C TYR A 38 -13.32 10.77 -1.74
N ASN A 39 -13.58 10.60 -0.44
CA ASN A 39 -13.84 9.29 0.13
C ASN A 39 -15.33 9.01 0.32
N SER A 40 -16.21 9.76 -0.35
CA SER A 40 -17.63 9.43 -0.37
C SER A 40 -18.00 8.97 -1.78
N ALA A 41 -18.57 7.77 -1.87
CA ALA A 41 -18.67 7.02 -3.13
C ALA A 41 -19.80 7.45 -4.05
N SER A 42 -20.09 8.74 -4.14
CA SER A 42 -21.19 9.20 -4.97
C SER A 42 -20.74 10.21 -6.01
N PHE A 43 -19.54 10.05 -6.54
CA PHE A 43 -19.00 10.97 -7.55
C PHE A 43 -18.64 10.19 -8.81
N SER A 44 -19.15 10.65 -9.94
CA SER A 44 -18.88 10.03 -11.23
C SER A 44 -17.70 10.65 -11.96
N THR A 45 -17.23 11.81 -11.50
CA THR A 45 -16.08 12.47 -12.10
C THR A 45 -15.42 13.35 -11.03
N PHE A 46 -14.11 13.22 -10.90
CA PHE A 46 -13.35 13.96 -9.91
C PHE A 46 -11.98 14.29 -10.51
N LYS A 47 -11.98 15.06 -11.59
CA LYS A 47 -10.74 15.41 -12.29
C LYS A 47 -10.07 16.60 -11.60
N CYS A 48 -8.87 16.37 -11.08
CA CYS A 48 -8.07 17.39 -10.41
C CYS A 48 -6.86 17.75 -11.27
N TYR A 49 -6.72 19.05 -11.54
CA TYR A 49 -5.66 19.54 -12.41
C TYR A 49 -4.63 20.31 -11.58
N GLY A 50 -3.39 19.84 -11.62
CA GLY A 50 -2.28 20.54 -10.99
C GLY A 50 -2.22 20.44 -9.49
N VAL A 51 -3.19 19.80 -8.85
CA VAL A 51 -3.18 19.66 -7.41
C VAL A 51 -3.87 18.34 -7.05
N SER A 52 -3.34 17.67 -6.03
CA SER A 52 -3.99 16.46 -5.57
C SER A 52 -4.80 16.75 -4.32
N PRO A 53 -6.07 16.33 -4.26
CA PRO A 53 -6.86 16.61 -3.06
C PRO A 53 -6.40 15.85 -1.83
N THR A 54 -5.66 14.76 -2.00
CA THR A 54 -5.12 14.03 -0.87
C THR A 54 -3.81 14.61 -0.34
N LYS A 55 -3.29 15.65 -0.99
CA LYS A 55 -2.00 16.23 -0.64
C LYS A 55 -2.05 17.73 -0.37
N LEU A 56 -3.22 18.32 -0.20
CA LEU A 56 -3.33 19.70 0.24
C LEU A 56 -4.01 19.81 1.59
N ASN A 57 -4.14 18.70 2.29
CA ASN A 57 -4.61 18.69 3.67
C ASN A 57 -3.50 19.21 4.61
N ASP A 58 -2.63 20.07 4.06
CA ASP A 58 -1.46 20.59 4.76
C ASP A 58 -1.22 22.06 4.47
N LEU A 59 -1.27 22.41 3.18
CA LEU A 59 -0.96 23.76 2.72
C LEU A 59 -2.17 24.68 2.86
N CYS A 60 -1.88 25.94 3.24
CA CYS A 60 -2.89 26.99 3.42
C CYS A 60 -2.90 27.87 2.18
N PHE A 61 -4.08 28.04 1.55
CA PHE A 61 -4.25 28.90 0.38
C PHE A 61 -4.83 30.26 0.79
N THR A 62 -4.76 31.24 -0.12
CA THR A 62 -5.36 32.54 0.15
C THR A 62 -6.87 32.41 0.36
N ASN A 63 -7.55 31.72 -0.55
CA ASN A 63 -8.95 31.37 -0.41
C ASN A 63 -9.31 30.36 -1.49
N VAL A 64 -10.37 29.61 -1.24
CA VAL A 64 -10.86 28.58 -2.15
C VAL A 64 -12.23 28.99 -2.63
N TYR A 65 -12.48 28.83 -3.93
CA TYR A 65 -13.78 29.09 -4.51
C TYR A 65 -14.43 27.76 -4.89
N ALA A 66 -15.72 27.64 -4.62
CA ALA A 66 -16.49 26.47 -5.01
C ALA A 66 -17.63 26.91 -5.92
N ASP A 67 -17.44 26.75 -7.24
CA ASP A 67 -18.49 27.03 -8.21
C ASP A 67 -19.34 25.77 -8.39
N SER A 68 -20.66 25.94 -8.29
CA SER A 68 -21.58 24.82 -8.46
C SER A 68 -22.71 25.21 -9.41
N PHE A 69 -23.08 24.27 -10.28
CA PHE A 69 -24.15 24.48 -11.26
C PHE A 69 -24.66 23.10 -11.70
N VAL A 70 -25.55 23.09 -12.69
CA VAL A 70 -26.20 21.87 -13.17
C VAL A 70 -26.24 21.89 -14.69
N ILE A 71 -25.61 20.90 -15.31
CA ILE A 71 -25.62 20.71 -16.76
C ILE A 71 -26.11 19.30 -17.02
N ARG A 72 -26.05 18.86 -18.29
CA ARG A 72 -26.37 17.48 -18.64
C ARG A 72 -25.10 16.69 -18.92
N GLY A 73 -25.26 15.37 -18.98
CA GLY A 73 -24.12 14.46 -18.91
C GLY A 73 -23.08 14.68 -19.99
N ASP A 74 -23.52 14.72 -21.27
CA ASP A 74 -22.56 14.91 -22.36
C ASP A 74 -21.81 16.23 -22.28
N GLU A 75 -22.23 17.16 -21.42
CA GLU A 75 -21.59 18.46 -21.32
C GLU A 75 -20.56 18.54 -20.21
N VAL A 76 -20.43 17.49 -19.39
CA VAL A 76 -19.41 17.50 -18.34
C VAL A 76 -18.01 17.51 -18.95
N ARG A 77 -17.86 16.96 -20.17
CA ARG A 77 -16.59 17.07 -20.87
C ARG A 77 -16.17 18.53 -21.08
N GLN A 78 -17.14 19.43 -21.24
CA GLN A 78 -16.83 20.83 -21.53
C GLN A 78 -16.34 21.58 -20.30
N ILE A 79 -16.58 21.06 -19.10
CA ILE A 79 -16.10 21.70 -17.88
C ILE A 79 -14.65 21.30 -17.66
N ALA A 80 -13.77 21.80 -18.51
CA ALA A 80 -12.36 21.47 -18.46
C ALA A 80 -11.58 22.58 -19.15
N PRO A 81 -10.30 22.74 -18.81
CA PRO A 81 -9.48 23.73 -19.51
C PRO A 81 -9.34 23.39 -20.99
N GLY A 82 -9.45 24.41 -21.83
CA GLY A 82 -9.27 24.27 -23.26
C GLY A 82 -10.38 23.53 -23.98
N GLN A 83 -11.64 23.74 -23.60
CA GLN A 83 -12.77 23.08 -24.24
C GLN A 83 -13.58 24.09 -25.04
N THR A 84 -14.41 23.56 -25.94
CA THR A 84 -15.32 24.37 -26.75
C THR A 84 -16.70 23.73 -26.76
N GLY A 85 -17.70 24.52 -27.14
CA GLY A 85 -19.09 24.12 -27.14
C GLY A 85 -19.94 25.14 -26.41
N LYS A 86 -21.25 24.88 -26.39
CA LYS A 86 -22.16 25.90 -25.86
C LYS A 86 -21.93 26.14 -24.38
N ILE A 87 -21.45 25.15 -23.63
CA ILE A 87 -21.28 25.34 -22.20
C ILE A 87 -19.95 26.00 -21.89
N ALA A 88 -18.86 25.52 -22.49
CA ALA A 88 -17.56 26.07 -22.18
C ALA A 88 -17.40 27.50 -22.68
N ASP A 89 -18.05 27.86 -23.80
CA ASP A 89 -17.88 29.18 -24.38
C ASP A 89 -18.97 30.17 -24.00
N TYR A 90 -20.19 29.71 -23.72
CA TYR A 90 -21.31 30.61 -23.48
C TYR A 90 -21.88 30.51 -22.07
N ASN A 91 -21.34 29.65 -21.19
CA ASN A 91 -21.98 29.43 -19.90
C ASN A 91 -20.99 29.42 -18.74
N TYR A 92 -19.96 28.58 -18.80
CA TYR A 92 -18.99 28.48 -17.72
C TYR A 92 -17.65 28.08 -18.32
N LYS A 93 -16.72 29.05 -18.39
CA LYS A 93 -15.43 28.83 -19.03
C LYS A 93 -14.34 28.64 -17.99
N LEU A 94 -13.53 27.59 -18.16
CA LEU A 94 -12.37 27.37 -17.31
C LEU A 94 -11.10 27.81 -18.03
N PRO A 95 -10.19 28.48 -17.32
CA PRO A 95 -8.95 28.91 -17.95
C PRO A 95 -8.02 27.74 -18.23
N ASP A 96 -7.16 27.90 -19.24
CA ASP A 96 -6.11 26.91 -19.47
C ASP A 96 -5.14 26.84 -18.30
N ASP A 97 -5.03 27.93 -17.53
CA ASP A 97 -4.23 28.07 -16.32
C ASP A 97 -4.80 27.28 -15.13
N PHE A 98 -5.94 26.61 -15.31
CA PHE A 98 -6.73 26.10 -14.20
C PHE A 98 -5.94 25.18 -13.28
N THR A 99 -5.98 25.47 -11.98
CA THR A 99 -5.52 24.56 -10.94
C THR A 99 -6.67 24.36 -9.97
N GLY A 100 -7.22 23.14 -9.96
CA GLY A 100 -8.37 22.84 -9.14
C GLY A 100 -8.97 21.49 -9.53
N CYS A 101 -10.25 21.31 -9.20
CA CYS A 101 -10.96 20.05 -9.37
C CYS A 101 -12.38 20.28 -9.84
N VAL A 102 -12.82 19.50 -10.81
CA VAL A 102 -14.20 19.56 -11.24
C VAL A 102 -14.86 18.25 -10.80
N ILE A 103 -15.71 18.35 -9.77
CA ILE A 103 -16.41 17.20 -9.17
C ILE A 103 -17.84 17.20 -9.70
N ALA A 104 -18.31 16.02 -10.11
CA ALA A 104 -19.64 15.93 -10.67
C ALA A 104 -20.24 14.57 -10.35
N TRP A 105 -21.56 14.51 -10.40
CA TRP A 105 -22.26 13.27 -10.06
C TRP A 105 -23.66 13.28 -10.66
N ASN A 106 -24.17 12.07 -10.90
CA ASN A 106 -25.50 11.94 -11.49
C ASN A 106 -26.57 12.30 -10.47
N SER A 107 -27.50 13.15 -10.89
CA SER A 107 -28.54 13.65 -10.00
C SER A 107 -29.92 13.49 -10.63
N ASN A 108 -30.15 12.37 -11.31
CA ASN A 108 -31.42 12.13 -11.96
C ASN A 108 -32.56 11.90 -10.96
N ASN A 109 -32.24 11.64 -9.69
CA ASN A 109 -33.27 11.44 -8.68
C ASN A 109 -33.67 12.73 -7.99
N LEU A 110 -32.95 13.82 -8.21
CA LEU A 110 -33.22 15.09 -7.56
C LEU A 110 -33.72 16.16 -8.52
N ASP A 111 -33.13 16.23 -9.71
CA ASP A 111 -33.40 17.30 -10.67
C ASP A 111 -34.19 16.80 -11.87
N SER A 112 -34.96 15.73 -11.70
CA SER A 112 -35.87 15.26 -12.73
C SER A 112 -37.30 15.32 -12.23
N LYS A 113 -38.22 15.49 -13.18
CA LYS A 113 -39.63 15.30 -12.93
C LYS A 113 -40.24 14.62 -14.15
N VAL A 114 -41.28 13.83 -13.88
CA VAL A 114 -42.05 13.07 -14.88
C VAL A 114 -42.28 13.83 -16.18
N GLY A 115 -42.79 15.06 -16.08
CA GLY A 115 -43.07 15.91 -17.21
C GLY A 115 -41.97 16.88 -17.55
N GLY A 116 -40.78 16.68 -16.99
CA GLY A 116 -39.62 17.51 -17.30
C GLY A 116 -39.40 18.61 -16.28
N ASN A 117 -38.13 18.84 -15.93
CA ASN A 117 -37.76 19.94 -15.03
C ASN A 117 -37.10 21.01 -15.87
N TYR A 118 -37.89 21.99 -16.29
CA TYR A 118 -37.40 23.09 -17.12
C TYR A 118 -36.82 24.24 -16.30
N ASN A 119 -36.48 24.00 -15.03
CA ASN A 119 -36.00 25.09 -14.17
C ASN A 119 -34.52 25.38 -14.35
N TYR A 120 -33.76 24.47 -14.95
CA TYR A 120 -32.37 24.70 -15.26
C TYR A 120 -32.23 25.16 -16.70
N LEU A 121 -31.40 26.18 -16.92
CA LEU A 121 -31.29 26.82 -18.22
C LEU A 121 -29.84 26.92 -18.67
N TYR A 122 -29.65 27.04 -19.98
CA TYR A 122 -28.33 27.17 -20.59
C TYR A 122 -28.40 28.23 -21.68
N ARG A 123 -27.28 28.92 -21.90
CA ARG A 123 -27.23 29.98 -22.90
C ARG A 123 -26.91 29.39 -24.27
N LEU A 124 -27.67 29.79 -25.29
CA LEU A 124 -27.40 29.31 -26.65
C LEU A 124 -26.49 30.25 -27.42
N PHE A 125 -26.71 31.56 -27.30
CA PHE A 125 -25.95 32.54 -28.08
C PHE A 125 -25.42 33.64 -27.18
N ARG A 126 -24.23 34.14 -27.55
CA ARG A 126 -23.85 35.53 -27.29
C ARG A 126 -22.80 35.90 -28.32
N LYS A 127 -22.59 37.21 -28.48
CA LYS A 127 -21.73 37.68 -29.56
C LYS A 127 -20.25 37.40 -29.33
N SER A 128 -19.86 36.92 -28.16
CA SER A 128 -18.45 36.68 -27.85
C SER A 128 -18.34 35.59 -26.79
N ASN A 129 -17.16 34.98 -26.70
CA ASN A 129 -16.93 33.91 -25.75
C ASN A 129 -16.77 34.45 -24.33
N LEU A 130 -17.01 33.57 -23.36
CA LEU A 130 -16.86 33.94 -21.97
C LEU A 130 -15.39 33.97 -21.59
N LYS A 131 -14.98 35.03 -20.88
CA LYS A 131 -13.70 35.01 -20.23
C LYS A 131 -13.73 33.95 -19.13
N PRO A 132 -12.59 33.41 -18.73
CA PRO A 132 -12.59 32.43 -17.64
C PRO A 132 -13.24 32.98 -16.38
N PHE A 133 -14.10 32.14 -15.77
CA PHE A 133 -14.80 32.49 -14.53
C PHE A 133 -15.67 33.73 -14.71
N GLU A 134 -16.32 33.83 -15.87
CA GLU A 134 -17.29 34.88 -16.14
C GLU A 134 -18.70 34.30 -16.03
N ARG A 135 -19.60 35.09 -15.47
CA ARG A 135 -20.99 34.67 -15.33
C ARG A 135 -21.86 35.74 -16.00
N ASP A 136 -22.43 35.40 -17.16
CA ASP A 136 -23.25 36.30 -17.95
C ASP A 136 -24.70 35.85 -17.79
N ILE A 137 -25.47 36.64 -17.05
CA ILE A 137 -26.89 36.38 -16.86
C ILE A 137 -27.74 37.33 -17.73
N SER A 138 -27.11 37.96 -18.73
CA SER A 138 -27.84 38.82 -19.66
C SER A 138 -28.98 38.06 -20.33
N THR A 139 -30.08 38.78 -20.56
CA THR A 139 -31.22 38.24 -21.31
C THR A 139 -31.54 39.08 -22.53
N GLU A 140 -30.58 39.89 -23.01
CA GLU A 140 -30.78 40.68 -24.21
C GLU A 140 -31.01 39.75 -25.40
N ILE A 141 -31.99 40.13 -26.25
CA ILE A 141 -32.33 39.31 -27.40
C ILE A 141 -31.14 39.23 -28.34
N TYR A 142 -30.66 38.00 -28.56
CA TYR A 142 -29.50 37.81 -29.43
C TYR A 142 -29.86 38.17 -30.86
N GLN A 143 -29.07 39.08 -31.43
CA GLN A 143 -29.24 39.50 -32.82
C GLN A 143 -28.41 38.59 -33.71
N ALA A 144 -29.09 37.75 -34.50
CA ALA A 144 -28.41 36.73 -35.30
C ALA A 144 -28.00 37.22 -36.68
N GLY A 145 -28.72 38.20 -37.23
CA GLY A 145 -28.42 38.69 -38.56
C GLY A 145 -28.29 40.20 -38.66
N SER A 146 -28.37 40.72 -39.88
CA SER A 146 -28.25 42.16 -40.08
C SER A 146 -29.39 42.91 -39.39
N THR A 147 -30.57 42.31 -39.35
CA THR A 147 -31.74 42.91 -38.72
C THR A 147 -31.46 43.21 -37.25
N PRO A 148 -31.54 44.46 -36.82
CA PRO A 148 -31.40 44.74 -35.38
C PRO A 148 -32.75 44.69 -34.67
N CYS A 149 -32.89 43.90 -33.62
CA CYS A 149 -34.13 43.81 -32.87
C CYS A 149 -34.02 44.63 -31.58
N ASN A 150 -34.77 45.72 -31.49
CA ASN A 150 -34.71 46.61 -30.34
C ASN A 150 -35.62 46.03 -29.25
N GLY A 151 -35.16 44.91 -28.68
CA GLY A 151 -35.82 44.30 -27.55
C GLY A 151 -37.00 43.42 -27.87
N VAL A 152 -37.36 43.24 -29.13
CA VAL A 152 -38.48 42.39 -29.52
C VAL A 152 -37.96 41.23 -30.35
N GLU A 153 -38.40 40.02 -30.03
CA GLU A 153 -37.98 38.84 -30.76
C GLU A 153 -38.80 38.68 -32.03
N GLY A 154 -38.19 38.03 -33.02
CA GLY A 154 -38.85 37.80 -34.29
C GLY A 154 -38.05 36.91 -35.23
N PHE A 155 -37.62 37.49 -36.36
CA PHE A 155 -36.90 36.76 -37.39
C PHE A 155 -35.40 37.02 -37.22
N ASN A 156 -34.62 35.93 -37.09
CA ASN A 156 -33.19 36.02 -36.78
C ASN A 156 -32.96 36.79 -35.49
N CYS A 157 -33.91 36.69 -34.56
CA CYS A 157 -33.83 37.39 -33.28
C CYS A 157 -34.48 36.51 -32.23
N TYR A 158 -33.66 35.88 -31.38
CA TYR A 158 -34.12 34.86 -30.47
C TYR A 158 -33.75 35.21 -29.04
N PHE A 159 -34.46 34.57 -28.11
CA PHE A 159 -34.14 34.71 -26.70
C PHE A 159 -32.82 34.01 -26.42
N PRO A 160 -31.90 34.63 -25.66
CA PRO A 160 -30.53 34.12 -25.58
C PRO A 160 -30.40 32.78 -24.86
N LEU A 161 -31.33 32.41 -23.99
CA LEU A 161 -31.19 31.17 -23.24
C LEU A 161 -32.46 30.33 -23.32
N GLN A 162 -32.26 29.01 -23.33
CA GLN A 162 -33.28 27.98 -23.33
C GLN A 162 -33.11 27.14 -22.07
N SER A 163 -34.10 26.30 -21.78
CA SER A 163 -34.05 25.49 -20.57
C SER A 163 -33.91 24.01 -20.93
N TYR A 164 -33.15 23.29 -20.10
CA TYR A 164 -33.04 21.86 -20.25
C TYR A 164 -34.40 21.20 -20.11
N GLY A 165 -34.54 20.03 -20.73
CA GLY A 165 -35.73 19.23 -20.55
C GLY A 165 -35.41 17.95 -19.79
N PHE A 166 -35.37 18.03 -18.46
CA PHE A 166 -34.86 16.91 -17.65
C PHE A 166 -36.01 15.99 -17.30
N GLN A 167 -36.29 15.04 -18.17
CA GLN A 167 -37.24 14.04 -17.70
C GLN A 167 -36.51 12.75 -17.33
N PRO A 168 -37.00 11.98 -16.36
CA PRO A 168 -36.18 10.90 -15.78
C PRO A 168 -35.92 9.75 -16.72
N THR A 169 -36.70 9.59 -17.78
CA THR A 169 -36.53 8.47 -18.70
C THR A 169 -35.52 8.75 -19.81
N ASN A 170 -35.03 10.00 -19.93
CA ASN A 170 -33.99 10.30 -20.90
C ASN A 170 -32.77 9.42 -20.65
N GLY A 171 -32.11 9.04 -21.74
CA GLY A 171 -30.86 8.32 -21.60
C GLY A 171 -29.82 9.14 -20.87
N VAL A 172 -28.81 8.42 -20.36
CA VAL A 172 -27.74 9.09 -19.62
C VAL A 172 -27.12 10.16 -20.49
N GLY A 173 -26.87 11.32 -19.89
CA GLY A 173 -26.30 12.43 -20.58
C GLY A 173 -27.32 13.45 -21.04
N TYR A 174 -28.55 13.04 -21.26
CA TYR A 174 -29.66 13.98 -21.30
C TYR A 174 -30.29 14.17 -19.93
N GLN A 175 -29.70 13.56 -18.90
CA GLN A 175 -29.90 13.47 -17.46
C GLN A 175 -29.08 14.54 -16.75
N PRO A 176 -29.63 15.13 -15.69
CA PRO A 176 -28.92 16.21 -14.99
C PRO A 176 -27.73 15.66 -14.22
N TYR A 177 -26.59 16.33 -14.38
CA TYR A 177 -25.41 16.08 -13.56
C TYR A 177 -25.12 17.35 -12.80
N ARG A 178 -25.03 17.25 -11.48
CA ARG A 178 -24.59 18.37 -10.67
C ARG A 178 -23.07 18.44 -10.70
N VAL A 179 -22.54 19.65 -10.75
CA VAL A 179 -21.10 19.87 -10.83
C VAL A 179 -20.68 20.86 -9.76
N VAL A 180 -19.56 20.57 -9.11
CA VAL A 180 -18.91 21.50 -8.20
C VAL A 180 -17.46 21.65 -8.64
N VAL A 181 -17.00 22.89 -8.74
CA VAL A 181 -15.66 23.20 -9.25
C VAL A 181 -14.91 24.00 -8.18
N LEU A 182 -13.76 23.47 -7.75
CA LEU A 182 -12.94 24.10 -6.72
C LEU A 182 -11.71 24.72 -7.36
N SER A 183 -11.58 26.05 -7.21
CA SER A 183 -10.40 26.77 -7.69
C SER A 183 -9.61 27.26 -6.49
N PHE A 184 -8.29 27.32 -6.67
CA PHE A 184 -7.39 27.61 -5.56
C PHE A 184 -6.60 28.88 -5.82
N GLU A 185 -6.48 29.71 -4.78
CA GLU A 185 -5.81 31.01 -4.81
C GLU A 185 -4.72 31.01 -3.75
N LEU A 186 -3.46 31.21 -4.17
CA LEU A 186 -2.38 31.34 -3.19
C LEU A 186 -1.04 31.82 -3.78
N LEU A 187 -0.51 32.91 -3.22
CA LEU A 187 0.89 33.30 -3.40
C LEU A 187 1.31 34.35 -2.38
N HIS A 188 1.06 35.62 -2.71
CA HIS A 188 1.55 36.75 -1.94
C HIS A 188 0.37 37.40 -1.22
N ALA A 189 -0.22 36.65 -0.30
CA ALA A 189 -1.35 37.18 0.47
C ALA A 189 -1.59 36.29 1.69
N PRO A 190 -2.17 36.83 2.75
CA PRO A 190 -2.44 36.00 3.93
C PRO A 190 -3.31 34.81 3.56
N ALA A 191 -2.88 33.64 4.02
CA ALA A 191 -3.58 32.38 3.78
C ALA A 191 -4.45 32.04 5.00
N THR A 192 -5.72 31.75 4.75
CA THR A 192 -6.67 31.40 5.80
C THR A 192 -7.42 30.09 5.55
N VAL A 193 -7.13 29.36 4.47
CA VAL A 193 -7.82 28.12 4.15
C VAL A 193 -6.80 27.00 4.02
N CYS A 194 -6.86 26.02 4.92
CA CYS A 194 -6.08 24.80 4.78
C CYS A 194 -6.82 23.65 5.45
N GLY A 195 -6.15 22.49 5.56
CA GLY A 195 -6.74 21.30 6.09
C GLY A 195 -5.91 20.67 7.21
N PRO A 196 -6.44 19.58 7.75
CA PRO A 196 -5.70 18.76 8.70
C PRO A 196 -5.25 17.47 8.02
N LYS A 197 -4.55 16.57 8.70
CA LYS A 197 -4.24 15.28 8.08
C LYS A 197 -3.96 14.19 9.11
N THR B 1 -4.83 2.56 5.05
CA THR B 1 -4.33 2.74 3.69
C THR B 1 -5.38 3.39 2.80
N GLN B 2 -5.00 4.49 2.14
CA GLN B 2 -5.92 5.19 1.25
C GLN B 2 -6.15 4.39 -0.03
N MET B 3 -5.08 4.01 -0.71
CA MET B 3 -5.15 3.36 -2.00
C MET B 3 -3.93 2.48 -2.19
N GLN B 4 -4.13 1.30 -2.75
CA GLN B 4 -3.03 0.43 -3.15
C GLN B 4 -3.39 -0.22 -4.48
N LEU B 5 -2.39 -0.36 -5.34
CA LEU B 5 -2.57 -0.90 -6.67
C LEU B 5 -1.93 -2.29 -6.76
N VAL B 6 -2.64 -3.21 -7.41
CA VAL B 6 -2.22 -4.60 -7.55
C VAL B 6 -2.21 -4.94 -9.03
N GLN B 7 -1.12 -5.53 -9.51
CA GLN B 7 -0.94 -5.69 -10.94
C GLN B 7 -1.11 -7.16 -11.36
N SER B 8 -1.28 -7.34 -12.66
CA SER B 8 -1.28 -8.65 -13.29
C SER B 8 -0.05 -9.45 -12.92
N GLY B 9 -0.14 -10.77 -12.97
CA GLY B 9 1.01 -11.61 -12.70
C GLY B 9 2.07 -11.49 -13.77
N THR B 10 3.23 -12.10 -13.49
CA THR B 10 4.32 -12.09 -14.45
C THR B 10 3.97 -12.97 -15.64
N GLU B 11 4.29 -12.48 -16.84
CA GLU B 11 3.87 -13.14 -18.08
C GLU B 11 5.10 -13.44 -18.93
N VAL B 12 5.27 -14.72 -19.29
CA VAL B 12 6.34 -15.14 -20.19
C VAL B 12 5.69 -15.46 -21.53
N LYS B 13 6.01 -14.64 -22.53
CA LYS B 13 5.40 -14.70 -23.84
C LYS B 13 6.45 -15.05 -24.90
N LYS B 14 5.99 -15.23 -26.13
CA LYS B 14 6.82 -15.43 -27.30
C LYS B 14 6.56 -14.31 -28.29
N PRO B 15 7.49 -14.03 -29.20
CA PRO B 15 7.28 -12.92 -30.15
C PRO B 15 5.99 -13.11 -30.94
N GLY B 16 5.35 -11.98 -31.24
CA GLY B 16 4.14 -11.95 -32.04
C GLY B 16 2.86 -12.12 -31.25
N GLU B 17 2.92 -12.65 -30.05
CA GLU B 17 1.73 -12.89 -29.26
C GLU B 17 1.11 -11.56 -28.81
N SER B 18 -0.22 -11.56 -28.68
CA SER B 18 -0.90 -10.47 -28.01
C SER B 18 -0.57 -10.49 -26.52
N LEU B 19 -0.87 -9.37 -25.85
CA LEU B 19 -0.69 -9.28 -24.40
C LEU B 19 -1.42 -8.09 -23.81
N LYS B 20 -2.15 -8.28 -22.70
CA LYS B 20 -2.84 -7.19 -22.00
C LYS B 20 -2.67 -7.38 -20.50
N ILE B 21 -1.81 -6.56 -19.88
CA ILE B 21 -1.59 -6.65 -18.44
C ILE B 21 -2.51 -5.66 -17.73
N SER B 22 -2.70 -5.88 -16.43
CA SER B 22 -3.71 -5.20 -15.64
C SER B 22 -3.07 -4.45 -14.48
N CYS B 23 -3.87 -3.58 -13.86
CA CYS B 23 -3.51 -2.88 -12.64
C CYS B 23 -4.80 -2.47 -11.95
N LYS B 24 -5.05 -3.00 -10.76
CA LYS B 24 -6.34 -2.89 -10.09
C LYS B 24 -6.17 -2.10 -8.80
N GLY B 25 -7.02 -1.09 -8.61
CA GLY B 25 -6.96 -0.23 -7.44
C GLY B 25 -7.98 -0.65 -6.40
N SER B 26 -7.50 -0.92 -5.20
CA SER B 26 -8.35 -1.30 -4.08
C SER B 26 -8.34 -0.17 -3.04
N GLY B 27 -9.49 0.46 -2.85
CA GLY B 27 -9.67 1.50 -1.85
C GLY B 27 -10.78 2.45 -2.25
N TYR B 28 -11.22 3.25 -1.29
CA TYR B 28 -12.18 4.29 -1.63
C TYR B 28 -11.48 5.46 -2.30
N GLY B 29 -12.26 6.26 -3.01
CA GLY B 29 -11.71 7.45 -3.64
C GLY B 29 -10.92 7.18 -4.90
N PHE B 30 -11.13 6.04 -5.55
CA PHE B 30 -10.43 5.74 -6.79
C PHE B 30 -10.79 6.71 -7.91
N ILE B 31 -11.97 7.35 -7.82
CA ILE B 31 -12.41 8.27 -8.87
C ILE B 31 -11.43 9.43 -9.07
N THR B 32 -10.62 9.74 -8.07
CA THR B 32 -9.68 10.85 -8.19
C THR B 32 -8.39 10.47 -8.92
N TYR B 33 -8.04 9.19 -8.94
CA TYR B 33 -6.70 8.80 -9.35
C TYR B 33 -6.55 8.74 -10.87
N TRP B 34 -5.38 9.17 -11.34
CA TRP B 34 -4.98 9.10 -12.74
C TRP B 34 -3.89 8.05 -12.85
N ILE B 35 -4.24 6.89 -13.41
CA ILE B 35 -3.29 5.78 -13.48
C ILE B 35 -2.34 5.99 -14.65
N GLY B 36 -1.04 5.87 -14.39
CA GLY B 36 -0.04 5.96 -15.42
C GLY B 36 0.75 4.66 -15.49
N TRP B 37 1.50 4.52 -16.58
CA TRP B 37 2.27 3.30 -16.81
C TRP B 37 3.73 3.68 -17.06
N VAL B 38 4.61 3.17 -16.22
CA VAL B 38 6.05 3.41 -16.34
C VAL B 38 6.71 2.10 -16.75
N ARG B 39 7.63 2.19 -17.71
CA ARG B 39 8.40 1.04 -18.18
C ARG B 39 9.84 1.18 -17.72
N GLN B 40 10.40 0.09 -17.22
CA GLN B 40 11.80 0.05 -16.82
C GLN B 40 12.45 -1.16 -17.50
N MET B 41 13.33 -0.89 -18.46
CA MET B 41 13.99 -1.98 -19.16
C MET B 41 15.13 -2.53 -18.33
N PRO B 42 15.47 -3.82 -18.49
CA PRO B 42 16.46 -4.46 -17.61
C PRO B 42 17.74 -3.65 -17.41
N GLY B 43 18.00 -3.26 -16.17
CA GLY B 43 19.22 -2.55 -15.85
C GLY B 43 19.27 -1.12 -16.32
N LYS B 44 18.15 -0.54 -16.75
CA LYS B 44 18.09 0.85 -17.16
C LYS B 44 17.09 1.60 -16.29
N GLY B 45 16.95 2.89 -16.55
CA GLY B 45 16.09 3.75 -15.76
C GLY B 45 14.62 3.57 -16.10
N LEU B 46 13.82 4.51 -15.60
CA LEU B 46 12.38 4.50 -15.77
C LEU B 46 11.98 5.37 -16.96
N GLU B 47 10.97 4.92 -17.70
CA GLU B 47 10.42 5.65 -18.84
C GLU B 47 8.92 5.74 -18.68
N TRP B 48 8.39 6.97 -18.79
CA TRP B 48 6.96 7.21 -18.66
C TRP B 48 6.28 6.97 -20.00
N MET B 49 5.30 6.04 -20.01
CA MET B 49 4.63 5.64 -21.26
C MET B 49 3.37 6.45 -21.53
N GLY B 50 2.45 6.48 -20.57
CA GLY B 50 1.21 7.18 -20.77
C GLY B 50 0.44 7.26 -19.47
N ILE B 51 -0.70 7.94 -19.53
CA ILE B 51 -1.55 8.14 -18.36
C ILE B 51 -3.01 8.10 -18.83
N ILE B 52 -3.90 7.75 -17.93
CA ILE B 52 -5.31 7.57 -18.25
C ILE B 52 -6.15 7.90 -17.04
N TYR B 53 -7.26 8.63 -17.28
CA TYR B 53 -8.25 8.88 -16.25
C TYR B 53 -9.44 7.95 -16.48
N PRO B 54 -9.66 6.94 -15.66
CA PRO B 54 -10.73 5.96 -15.95
C PRO B 54 -12.13 6.57 -16.03
N GLY B 55 -12.39 7.70 -15.37
CA GLY B 55 -13.72 8.28 -15.41
C GLY B 55 -14.21 8.56 -16.82
N ASP B 56 -13.32 9.09 -17.67
CA ASP B 56 -13.63 9.35 -19.07
C ASP B 56 -12.84 8.49 -20.04
N SER B 57 -11.86 7.73 -19.55
CA SER B 57 -10.89 7.05 -20.39
C SER B 57 -10.11 8.04 -21.26
N GLU B 58 -9.97 9.28 -20.77
CA GLU B 58 -9.07 10.24 -21.39
C GLU B 58 -7.63 9.80 -21.16
N THR B 59 -6.88 9.54 -22.25
CA THR B 59 -5.53 9.04 -22.13
C THR B 59 -4.58 9.90 -22.94
N ARG B 60 -3.40 10.16 -22.38
CA ARG B 60 -2.32 10.83 -23.09
C ARG B 60 -1.13 9.89 -23.12
N TYR B 61 -0.52 9.75 -24.28
CA TYR B 61 0.67 8.92 -24.42
C TYR B 61 1.92 9.79 -24.46
N SER B 62 3.05 9.15 -24.28
CA SER B 62 4.26 9.89 -24.55
C SER B 62 4.74 9.62 -25.97
N PRO B 63 5.42 10.59 -26.59
CA PRO B 63 5.80 10.45 -28.01
C PRO B 63 6.50 9.14 -28.36
N SER B 64 7.27 8.57 -27.44
CA SER B 64 7.99 7.33 -27.72
C SER B 64 7.13 6.08 -27.56
N PHE B 65 5.82 6.24 -27.33
CA PHE B 65 4.96 5.07 -27.13
C PHE B 65 3.58 5.19 -27.78
N GLN B 66 3.22 6.33 -28.35
CA GLN B 66 1.91 6.44 -28.99
C GLN B 66 1.83 5.50 -30.18
N GLY B 67 0.70 4.81 -30.30
CA GLY B 67 0.49 3.91 -31.42
C GLY B 67 1.11 2.54 -31.22
N GLN B 68 2.23 2.48 -30.51
CA GLN B 68 2.92 1.20 -30.28
C GLN B 68 2.20 0.34 -29.24
N VAL B 69 1.55 0.94 -28.25
CA VAL B 69 0.68 0.23 -27.31
C VAL B 69 -0.53 1.11 -27.02
N THR B 70 -1.55 0.48 -26.44
CA THR B 70 -2.79 1.17 -26.09
C THR B 70 -3.08 1.01 -24.60
N ILE B 71 -3.71 2.04 -24.01
CA ILE B 71 -3.96 2.12 -22.58
C ILE B 71 -5.48 2.18 -22.38
N SER B 72 -6.07 1.08 -21.92
CA SER B 72 -7.50 0.98 -21.70
C SER B 72 -7.82 1.24 -20.23
N ALA B 73 -9.12 1.31 -19.92
CA ALA B 73 -9.58 1.34 -18.54
C ALA B 73 -11.02 0.84 -18.47
N ASP B 74 -11.29 0.02 -17.47
CA ASP B 74 -12.61 -0.49 -17.16
C ASP B 74 -13.03 0.15 -15.85
N LYS B 75 -13.85 1.20 -15.93
CA LYS B 75 -14.16 2.00 -14.75
C LYS B 75 -14.92 1.20 -13.70
N SER B 76 -15.75 0.25 -14.15
CA SER B 76 -16.60 -0.48 -13.22
C SER B 76 -15.83 -1.34 -12.22
N ILE B 77 -14.58 -1.66 -12.51
CA ILE B 77 -13.82 -2.55 -11.65
C ILE B 77 -12.48 -1.94 -11.26
N ASN B 78 -12.35 -0.62 -11.40
CA ASN B 78 -11.15 0.12 -10.96
C ASN B 78 -9.87 -0.48 -11.54
N THR B 79 -9.91 -0.84 -12.81
CA THR B 79 -8.79 -1.49 -13.47
C THR B 79 -8.33 -0.68 -14.66
N ALA B 80 -7.03 -0.44 -14.75
CA ALA B 80 -6.44 0.17 -15.93
C ALA B 80 -5.60 -0.87 -16.65
N TYR B 81 -5.69 -0.89 -17.97
CA TYR B 81 -5.03 -1.91 -18.77
C TYR B 81 -3.91 -1.31 -19.61
N LEU B 82 -2.97 -2.17 -19.99
CA LEU B 82 -1.94 -1.85 -20.97
C LEU B 82 -1.79 -3.05 -21.88
N GLN B 83 -1.81 -2.82 -23.20
CA GLN B 83 -1.98 -3.89 -24.17
C GLN B 83 -1.05 -3.70 -25.35
N TRP B 84 -0.44 -4.79 -25.81
CA TRP B 84 0.30 -4.83 -27.06
C TRP B 84 -0.48 -5.63 -28.09
N SER B 85 -0.41 -5.19 -29.35
CA SER B 85 -1.02 -5.96 -30.43
C SER B 85 -0.18 -7.19 -30.75
N SER B 86 1.13 -7.01 -30.92
CA SER B 86 2.04 -8.12 -31.16
C SER B 86 3.37 -7.80 -30.50
N LEU B 87 3.83 -8.68 -29.62
CA LEU B 87 4.99 -8.39 -28.80
C LEU B 87 6.28 -8.57 -29.61
N LYS B 88 7.16 -7.57 -29.53
CA LYS B 88 8.51 -7.70 -30.02
C LYS B 88 9.45 -7.97 -28.85
N ALA B 89 10.62 -8.53 -29.17
CA ALA B 89 11.64 -8.77 -28.14
C ALA B 89 12.10 -7.49 -27.48
N SER B 90 11.93 -6.33 -28.14
CA SER B 90 12.21 -5.04 -27.55
C SER B 90 11.31 -4.70 -26.37
N ASP B 91 10.26 -5.49 -26.12
CA ASP B 91 9.30 -5.18 -25.07
C ASP B 91 9.60 -5.88 -23.75
N THR B 92 10.61 -6.77 -23.73
CA THR B 92 11.03 -7.43 -22.49
C THR B 92 11.48 -6.42 -21.46
N ALA B 93 10.70 -6.26 -20.39
CA ALA B 93 10.99 -5.27 -19.36
C ALA B 93 10.05 -5.54 -18.18
N ILE B 94 10.14 -4.65 -17.18
CA ILE B 94 9.21 -4.62 -16.06
C ILE B 94 8.29 -3.42 -16.27
N TYR B 95 7.02 -3.57 -15.95
CA TYR B 95 6.02 -2.54 -16.23
C TYR B 95 5.30 -2.20 -14.94
N TYR B 96 5.60 -1.02 -14.38
CA TYR B 96 4.94 -0.56 -13.18
C TYR B 96 3.72 0.26 -13.54
N CYS B 97 2.65 0.14 -12.77
CA CYS B 97 1.56 1.09 -12.87
C CYS B 97 1.63 2.02 -11.67
N ALA B 98 1.34 3.30 -11.89
CA ALA B 98 1.52 4.34 -10.88
C ALA B 98 0.31 5.25 -10.86
N GLY B 99 -0.07 5.68 -9.66
CA GLY B 99 -1.27 6.49 -9.49
C GLY B 99 -1.00 7.76 -8.72
N GLY B 100 -1.76 8.79 -9.06
CA GLY B 100 -1.74 10.05 -8.34
C GLY B 100 -3.07 10.74 -8.50
N SER B 101 -3.63 11.30 -7.43
CA SER B 101 -4.99 11.84 -7.47
C SER B 101 -4.97 13.19 -8.18
N GLY B 102 -4.95 13.13 -9.51
CA GLY B 102 -4.95 14.31 -10.35
C GLY B 102 -3.87 14.22 -11.42
N ILE B 103 -3.98 15.15 -12.37
CA ILE B 103 -3.02 15.26 -13.46
C ILE B 103 -2.07 16.41 -13.17
N SER B 104 -0.80 16.23 -13.56
CA SER B 104 0.30 17.11 -13.14
C SER B 104 0.43 17.09 -11.62
N THR B 105 0.44 15.89 -11.08
CA THR B 105 0.55 15.58 -9.66
C THR B 105 1.56 14.46 -9.48
N PRO B 106 2.15 14.33 -8.30
CA PRO B 106 3.10 13.24 -8.08
C PRO B 106 2.41 11.89 -8.15
N MET B 107 3.19 10.88 -8.53
CA MET B 107 2.73 9.49 -8.56
C MET B 107 3.08 8.88 -7.20
N ASP B 108 2.11 8.89 -6.30
CA ASP B 108 2.35 8.55 -4.91
C ASP B 108 1.98 7.13 -4.54
N VAL B 109 1.38 6.37 -5.46
CA VAL B 109 1.01 4.98 -5.22
C VAL B 109 1.53 4.14 -6.39
N TRP B 110 2.31 3.10 -6.07
CA TRP B 110 2.91 2.26 -7.09
C TRP B 110 2.51 0.81 -6.90
N GLY B 111 2.42 0.08 -8.03
CA GLY B 111 2.18 -1.34 -8.00
C GLY B 111 3.47 -2.14 -8.01
N GLN B 112 3.34 -3.45 -7.80
CA GLN B 112 4.53 -4.30 -7.76
C GLN B 112 5.21 -4.45 -9.11
N GLY B 113 4.55 -4.04 -10.20
CA GLY B 113 5.12 -4.19 -11.53
C GLY B 113 4.96 -5.60 -12.05
N THR B 114 4.71 -5.75 -13.35
CA THR B 114 4.66 -7.06 -13.99
C THR B 114 5.87 -7.22 -14.90
N THR B 115 6.72 -8.20 -14.60
CA THR B 115 7.74 -8.60 -15.55
C THR B 115 7.08 -9.30 -16.73
N VAL B 116 7.46 -8.92 -17.93
CA VAL B 116 7.03 -9.62 -19.13
C VAL B 116 8.25 -9.94 -19.98
N THR B 117 8.49 -11.23 -20.20
CA THR B 117 9.61 -11.70 -21.01
C THR B 117 9.07 -12.35 -22.26
N VAL B 118 9.56 -11.90 -23.42
CA VAL B 118 9.02 -12.41 -24.69
C VAL B 118 10.09 -13.19 -25.46
N ALA B 119 10.29 -14.44 -25.06
CA ALA B 119 11.13 -15.38 -25.80
C ALA B 119 10.85 -16.78 -25.28
N SER B 120 11.39 -17.77 -25.98
CA SER B 120 11.16 -19.16 -25.62
C SER B 120 11.94 -19.51 -24.37
N THR B 121 11.29 -20.22 -23.45
CA THR B 121 11.92 -20.56 -22.18
C THR B 121 12.84 -21.76 -22.35
N LYS B 122 13.83 -21.85 -21.48
CA LYS B 122 14.81 -22.92 -21.52
C LYS B 122 15.22 -23.27 -20.09
N GLY B 123 15.32 -24.56 -19.83
CA GLY B 123 15.68 -25.03 -18.51
C GLY B 123 17.13 -24.77 -18.18
N PRO B 124 17.41 -24.48 -16.92
CA PRO B 124 18.80 -24.25 -16.51
C PRO B 124 19.53 -25.56 -16.24
N SER B 125 20.83 -25.53 -16.50
CA SER B 125 21.76 -26.57 -16.06
C SER B 125 22.65 -25.97 -14.99
N VAL B 126 22.74 -26.64 -13.84
CA VAL B 126 23.52 -26.16 -12.72
C VAL B 126 24.65 -27.14 -12.45
N PHE B 127 25.88 -26.62 -12.41
CA PHE B 127 27.09 -27.38 -12.16
C PHE B 127 27.75 -26.90 -10.88
N PRO B 128 28.50 -27.76 -10.19
CA PRO B 128 29.13 -27.36 -8.93
C PRO B 128 30.45 -26.63 -9.13
N LEU B 129 30.68 -25.61 -8.30
CA LEU B 129 31.98 -24.97 -8.17
C LEU B 129 32.61 -25.49 -6.87
N ALA B 130 33.54 -26.44 -7.02
CA ALA B 130 34.08 -27.15 -5.88
C ALA B 130 35.19 -26.36 -5.18
N PRO B 131 35.31 -26.49 -3.87
CA PRO B 131 36.38 -25.81 -3.15
C PRO B 131 37.75 -26.43 -3.44
N SER B 132 38.78 -25.61 -3.27
CA SER B 132 40.16 -26.04 -3.53
C SER B 132 40.80 -26.53 -2.23
N SER B 133 42.07 -26.92 -2.34
CA SER B 133 42.80 -27.47 -1.22
C SER B 133 43.85 -26.50 -0.68
N GLY B 134 42.97 -25.19 7.00
CA GLY B 134 43.52 -24.00 7.64
C GLY B 134 42.50 -22.91 7.92
N GLY B 135 42.40 -21.94 7.00
CA GLY B 135 41.57 -20.77 7.22
C GLY B 135 40.19 -20.82 6.59
N THR B 136 40.00 -20.05 5.51
CA THR B 136 38.70 -19.89 4.86
C THR B 136 38.63 -20.71 3.58
N ALA B 137 37.40 -21.08 3.21
CA ALA B 137 37.14 -21.88 2.02
C ALA B 137 35.92 -21.33 1.29
N ALA B 138 35.94 -21.43 -0.04
CA ALA B 138 34.85 -20.94 -0.87
C ALA B 138 34.36 -22.05 -1.80
N LEU B 139 33.05 -22.07 -2.02
CA LEU B 139 32.41 -23.05 -2.89
C LEU B 139 31.14 -22.41 -3.41
N GLY B 140 30.53 -23.05 -4.41
CA GLY B 140 29.34 -22.45 -4.98
C GLY B 140 28.72 -23.29 -6.08
N CYS B 141 27.68 -22.71 -6.68
CA CYS B 141 26.90 -23.33 -7.75
C CYS B 141 26.89 -22.41 -8.97
N LEU B 142 27.04 -23.02 -10.14
CA LEU B 142 27.07 -22.30 -11.41
C LEU B 142 25.81 -22.68 -12.18
N VAL B 143 24.90 -21.74 -12.35
CA VAL B 143 23.65 -21.94 -13.06
C VAL B 143 23.82 -21.40 -14.47
N LYS B 144 23.87 -22.30 -15.46
CA LYS B 144 24.24 -21.95 -16.82
C LYS B 144 23.09 -22.23 -17.79
N ASP B 145 22.93 -21.36 -18.78
CA ASP B 145 22.00 -21.52 -19.90
C ASP B 145 20.56 -21.67 -19.48
N TYR B 146 19.85 -20.56 -19.27
CA TYR B 146 18.47 -20.59 -18.87
C TYR B 146 17.79 -19.29 -19.30
N PHE B 147 16.47 -19.37 -19.50
CA PHE B 147 15.69 -18.20 -19.85
C PHE B 147 14.25 -18.45 -19.43
N PRO B 148 13.55 -17.46 -18.86
CA PRO B 148 14.09 -16.14 -18.51
C PRO B 148 14.35 -15.97 -17.02
N GLU B 149 14.74 -14.77 -16.64
CA GLU B 149 14.85 -14.44 -15.24
C GLU B 149 13.45 -14.36 -14.63
N PRO B 150 13.31 -14.61 -13.32
CA PRO B 150 14.39 -14.86 -12.36
C PRO B 150 14.67 -16.34 -12.16
N VAL B 151 15.81 -16.66 -11.55
CA VAL B 151 16.10 -18.03 -11.14
C VAL B 151 16.40 -18.01 -9.64
N THR B 152 15.80 -18.93 -8.90
CA THR B 152 16.00 -19.12 -7.48
C THR B 152 17.41 -19.58 -7.21
N VAL B 153 17.88 -19.34 -5.98
CA VAL B 153 19.05 -20.07 -5.45
C VAL B 153 19.20 -19.81 -3.96
N SER B 154 19.21 -20.88 -3.16
CA SER B 154 19.41 -20.80 -1.71
C SER B 154 20.23 -22.01 -1.28
N TRP B 155 20.85 -21.89 -0.11
CA TRP B 155 21.72 -22.95 0.42
C TRP B 155 21.08 -23.56 1.66
N ASN B 156 21.02 -24.89 1.70
CA ASN B 156 20.40 -25.64 2.80
C ASN B 156 18.96 -25.20 3.04
N SER B 157 18.16 -25.19 1.97
CA SER B 157 16.73 -24.87 2.00
C SER B 157 16.46 -23.47 2.56
N GLY B 158 17.47 -22.60 2.56
CA GLY B 158 17.37 -21.27 3.12
C GLY B 158 17.94 -21.13 4.52
N ALA B 159 18.53 -22.19 5.08
CA ALA B 159 19.10 -22.14 6.43
C ALA B 159 20.47 -21.48 6.48
N LEU B 160 21.11 -21.27 5.33
CA LEU B 160 22.43 -20.67 5.23
C LEU B 160 22.27 -19.28 4.64
N THR B 161 22.48 -18.25 5.46
CA THR B 161 22.16 -16.87 5.08
C THR B 161 23.38 -16.01 4.81
N SER B 162 24.34 -15.93 5.73
CA SER B 162 25.44 -14.98 5.60
C SER B 162 26.68 -15.66 5.03
N GLY B 163 27.53 -14.86 4.40
CA GLY B 163 28.67 -15.37 3.67
C GLY B 163 28.35 -15.89 2.28
N VAL B 164 27.10 -15.77 1.82
CA VAL B 164 26.69 -16.25 0.50
C VAL B 164 26.42 -15.05 -0.39
N HIS B 165 26.93 -15.11 -1.61
CA HIS B 165 26.72 -14.07 -2.61
C HIS B 165 26.19 -14.72 -3.88
N THR B 166 25.04 -14.22 -4.35
CA THR B 166 24.37 -14.74 -5.55
C THR B 166 24.40 -13.65 -6.61
N PHE B 167 25.28 -13.82 -7.59
CA PHE B 167 25.61 -12.72 -8.49
C PHE B 167 24.44 -12.39 -9.42
N PRO B 168 24.39 -11.16 -9.91
CA PRO B 168 23.42 -10.82 -10.96
C PRO B 168 23.68 -11.62 -12.22
N ALA B 169 22.60 -12.13 -12.81
CA ALA B 169 22.71 -12.88 -14.05
C ALA B 169 23.27 -12.00 -15.16
N VAL B 170 24.03 -12.61 -16.06
CA VAL B 170 24.52 -11.93 -17.25
C VAL B 170 23.97 -12.66 -18.47
N LEU B 171 23.87 -11.93 -19.58
CA LEU B 171 23.34 -12.47 -20.82
C LEU B 171 24.51 -12.90 -21.70
N GLN B 172 24.59 -14.19 -22.00
CA GLN B 172 25.65 -14.69 -22.85
C GLN B 172 25.40 -14.31 -24.31
N SER B 173 26.40 -14.57 -25.15
CA SER B 173 26.24 -14.38 -26.59
C SER B 173 25.16 -15.29 -27.16
N SER B 174 24.83 -16.38 -26.46
CA SER B 174 23.77 -17.29 -26.89
C SER B 174 22.39 -16.68 -26.75
N GLY B 175 22.26 -15.57 -26.02
CA GLY B 175 20.95 -15.05 -25.68
C GLY B 175 20.34 -15.66 -24.44
N LEU B 176 21.08 -16.49 -23.72
CA LEU B 176 20.62 -17.14 -22.51
C LEU B 176 21.33 -16.57 -21.29
N TYR B 177 20.65 -16.63 -20.15
CA TYR B 177 21.20 -16.13 -18.90
C TYR B 177 22.05 -17.19 -18.23
N SER B 178 22.90 -16.74 -17.30
CA SER B 178 23.65 -17.64 -16.44
C SER B 178 24.28 -16.83 -15.32
N LEU B 179 24.27 -17.39 -14.12
CA LEU B 179 24.77 -16.72 -12.92
C LEU B 179 25.51 -17.73 -12.05
N SER B 180 26.30 -17.21 -11.12
CA SER B 180 27.00 -18.03 -10.15
C SER B 180 26.57 -17.64 -8.75
N SER B 181 26.71 -18.59 -7.83
CA SER B 181 26.30 -18.43 -6.44
C SER B 181 27.35 -19.08 -5.55
N VAL B 182 28.11 -18.28 -4.82
CA VAL B 182 29.23 -18.80 -4.03
C VAL B 182 28.94 -18.58 -2.55
N VAL B 183 29.70 -19.30 -1.72
CA VAL B 183 29.59 -19.18 -0.28
C VAL B 183 30.98 -19.32 0.32
N THR B 184 31.22 -18.64 1.44
CA THR B 184 32.47 -18.74 2.17
C THR B 184 32.23 -19.38 3.52
N VAL B 185 32.95 -20.46 3.81
CA VAL B 185 32.78 -21.20 5.05
C VAL B 185 34.13 -21.60 5.59
N PRO B 186 34.23 -21.76 6.92
CA PRO B 186 35.48 -22.26 7.50
C PRO B 186 35.86 -23.61 6.93
N SER B 187 37.15 -23.77 6.59
CA SER B 187 37.61 -24.99 5.96
C SER B 187 37.43 -26.22 6.84
N SER B 188 37.25 -26.04 8.16
CA SER B 188 36.91 -27.15 9.03
C SER B 188 35.63 -27.84 8.61
N SER B 189 34.73 -27.10 7.95
CA SER B 189 33.40 -27.60 7.61
C SER B 189 33.41 -28.58 6.46
N LEU B 190 34.50 -28.67 5.70
CA LEU B 190 34.47 -29.39 4.44
C LEU B 190 34.29 -30.89 4.63
N GLY B 191 34.71 -31.42 5.77
CA GLY B 191 34.54 -32.83 6.03
C GLY B 191 33.27 -33.13 6.79
N THR B 192 32.65 -32.08 7.35
CA THR B 192 31.48 -32.24 8.22
C THR B 192 30.19 -31.81 7.52
N GLN B 193 30.09 -30.55 7.13
CA GLN B 193 28.82 -30.01 6.64
C GLN B 193 28.52 -30.47 5.21
N THR B 194 27.22 -30.53 4.90
CA THR B 194 26.73 -30.84 3.55
C THR B 194 25.91 -29.64 3.05
N TYR B 195 26.47 -28.95 2.06
CA TYR B 195 26.04 -27.65 1.53
C TYR B 195 25.22 -27.80 0.25
N ILE B 196 23.95 -28.12 0.36
CA ILE B 196 23.12 -28.24 -0.84
C ILE B 196 22.77 -26.85 -1.37
N CYS B 197 22.73 -26.69 -2.69
CA CYS B 197 22.22 -25.47 -3.32
C CYS B 197 20.95 -25.81 -4.08
N ASN B 198 19.91 -24.99 -3.90
CA ASN B 198 18.58 -25.27 -4.43
C ASN B 198 18.28 -24.29 -5.57
N VAL B 199 17.89 -24.83 -6.73
CA VAL B 199 17.74 -24.06 -7.97
C VAL B 199 16.40 -24.41 -8.59
N ASN B 200 15.40 -23.54 -8.41
CA ASN B 200 14.14 -23.61 -9.14
C ASN B 200 14.16 -22.60 -10.28
N HIS B 201 13.32 -22.86 -11.29
CA HIS B 201 13.16 -21.92 -12.41
C HIS B 201 11.78 -22.21 -13.01
N LYS B 202 10.78 -21.50 -12.50
CA LYS B 202 9.40 -21.91 -12.74
C LYS B 202 8.89 -21.70 -14.17
N PRO B 203 9.43 -20.78 -14.97
CA PRO B 203 9.07 -20.79 -16.40
C PRO B 203 9.33 -22.14 -17.06
N SER B 204 10.36 -22.86 -16.61
CA SER B 204 10.62 -24.23 -17.05
C SER B 204 10.29 -25.25 -15.97
N ASN B 205 9.90 -24.81 -14.78
CA ASN B 205 9.50 -25.68 -13.67
C ASN B 205 10.56 -26.73 -13.36
N THR B 206 11.83 -26.30 -13.35
CA THR B 206 12.89 -27.14 -12.82
C THR B 206 13.13 -26.80 -11.36
N LYS B 207 13.58 -27.79 -10.60
CA LYS B 207 14.10 -27.52 -9.26
C LYS B 207 15.19 -28.55 -9.00
N VAL B 208 16.42 -28.08 -8.88
CA VAL B 208 17.62 -28.91 -8.78
C VAL B 208 18.32 -28.61 -7.47
N ASP B 209 18.68 -29.67 -6.75
CA ASP B 209 19.43 -29.55 -5.50
C ASP B 209 20.74 -30.34 -5.68
N LYS B 210 21.77 -29.67 -6.18
CA LYS B 210 23.12 -30.21 -6.24
C LYS B 210 23.87 -29.87 -4.96
N LYS B 211 24.69 -30.83 -4.48
CA LYS B 211 25.60 -30.60 -3.37
C LYS B 211 27.05 -30.78 -3.85
N VAL B 212 27.90 -29.84 -3.43
CA VAL B 212 29.28 -29.70 -3.89
C VAL B 212 30.26 -30.36 -2.92
N GLU B 213 31.24 -31.09 -3.41
CA GLU B 213 32.29 -31.54 -2.53
C GLU B 213 33.65 -31.20 -3.11
N PRO B 214 34.72 -31.26 -2.32
CA PRO B 214 36.06 -31.23 -2.92
C PRO B 214 36.29 -32.49 -3.73
N LYS B 215 36.59 -32.32 -5.01
CA LYS B 215 36.86 -33.43 -5.91
C LYS B 215 38.36 -33.71 -5.97
N SER B 216 38.70 -34.97 -6.24
CA SER B 216 40.10 -35.35 -6.46
C SER B 216 40.17 -36.56 -7.40
N ASP C 1 7.63 20.14 -24.63
CA ASP C 1 7.80 19.34 -23.41
C ASP C 1 9.23 19.43 -22.87
N ILE C 2 9.42 19.01 -21.62
CA ILE C 2 10.62 19.30 -20.85
C ILE C 2 11.42 18.02 -20.65
N GLN C 3 12.74 18.14 -20.80
CA GLN C 3 13.68 17.04 -20.59
C GLN C 3 14.59 17.38 -19.43
N LEU C 4 14.91 16.38 -18.61
CA LEU C 4 15.67 16.58 -17.39
C LEU C 4 16.99 15.82 -17.43
N THR C 5 17.99 16.39 -16.76
CA THR C 5 19.34 15.83 -16.67
C THR C 5 19.85 16.01 -15.26
N GLN C 6 20.25 14.92 -14.61
CA GLN C 6 20.78 14.97 -13.26
C GLN C 6 22.26 14.61 -13.25
N SER C 7 22.95 15.03 -12.18
CA SER C 7 24.37 14.77 -12.05
C SER C 7 24.72 14.78 -10.57
N PRO C 8 25.68 13.95 -10.12
CA PRO C 8 26.45 13.00 -10.92
C PRO C 8 25.65 11.76 -11.29
N ASP C 9 26.21 10.90 -12.15
CA ASP C 9 25.58 9.62 -12.44
C ASP C 9 25.72 8.66 -11.26
N SER C 10 26.93 8.54 -10.73
CA SER C 10 27.20 7.74 -9.54
C SER C 10 27.81 8.63 -8.47
N LEU C 11 27.66 8.20 -7.22
CA LEU C 11 28.04 9.03 -6.08
C LEU C 11 28.33 8.12 -4.90
N ALA C 12 29.49 8.30 -4.28
CA ALA C 12 29.91 7.49 -3.14
C ALA C 12 30.21 8.41 -1.98
N VAL C 13 29.44 8.27 -0.92
CA VAL C 13 29.57 9.10 0.27
C VAL C 13 29.61 8.18 1.49
N SER C 14 30.53 8.46 2.41
CA SER C 14 30.69 7.64 3.61
C SER C 14 29.56 7.89 4.60
N LEU C 15 29.34 6.90 5.47
CA LEU C 15 28.25 6.95 6.44
C LEU C 15 28.23 8.26 7.21
N GLY C 16 27.02 8.78 7.45
CA GLY C 16 26.85 9.96 8.25
C GLY C 16 27.12 11.27 7.57
N GLU C 17 27.69 11.26 6.36
CA GLU C 17 28.00 12.49 5.66
C GLU C 17 26.93 12.78 4.60
N ARG C 18 27.00 14.00 4.05
CA ARG C 18 25.95 14.52 3.19
C ARG C 18 26.19 14.13 1.74
N ALA C 19 25.12 13.73 1.06
CA ALA C 19 25.17 13.40 -0.35
C ALA C 19 24.23 14.34 -1.10
N THR C 20 24.73 14.87 -2.22
CA THR C 20 24.02 15.88 -2.99
C THR C 20 23.85 15.37 -4.42
N ILE C 21 22.64 15.46 -4.94
CA ILE C 21 22.32 15.07 -6.31
C ILE C 21 21.58 16.22 -6.98
N ASN C 22 22.21 16.84 -7.97
CA ASN C 22 21.59 17.90 -8.73
C ASN C 22 20.77 17.33 -9.89
N CYS C 23 19.85 18.15 -10.41
CA CYS C 23 18.98 17.72 -11.49
C CYS C 23 18.49 18.97 -12.23
N LYS C 24 18.90 19.14 -13.47
CA LYS C 24 18.56 20.32 -14.26
C LYS C 24 17.56 19.95 -15.36
N SER C 25 16.57 20.81 -15.55
CA SER C 25 15.59 20.66 -16.62
C SER C 25 15.95 21.56 -17.81
N SER C 26 15.31 21.29 -18.95
CA SER C 26 15.47 22.12 -20.14
C SER C 26 14.50 23.29 -20.16
N GLN C 27 13.55 23.32 -19.24
CA GLN C 27 12.49 24.32 -19.17
C GLN C 27 12.10 24.48 -17.71
N SER C 28 11.73 25.70 -17.33
CA SER C 28 11.33 25.94 -15.96
C SER C 28 9.97 25.32 -15.69
N VAL C 29 9.83 24.71 -14.51
CA VAL C 29 8.62 24.00 -14.14
C VAL C 29 8.00 24.66 -12.92
N LEU C 30 7.73 25.96 -13.02
CA LEU C 30 7.29 26.76 -11.90
C LEU C 30 5.93 27.42 -12.22
N TYR C 31 4.84 26.78 -11.79
CA TYR C 31 3.53 27.42 -11.84
C TYR C 31 3.57 28.69 -10.99
N SER C 32 3.47 29.85 -11.64
CA SER C 32 3.48 31.12 -10.95
C SER C 32 2.16 31.44 -10.26
N SER C 33 1.09 30.72 -10.60
CA SER C 33 -0.21 30.92 -9.97
C SER C 33 -0.27 30.42 -8.54
N ILE C 34 0.61 29.49 -8.16
CA ILE C 34 0.60 28.87 -6.84
C ILE C 34 2.01 28.98 -6.26
N ASN C 35 2.99 29.26 -7.14
CA ASN C 35 4.41 29.32 -6.78
C ASN C 35 4.86 28.01 -6.14
N LYS C 36 4.80 26.96 -6.95
CA LYS C 36 5.32 25.67 -6.58
C LYS C 36 6.00 25.09 -7.81
N ASN C 37 7.15 24.45 -7.60
CA ASN C 37 7.84 23.74 -8.66
C ASN C 37 7.25 22.34 -8.77
N TYR C 38 6.90 21.93 -9.99
CA TYR C 38 6.23 20.65 -10.20
C TYR C 38 7.25 19.56 -10.55
N LEU C 39 8.14 19.33 -9.59
CA LEU C 39 9.23 18.37 -9.71
C LEU C 39 9.20 17.44 -8.50
N ALA C 40 9.47 16.17 -8.74
CA ALA C 40 9.43 15.16 -7.69
C ALA C 40 10.72 14.36 -7.69
N TRP C 41 11.01 13.76 -6.54
CA TRP C 41 12.19 12.94 -6.35
C TRP C 41 11.76 11.55 -5.92
N TYR C 42 12.25 10.53 -6.62
CA TYR C 42 11.91 9.14 -6.34
C TYR C 42 13.16 8.35 -5.95
N GLN C 43 12.95 7.34 -5.12
CA GLN C 43 13.99 6.38 -4.76
C GLN C 43 13.57 5.01 -5.27
N GLN C 44 14.53 4.24 -5.77
CA GLN C 44 14.25 2.88 -6.21
C GLN C 44 15.43 1.98 -5.89
N LYS C 45 15.17 0.94 -5.14
CA LYS C 45 16.11 -0.09 -4.80
C LYS C 45 15.88 -1.31 -5.66
N PRO C 46 16.88 -2.18 -5.82
CA PRO C 46 16.71 -3.32 -6.73
C PRO C 46 15.53 -4.19 -6.34
N GLY C 47 14.73 -4.55 -7.34
CA GLY C 47 13.60 -5.45 -7.14
C GLY C 47 12.43 -4.87 -6.38
N GLN C 48 12.39 -3.56 -6.19
CA GLN C 48 11.34 -2.89 -5.45
C GLN C 48 10.70 -1.82 -6.31
N PRO C 49 9.42 -1.52 -6.10
CA PRO C 49 8.79 -0.42 -6.85
C PRO C 49 9.43 0.91 -6.48
N PRO C 50 9.36 1.90 -7.36
CA PRO C 50 9.88 3.23 -7.00
C PRO C 50 9.08 3.81 -5.84
N LYS C 51 9.75 4.66 -5.06
CA LYS C 51 9.16 5.28 -3.88
C LYS C 51 9.25 6.80 -4.02
N LEU C 52 8.12 7.48 -3.86
CA LEU C 52 8.11 8.93 -3.90
C LEU C 52 8.64 9.48 -2.58
N LEU C 53 9.72 10.25 -2.64
CA LEU C 53 10.32 10.84 -1.45
C LEU C 53 9.91 12.29 -1.25
N ILE C 54 10.10 13.13 -2.26
CA ILE C 54 9.84 14.56 -2.16
C ILE C 54 9.10 15.03 -3.41
N TYR C 55 7.99 15.73 -3.21
CA TYR C 55 7.24 16.38 -4.26
C TYR C 55 7.23 17.89 -4.04
N TRP C 56 6.86 18.63 -5.08
CA TRP C 56 6.90 20.09 -5.06
C TRP C 56 8.26 20.61 -4.61
N ALA C 57 9.31 19.97 -5.13
CA ALA C 57 10.71 20.35 -4.93
C ALA C 57 11.18 20.24 -3.49
N SER C 58 10.31 20.58 -2.50
CA SER C 58 10.79 20.68 -1.13
C SER C 58 9.82 20.12 -0.09
N THR C 59 8.91 19.23 -0.47
CA THR C 59 7.91 18.71 0.46
C THR C 59 8.01 17.19 0.56
N ARG C 60 8.17 16.69 1.77
CA ARG C 60 8.44 15.27 2.01
C ARG C 60 7.14 14.47 2.10
N GLU C 61 7.10 13.35 1.39
CA GLU C 61 5.97 12.43 1.45
C GLU C 61 6.02 11.63 2.74
N SER C 62 4.86 11.17 3.20
CA SER C 62 4.79 10.34 4.38
C SER C 62 5.66 9.10 4.23
N GLY C 63 6.25 8.66 5.34
CA GLY C 63 7.12 7.50 5.32
C GLY C 63 8.51 7.77 4.83
N VAL C 64 8.93 9.04 4.80
CA VAL C 64 10.25 9.44 4.32
C VAL C 64 10.98 10.11 5.49
N PRO C 65 12.19 9.68 5.82
CA PRO C 65 12.91 10.28 6.94
C PRO C 65 13.18 11.76 6.68
N ASP C 66 13.36 12.52 7.77
CA ASP C 66 13.68 13.92 7.60
C ASP C 66 15.12 14.13 7.16
N ARG C 67 15.93 13.06 7.14
CA ARG C 67 17.28 13.15 6.56
C ARG C 67 17.25 13.58 5.11
N PHE C 68 16.14 13.35 4.40
CA PHE C 68 15.99 13.76 3.01
C PHE C 68 15.49 15.18 2.93
N SER C 69 16.08 15.96 2.05
CA SER C 69 15.67 17.33 1.83
C SER C 69 15.99 17.68 0.39
N GLY C 70 15.00 18.21 -0.32
CA GLY C 70 15.21 18.75 -1.65
C GLY C 70 14.78 20.20 -1.67
N SER C 71 15.44 20.99 -2.51
CA SER C 71 15.07 22.39 -2.70
C SER C 71 15.67 22.88 -4.01
N GLY C 72 15.61 24.19 -4.21
CA GLY C 72 15.87 24.80 -5.50
C GLY C 72 14.59 25.16 -6.22
N SER C 73 14.73 25.94 -7.27
CA SER C 73 13.58 26.42 -8.01
C SER C 73 14.01 26.83 -9.42
N GLY C 74 13.01 27.01 -10.28
CA GLY C 74 13.25 27.41 -11.65
C GLY C 74 13.71 26.27 -12.51
N THR C 75 15.02 26.14 -12.70
CA THR C 75 15.55 25.15 -13.61
C THR C 75 16.43 24.11 -12.92
N ASP C 76 17.19 24.50 -11.90
CA ASP C 76 18.06 23.59 -11.19
C ASP C 76 17.44 23.20 -9.85
N PHE C 77 17.56 21.92 -9.52
CA PHE C 77 17.04 21.41 -8.26
C PHE C 77 18.05 20.44 -7.68
N THR C 78 17.96 20.25 -6.37
CA THR C 78 18.86 19.36 -5.65
C THR C 78 18.13 18.62 -4.54
N LEU C 79 18.43 17.33 -4.43
CA LEU C 79 17.98 16.52 -3.32
C LEU C 79 19.19 16.17 -2.45
N THR C 80 19.14 16.57 -1.20
CA THR C 80 20.26 16.39 -0.30
C THR C 80 19.95 15.28 0.69
N ILE C 81 20.87 14.34 0.81
CA ILE C 81 20.80 13.27 1.80
C ILE C 81 21.64 13.73 2.98
N SER C 82 20.98 14.26 4.00
CA SER C 82 21.70 14.60 5.22
C SER C 82 21.97 13.32 6.01
N SER C 83 23.21 13.13 6.45
CA SER C 83 23.63 11.97 7.23
C SER C 83 23.22 10.67 6.54
N LEU C 84 23.95 10.36 5.47
CA LEU C 84 23.68 9.16 4.67
C LEU C 84 23.72 7.91 5.56
N GLN C 85 22.84 6.96 5.25
CA GLN C 85 22.75 5.73 6.00
C GLN C 85 22.75 4.56 5.02
N ALA C 86 23.00 3.36 5.57
CA ALA C 86 23.12 2.18 4.72
C ALA C 86 21.82 1.89 3.98
N GLU C 87 20.67 2.11 4.61
CA GLU C 87 19.42 1.81 3.94
C GLU C 87 19.09 2.79 2.82
N ASP C 88 19.98 3.73 2.51
CA ASP C 88 19.75 4.70 1.45
C ASP C 88 20.46 4.36 0.16
N VAL C 89 21.27 3.30 0.13
CA VAL C 89 21.90 2.84 -1.11
C VAL C 89 20.77 2.48 -2.07
N ALA C 90 20.64 3.26 -3.13
CA ALA C 90 19.55 3.10 -4.09
C ALA C 90 19.87 3.94 -5.31
N VAL C 91 18.93 3.98 -6.24
CA VAL C 91 18.97 4.89 -7.38
C VAL C 91 17.89 5.95 -7.18
N TYR C 92 18.25 7.20 -7.44
CA TYR C 92 17.35 8.32 -7.20
C TYR C 92 17.06 9.03 -8.52
N TYR C 93 15.78 9.09 -8.88
CA TYR C 93 15.33 9.77 -10.08
C TYR C 93 14.61 11.06 -9.72
N CYS C 94 14.80 12.08 -10.55
CA CYS C 94 14.04 13.31 -10.47
C CYS C 94 13.03 13.31 -11.62
N GLN C 95 11.77 13.54 -11.30
CA GLN C 95 10.71 13.53 -12.31
C GLN C 95 9.98 14.86 -12.30
N GLN C 96 9.67 15.35 -13.49
CA GLN C 96 8.82 16.53 -13.64
C GLN C 96 7.37 16.10 -13.81
N TYR C 97 6.47 17.04 -13.54
CA TYR C 97 5.06 16.85 -13.84
C TYR C 97 4.38 18.21 -14.04
N TYR C 98 5.11 19.16 -14.64
CA TYR C 98 4.49 20.43 -15.01
C TYR C 98 3.56 20.25 -16.20
N SER C 99 4.02 19.55 -17.23
CA SER C 99 3.22 19.28 -18.42
C SER C 99 3.40 17.83 -18.83
N THR C 100 2.37 17.27 -19.41
CA THR C 100 2.55 15.96 -20.03
C THR C 100 3.24 16.13 -21.37
N PRO C 101 4.12 15.19 -21.76
CA PRO C 101 4.46 13.95 -21.05
C PRO C 101 5.36 14.15 -19.83
N TYR C 102 5.06 13.46 -18.73
CA TYR C 102 6.01 13.38 -17.63
C TYR C 102 7.31 12.73 -18.11
N THR C 103 8.43 13.19 -17.55
CA THR C 103 9.73 12.58 -17.84
C THR C 103 10.55 12.47 -16.55
N PHE C 104 11.40 11.45 -16.49
CA PHE C 104 12.34 11.22 -15.40
C PHE C 104 13.73 11.70 -15.80
N GLY C 105 14.62 11.77 -14.81
CA GLY C 105 16.03 11.92 -15.10
C GLY C 105 16.64 10.56 -15.40
N GLN C 106 17.90 10.57 -15.83
CA GLN C 106 18.57 9.32 -16.17
C GLN C 106 18.92 8.48 -14.94
N GLY C 107 18.75 9.03 -13.75
CA GLY C 107 19.02 8.28 -12.54
C GLY C 107 20.41 8.47 -11.97
N THR C 108 20.49 8.57 -10.65
CA THR C 108 21.75 8.70 -9.93
C THR C 108 21.86 7.57 -8.92
N LYS C 109 23.00 6.90 -8.91
CA LYS C 109 23.22 5.77 -8.03
C LYS C 109 24.01 6.25 -6.81
N VAL C 110 23.42 6.08 -5.62
CA VAL C 110 24.09 6.40 -4.37
C VAL C 110 24.63 5.10 -3.77
N GLU C 111 25.88 5.15 -3.30
CA GLU C 111 26.52 4.03 -2.64
C GLU C 111 27.36 4.52 -1.48
N ILE C 112 27.57 3.64 -0.50
CA ILE C 112 28.34 3.97 0.70
C ILE C 112 29.82 3.86 0.40
N LYS C 113 30.58 4.90 0.75
CA LYS C 113 32.02 4.84 0.65
C LYS C 113 32.63 4.36 1.96
N ARG C 114 33.45 3.32 1.88
CA ARG C 114 34.21 2.81 3.01
C ARG C 114 35.70 2.93 2.70
N THR C 115 36.53 2.43 3.60
CA THR C 115 37.95 2.44 3.35
C THR C 115 38.37 1.15 2.64
N VAL C 116 39.54 1.22 1.99
CA VAL C 116 39.92 0.19 1.03
C VAL C 116 40.02 -1.18 1.69
N ALA C 117 39.44 -2.19 1.04
CA ALA C 117 39.49 -3.56 1.51
C ALA C 117 39.96 -4.45 0.36
N ALA C 118 40.93 -5.29 0.63
CA ALA C 118 41.45 -6.17 -0.41
C ALA C 118 40.50 -7.33 -0.68
N PRO C 119 40.41 -7.77 -1.93
CA PRO C 119 39.59 -8.95 -2.24
C PRO C 119 40.31 -10.26 -1.94
N SER C 120 39.54 -11.23 -1.43
CA SER C 120 40.01 -12.59 -1.30
C SER C 120 39.61 -13.37 -2.55
N VAL C 121 40.58 -14.00 -3.19
CA VAL C 121 40.41 -14.51 -4.55
C VAL C 121 40.37 -16.03 -4.54
N PHE C 122 39.47 -16.58 -5.36
CA PHE C 122 39.35 -18.03 -5.54
C PHE C 122 39.15 -18.31 -7.02
N ILE C 123 39.65 -19.46 -7.47
CA ILE C 123 39.46 -19.90 -8.84
C ILE C 123 38.83 -21.29 -8.81
N PHE C 124 37.85 -21.51 -9.69
CA PHE C 124 37.12 -22.77 -9.73
C PHE C 124 37.30 -23.42 -11.10
N PRO C 125 37.86 -24.62 -11.17
CA PRO C 125 37.92 -25.33 -12.46
C PRO C 125 36.53 -25.73 -12.91
N PRO C 126 36.33 -25.97 -14.19
CA PRO C 126 35.00 -26.35 -14.66
C PRO C 126 34.61 -27.71 -14.11
N SER C 127 33.29 -27.97 -14.08
CA SER C 127 32.78 -29.25 -13.64
C SER C 127 33.34 -30.36 -14.52
N ASP C 128 33.01 -31.59 -14.13
CA ASP C 128 33.16 -32.71 -15.03
C ASP C 128 31.86 -33.04 -15.76
N GLU C 129 30.72 -32.62 -15.21
CA GLU C 129 29.44 -32.79 -15.90
C GLU C 129 29.33 -31.87 -17.10
N GLN C 130 29.81 -30.63 -16.96
CA GLN C 130 29.79 -29.66 -18.04
C GLN C 130 30.81 -29.94 -19.13
N LEU C 131 31.75 -30.86 -18.92
CA LEU C 131 32.67 -31.17 -20.00
C LEU C 131 32.15 -32.27 -20.91
N LYS C 132 31.10 -32.99 -20.50
CA LYS C 132 30.31 -33.73 -21.46
C LYS C 132 29.31 -32.82 -22.18
N SER C 133 29.07 -31.62 -21.67
CA SER C 133 28.24 -30.65 -22.37
C SER C 133 28.91 -30.12 -23.63
N GLY C 134 30.22 -30.25 -23.75
CA GLY C 134 30.94 -29.73 -24.90
C GLY C 134 31.52 -28.35 -24.73
N THR C 135 31.25 -27.70 -23.60
CA THR C 135 31.81 -26.38 -23.31
C THR C 135 32.25 -26.35 -21.84
N ALA C 136 33.32 -25.63 -21.59
CA ALA C 136 33.84 -25.47 -20.24
C ALA C 136 33.75 -24.00 -19.83
N SER C 137 33.53 -23.77 -18.54
CA SER C 137 33.47 -22.42 -17.99
C SER C 137 34.33 -22.39 -16.73
N VAL C 138 35.41 -21.64 -16.78
CA VAL C 138 36.25 -21.38 -15.62
C VAL C 138 35.76 -20.12 -14.93
N VAL C 139 35.81 -20.11 -13.60
CA VAL C 139 35.21 -19.06 -12.79
C VAL C 139 36.27 -18.49 -11.86
N CYS C 140 36.28 -17.17 -11.74
CA CYS C 140 37.12 -16.49 -10.76
C CYS C 140 36.22 -15.62 -9.87
N LEU C 141 36.43 -15.73 -8.57
CA LEU C 141 35.61 -15.04 -7.58
C LEU C 141 36.46 -14.03 -6.83
N LEU C 142 36.06 -12.76 -6.91
CA LEU C 142 36.62 -11.70 -6.07
C LEU C 142 35.62 -11.43 -4.95
N ASN C 143 36.02 -11.72 -3.72
CA ASN C 143 35.09 -11.70 -2.60
C ASN C 143 35.44 -10.61 -1.60
N ASN C 144 34.46 -9.77 -1.28
CA ASN C 144 34.55 -8.76 -0.23
C ASN C 144 35.69 -7.77 -0.46
N PHE C 145 35.45 -6.75 -1.28
CA PHE C 145 36.47 -5.76 -1.58
C PHE C 145 35.81 -4.41 -1.80
N TYR C 146 36.63 -3.36 -1.69
CA TYR C 146 36.19 -2.00 -1.99
C TYR C 146 37.41 -1.18 -2.33
N PRO C 147 37.34 -0.29 -3.35
CA PRO C 147 36.18 0.02 -4.19
C PRO C 147 35.84 -1.07 -5.20
N ARG C 148 34.81 -0.82 -6.02
CA ARG C 148 34.36 -1.84 -6.96
C ARG C 148 35.36 -2.05 -8.08
N GLU C 149 36.03 -0.99 -8.51
CA GLU C 149 36.93 -1.07 -9.66
C GLU C 149 38.06 -2.07 -9.39
N ALA C 150 38.20 -3.04 -10.30
CA ALA C 150 39.22 -4.09 -10.19
C ALA C 150 39.37 -4.81 -11.53
N LYS C 151 40.60 -4.96 -12.01
CA LYS C 151 40.85 -5.60 -13.29
C LYS C 151 41.15 -7.08 -13.09
N VAL C 152 40.44 -7.94 -13.82
CA VAL C 152 40.59 -9.39 -13.72
C VAL C 152 41.07 -9.88 -15.09
N GLN C 153 42.35 -10.18 -15.20
CA GLN C 153 42.96 -10.60 -16.45
C GLN C 153 43.11 -12.12 -16.45
N TRP C 154 42.48 -12.78 -17.43
CA TRP C 154 42.60 -14.22 -17.56
C TRP C 154 43.87 -14.59 -18.30
N LYS C 155 44.50 -15.69 -17.87
CA LYS C 155 45.67 -16.23 -18.53
C LYS C 155 45.45 -17.73 -18.71
N VAL C 156 45.66 -18.22 -19.93
CA VAL C 156 45.54 -19.63 -20.24
C VAL C 156 46.85 -20.04 -20.91
N ASP C 157 47.67 -20.81 -20.18
CA ASP C 157 49.04 -21.11 -20.59
C ASP C 157 49.85 -19.82 -20.74
N ASN C 158 49.66 -18.89 -19.80
CA ASN C 158 50.32 -17.60 -19.72
C ASN C 158 50.04 -16.70 -20.92
N ALA C 159 49.08 -17.07 -21.77
CA ALA C 159 48.62 -16.22 -22.86
C ALA C 159 47.40 -15.44 -22.39
N LEU C 160 47.52 -14.12 -22.33
CA LEU C 160 46.45 -13.27 -21.84
C LEU C 160 45.21 -13.40 -22.72
N GLN C 161 44.09 -13.76 -22.10
CA GLN C 161 42.84 -13.98 -22.81
C GLN C 161 41.92 -12.78 -22.65
N SER C 162 41.25 -12.40 -23.74
CA SER C 162 40.29 -11.31 -23.70
C SER C 162 39.24 -11.52 -24.78
N GLY C 163 37.98 -11.27 -24.45
CA GLY C 163 36.88 -11.46 -25.37
C GLY C 163 36.05 -12.70 -25.10
N ASN C 164 36.44 -13.54 -24.15
CA ASN C 164 35.62 -14.65 -23.68
C ASN C 164 35.36 -14.55 -22.19
N SER C 165 35.68 -13.40 -21.59
CA SER C 165 35.45 -13.13 -20.19
C SER C 165 34.10 -12.43 -20.01
N GLN C 166 33.46 -12.69 -18.87
CA GLN C 166 32.22 -12.00 -18.50
C GLN C 166 32.19 -11.80 -17.00
N GLU C 167 32.04 -10.55 -16.57
CA GLU C 167 32.05 -10.19 -15.16
C GLU C 167 30.64 -9.87 -14.68
N SER C 168 30.44 -10.01 -13.38
CA SER C 168 29.20 -9.56 -12.75
C SER C 168 29.50 -9.29 -11.28
N VAL C 169 28.97 -8.19 -10.76
CA VAL C 169 29.26 -7.73 -9.41
C VAL C 169 27.97 -7.71 -8.60
N THR C 170 27.92 -8.51 -7.54
CA THR C 170 26.97 -8.22 -6.49
C THR C 170 27.18 -6.79 -6.02
N GLU C 171 26.09 -6.06 -5.86
CA GLU C 171 26.25 -4.71 -5.38
C GLU C 171 26.12 -4.67 -3.86
N GLN C 172 26.34 -3.49 -3.28
CA GLN C 172 26.93 -3.35 -1.96
C GLN C 172 26.22 -4.16 -0.87
N ASP C 173 27.02 -4.90 -0.10
CA ASP C 173 26.52 -5.62 1.06
C ASP C 173 26.20 -4.64 2.17
N SER C 174 25.11 -4.86 2.86
CA SER C 174 24.60 -3.87 3.80
C SER C 174 25.40 -3.79 5.10
N LYS C 175 26.28 -4.76 5.37
CA LYS C 175 26.95 -4.82 6.67
C LYS C 175 28.33 -4.16 6.65
N ASP C 176 29.18 -4.54 5.70
CA ASP C 176 30.52 -3.99 5.55
C ASP C 176 30.65 -3.08 4.34
N SER C 177 29.55 -2.86 3.60
CA SER C 177 29.54 -2.02 2.42
C SER C 177 30.57 -2.47 1.38
N THR C 178 30.69 -3.79 1.18
CA THR C 178 31.64 -4.35 0.24
C THR C 178 30.93 -5.08 -0.88
N TYR C 179 31.53 -5.03 -2.06
CA TYR C 179 31.07 -5.76 -3.23
C TYR C 179 31.78 -7.11 -3.32
N SER C 180 31.31 -7.93 -4.26
CA SER C 180 32.00 -9.16 -4.64
C SER C 180 31.76 -9.40 -6.13
N LEU C 181 32.83 -9.74 -6.84
CA LEU C 181 32.84 -9.89 -8.29
C LEU C 181 33.11 -11.35 -8.66
N SER C 182 32.56 -11.76 -9.80
CA SER C 182 32.80 -13.11 -10.31
C SER C 182 32.94 -13.03 -11.83
N SER C 183 34.14 -13.22 -12.34
CA SER C 183 34.41 -13.25 -13.77
C SER C 183 34.36 -14.70 -14.24
N THR C 184 33.64 -14.94 -15.34
CA THR C 184 33.46 -16.28 -15.88
C THR C 184 34.01 -16.33 -17.30
N LEU C 185 35.15 -17.01 -17.46
CA LEU C 185 35.71 -17.26 -18.78
C LEU C 185 35.17 -18.57 -19.31
N THR C 186 34.61 -18.55 -20.51
CA THR C 186 33.94 -19.70 -21.09
C THR C 186 34.65 -20.11 -22.38
N LEU C 187 34.89 -21.41 -22.52
CA LEU C 187 35.68 -21.93 -23.64
C LEU C 187 35.03 -23.18 -24.21
N SER C 188 35.40 -23.49 -25.45
CA SER C 188 35.09 -24.79 -26.02
C SER C 188 35.70 -25.89 -25.17
N LYS C 189 35.11 -27.08 -25.22
CA LYS C 189 35.76 -28.23 -24.59
C LYS C 189 37.04 -28.59 -25.31
N ALA C 190 37.04 -28.44 -26.64
CA ALA C 190 38.26 -28.65 -27.41
C ALA C 190 39.37 -27.71 -26.97
N ASP C 191 39.10 -26.40 -27.00
CA ASP C 191 40.11 -25.43 -26.59
C ASP C 191 40.52 -25.62 -25.14
N TYR C 192 39.61 -26.09 -24.29
CA TYR C 192 39.95 -26.24 -22.88
C TYR C 192 40.97 -27.33 -22.65
N GLU C 193 41.00 -28.36 -23.48
CA GLU C 193 41.92 -29.47 -23.30
C GLU C 193 43.21 -29.31 -24.09
N LYS C 194 43.39 -28.20 -24.80
CA LYS C 194 44.64 -27.89 -25.48
C LYS C 194 45.60 -27.09 -24.61
N HIS C 195 45.17 -26.69 -23.42
CA HIS C 195 45.98 -25.92 -22.49
C HIS C 195 45.85 -26.53 -21.11
N LYS C 196 46.79 -26.20 -20.23
CA LYS C 196 46.89 -26.95 -18.99
C LYS C 196 46.86 -26.08 -17.73
N VAL C 197 47.48 -24.90 -17.73
CA VAL C 197 47.45 -24.02 -16.57
C VAL C 197 46.51 -22.85 -16.87
N TYR C 198 45.51 -22.66 -16.00
CA TYR C 198 44.53 -21.60 -16.12
C TYR C 198 44.65 -20.70 -14.89
N ALA C 199 44.89 -19.41 -15.12
CA ALA C 199 45.24 -18.50 -14.05
C ALA C 199 44.37 -17.26 -14.09
N CYS C 200 43.94 -16.84 -12.92
CA CYS C 200 43.13 -15.64 -12.74
C CYS C 200 44.00 -14.64 -11.99
N GLU C 201 44.36 -13.55 -12.65
CA GLU C 201 45.24 -12.52 -12.08
C GLU C 201 44.41 -11.28 -11.81
N VAL C 202 44.21 -10.96 -10.55
CA VAL C 202 43.44 -9.79 -10.14
C VAL C 202 44.40 -8.75 -9.60
N THR C 203 44.20 -7.50 -10.01
CA THR C 203 44.94 -6.38 -9.45
C THR C 203 43.94 -5.33 -8.99
N HIS C 204 44.08 -4.92 -7.72
CA HIS C 204 43.12 -4.03 -7.09
C HIS C 204 43.87 -2.99 -6.27
N GLN C 205 43.19 -1.90 -5.95
CA GLN C 205 43.81 -0.81 -5.19
C GLN C 205 44.27 -1.28 -3.82
N GLY C 206 43.56 -2.23 -3.21
CA GLY C 206 43.92 -2.68 -1.87
C GLY C 206 45.06 -3.68 -1.80
N LEU C 207 45.56 -4.13 -2.94
CA LEU C 207 46.64 -5.12 -2.99
C LEU C 207 47.96 -4.43 -3.33
N SER C 208 49.01 -4.82 -2.60
CA SER C 208 50.34 -4.29 -2.89
C SER C 208 50.77 -4.62 -4.31
N SER C 209 50.49 -5.84 -4.77
CA SER C 209 50.86 -6.30 -6.09
C SER C 209 49.82 -7.30 -6.56
N PRO C 210 49.70 -7.50 -7.87
CA PRO C 210 48.62 -8.37 -8.39
C PRO C 210 48.68 -9.78 -7.84
N VAL C 211 47.53 -10.27 -7.36
CA VAL C 211 47.41 -11.61 -6.81
C VAL C 211 46.93 -12.57 -7.90
N THR C 212 47.68 -13.63 -8.13
CA THR C 212 47.33 -14.65 -9.09
C THR C 212 46.99 -15.95 -8.37
N LYS C 213 45.83 -16.51 -8.68
CA LYS C 213 45.44 -17.83 -8.16
C LYS C 213 45.09 -18.71 -9.35
N SER C 214 45.81 -19.82 -9.49
CA SER C 214 45.72 -20.65 -10.69
C SER C 214 45.44 -22.10 -10.31
N PHE C 215 45.30 -22.93 -11.35
CA PHE C 215 45.11 -24.36 -11.21
C PHE C 215 45.55 -25.03 -12.51
N ASN C 216 46.19 -26.18 -12.39
CA ASN C 216 46.56 -26.98 -13.56
C ASN C 216 45.51 -28.03 -13.83
N ARG C 217 45.19 -28.23 -15.11
CA ARG C 217 44.09 -29.10 -15.48
C ARG C 217 44.36 -30.55 -15.08
N GLY C 218 43.38 -31.17 -14.42
CA GLY C 218 43.49 -32.57 -14.03
C GLY C 218 44.41 -32.84 -12.86
N GLU C 219 44.28 -32.06 -11.79
CA GLU C 219 45.09 -32.25 -10.59
C GLU C 219 44.28 -31.94 -9.33
N THR D 2 4.34 25.29 22.46
CA THR D 2 4.61 24.26 21.46
C THR D 2 6.09 23.85 21.44
N ASN D 3 6.49 22.96 22.34
CA ASN D 3 7.84 22.42 22.35
C ASN D 3 7.87 21.04 21.70
N LEU D 4 9.07 20.49 21.58
CA LEU D 4 9.31 19.17 20.99
C LEU D 4 9.85 18.25 22.08
N CYS D 5 9.26 17.06 22.20
CA CYS D 5 9.65 16.14 23.25
C CYS D 5 11.12 15.79 23.13
N PRO D 6 11.89 15.82 24.21
CA PRO D 6 13.36 15.65 24.12
C PRO D 6 13.77 14.19 24.01
N PHE D 7 13.48 13.57 22.85
CA PHE D 7 13.92 12.21 22.62
C PHE D 7 15.40 12.15 22.26
N GLY D 8 15.92 13.17 21.58
CA GLY D 8 17.34 13.23 21.32
C GLY D 8 18.17 13.12 22.59
N GLU D 9 17.73 13.82 23.66
CA GLU D 9 18.42 13.72 24.94
C GLU D 9 18.48 12.28 25.41
N VAL D 10 17.43 11.49 25.14
CA VAL D 10 17.36 10.13 25.62
C VAL D 10 18.21 9.20 24.77
N PHE D 11 18.04 9.27 23.45
CA PHE D 11 18.64 8.29 22.54
C PHE D 11 20.12 8.57 22.28
N ASN D 12 20.50 9.85 22.22
CA ASN D 12 21.88 10.22 21.96
C ASN D 12 22.60 10.72 23.21
N ALA D 13 22.13 10.30 24.39
CA ALA D 13 22.88 10.60 25.61
C ALA D 13 24.28 10.02 25.48
N THR D 14 25.28 10.88 25.67
CA THR D 14 26.65 10.41 25.54
C THR D 14 26.97 9.34 26.58
N ARG D 15 26.43 9.51 27.79
CA ARG D 15 26.50 8.50 28.84
C ARG D 15 25.22 7.67 28.83
N PHE D 16 25.36 6.40 29.15
CA PHE D 16 24.23 5.53 29.42
C PHE D 16 24.40 4.92 30.81
N ALA D 17 23.33 4.31 31.30
CA ALA D 17 23.32 3.75 32.65
C ALA D 17 23.48 2.25 32.60
N SER D 18 24.06 1.70 33.67
CA SER D 18 24.03 0.25 33.84
C SER D 18 22.63 -0.16 34.30
N VAL D 19 22.22 -1.35 33.86
CA VAL D 19 20.81 -1.72 33.92
C VAL D 19 20.34 -1.92 35.36
N TYR D 20 21.21 -2.32 36.28
CA TYR D 20 20.77 -2.46 37.66
C TYR D 20 20.28 -1.12 38.21
N ALA D 21 20.88 -0.03 37.76
CA ALA D 21 20.46 1.31 38.15
C ALA D 21 19.97 2.07 36.92
N TRP D 22 19.06 1.45 36.17
CA TRP D 22 18.60 2.04 34.93
C TRP D 22 17.97 3.40 35.17
N ASN D 23 18.08 4.28 34.17
CA ASN D 23 17.58 5.64 34.29
C ASN D 23 16.26 5.76 33.55
N ARG D 24 15.33 6.50 34.15
CA ARG D 24 14.02 6.75 33.56
C ARG D 24 13.82 8.25 33.38
N LYS D 25 13.50 8.66 32.15
CA LYS D 25 13.21 10.05 31.81
C LYS D 25 11.71 10.20 31.56
N ARG D 26 11.09 11.14 32.27
CA ARG D 26 9.66 11.39 32.15
C ARG D 26 9.43 12.43 31.05
N ILE D 27 8.56 12.09 30.10
CA ILE D 27 8.24 12.96 28.98
C ILE D 27 6.83 13.51 29.22
N SER D 28 6.66 14.82 29.05
CA SER D 28 5.38 15.45 29.29
C SER D 28 5.35 16.83 28.65
N ASN D 29 4.15 17.38 28.55
CA ASN D 29 3.89 18.74 28.07
C ASN D 29 4.72 19.07 26.83
N CYS D 30 4.63 18.20 25.83
CA CYS D 30 5.42 18.35 24.61
C CYS D 30 4.61 17.81 23.45
N VAL D 31 5.25 17.60 22.31
CA VAL D 31 4.65 16.90 21.18
C VAL D 31 5.78 16.25 20.39
N ALA D 32 5.63 14.96 20.11
CA ALA D 32 6.75 14.09 19.75
C ALA D 32 6.59 13.58 18.33
N ASP D 33 7.48 14.01 17.46
CA ASP D 33 7.59 13.36 16.15
C ASP D 33 8.19 11.98 16.38
N TYR D 34 7.33 10.95 16.45
CA TYR D 34 7.82 9.59 16.63
C TYR D 34 8.43 9.03 15.36
N SER D 35 8.15 9.65 14.21
CA SER D 35 8.75 9.23 12.95
C SER D 35 10.28 9.29 13.00
N VAL D 36 10.85 10.13 13.86
CA VAL D 36 12.31 10.20 13.96
C VAL D 36 12.89 8.90 14.47
N LEU D 37 12.09 8.13 15.23
CA LEU D 37 12.58 6.88 15.79
C LEU D 37 12.55 5.77 14.74
N TYR D 38 11.36 5.41 14.25
CA TYR D 38 11.26 4.23 13.42
C TYR D 38 11.86 4.46 12.02
N ASN D 39 11.75 5.66 11.47
CA ASN D 39 12.33 5.92 10.16
C ASN D 39 13.84 6.13 10.20
N SER D 40 14.46 5.97 11.36
CA SER D 40 15.91 5.95 11.47
C SER D 40 16.39 4.52 11.29
N ALA D 41 17.44 4.34 10.49
CA ALA D 41 17.94 3.03 10.12
C ALA D 41 19.11 2.58 10.99
N SER D 42 19.07 2.86 12.29
CA SER D 42 20.18 2.56 13.17
C SER D 42 19.73 1.77 14.39
N PHE D 43 18.78 0.85 14.20
CA PHE D 43 18.17 0.13 15.32
C PHE D 43 18.20 -1.36 15.05
N SER D 44 18.72 -2.12 16.02
CA SER D 44 18.81 -3.56 15.87
C SER D 44 17.50 -4.24 16.22
N THR D 45 16.71 -3.64 17.09
CA THR D 45 15.49 -4.23 17.62
C THR D 45 14.51 -3.11 17.92
N PHE D 46 13.28 -3.27 17.46
CA PHE D 46 12.24 -2.27 17.70
C PHE D 46 10.93 -2.99 18.01
N LYS D 47 10.93 -3.84 19.03
CA LYS D 47 9.74 -4.60 19.37
C LYS D 47 8.77 -3.69 20.12
N CYS D 48 7.57 -3.52 19.55
CA CYS D 48 6.53 -2.72 20.16
C CYS D 48 5.37 -3.64 20.59
N TYR D 49 4.87 -3.42 21.80
CA TYR D 49 3.83 -4.26 22.37
C TYR D 49 2.57 -3.43 22.57
N GLY D 50 1.46 -3.92 22.02
CA GLY D 50 0.17 -3.32 22.27
C GLY D 50 -0.04 -1.94 21.71
N VAL D 51 0.92 -1.41 20.95
CA VAL D 51 0.80 -0.08 20.39
C VAL D 51 1.56 -0.05 19.07
N SER D 52 1.10 0.81 18.16
CA SER D 52 1.75 1.01 16.87
C SER D 52 2.38 2.40 16.85
N PRO D 53 3.71 2.52 16.71
CA PRO D 53 4.31 3.85 16.70
C PRO D 53 3.98 4.63 15.44
N THR D 54 3.77 3.95 14.30
CA THR D 54 3.33 4.66 13.10
C THR D 54 1.93 5.21 13.25
N LYS D 55 1.16 4.73 14.24
CA LYS D 55 -0.24 5.11 14.40
C LYS D 55 -0.54 5.69 15.77
N LEU D 56 0.47 6.14 16.51
CA LEU D 56 0.23 7.00 17.67
C LEU D 56 0.61 8.44 17.36
N ASN D 57 0.80 8.77 16.08
CA ASN D 57 0.80 10.16 15.63
C ASN D 57 -0.58 10.79 15.73
N ASP D 58 -1.55 10.05 16.27
CA ASP D 58 -2.91 10.52 16.53
C ASP D 58 -3.16 10.84 18.00
N LEU D 59 -2.77 9.93 18.89
CA LEU D 59 -3.27 9.91 20.26
C LEU D 59 -2.45 10.83 21.17
N CYS D 60 -2.87 10.88 22.44
CA CYS D 60 -2.31 11.76 23.46
C CYS D 60 -2.35 11.02 24.78
N PHE D 61 -1.20 10.91 25.45
CA PHE D 61 -1.08 10.16 26.69
C PHE D 61 -0.74 11.07 27.86
N THR D 62 -1.08 10.59 29.06
CA THR D 62 -0.72 11.30 30.29
C THR D 62 0.78 11.53 30.37
N ASN D 63 1.55 10.45 30.42
CA ASN D 63 3.00 10.49 30.40
C ASN D 63 3.50 9.31 29.57
N VAL D 64 4.66 9.50 28.96
CA VAL D 64 5.41 8.39 28.37
C VAL D 64 6.78 8.40 29.03
N TYR D 65 7.31 7.21 29.30
CA TYR D 65 8.56 7.07 30.01
C TYR D 65 9.61 6.47 29.07
N ALA D 66 10.85 6.92 29.24
CA ALA D 66 11.99 6.39 28.49
C ALA D 66 13.00 5.89 29.52
N ASP D 67 13.05 4.57 29.71
CA ASP D 67 14.06 3.97 30.56
C ASP D 67 15.27 3.62 29.71
N SER D 68 16.45 4.05 30.15
CA SER D 68 17.70 3.82 29.43
C SER D 68 18.60 2.93 30.26
N PHE D 69 19.30 2.02 29.59
CA PHE D 69 20.33 1.21 30.25
C PHE D 69 21.12 0.48 29.16
N VAL D 70 22.13 -0.29 29.59
CA VAL D 70 23.01 -1.04 28.70
C VAL D 70 23.10 -2.48 29.18
N ILE D 71 22.88 -3.42 28.25
CA ILE D 71 23.11 -4.85 28.50
C ILE D 71 23.89 -5.40 27.32
N ARG D 72 24.07 -6.72 27.26
CA ARG D 72 24.72 -7.32 26.11
C ARG D 72 23.69 -8.04 25.24
N GLY D 73 24.13 -8.37 24.02
CA GLY D 73 23.18 -8.70 22.96
C GLY D 73 22.28 -9.88 23.29
N ASP D 74 22.87 -10.99 23.73
CA ASP D 74 22.05 -12.15 23.98
C ASP D 74 21.12 -11.97 25.18
N GLU D 75 21.10 -10.78 25.78
CA GLU D 75 20.25 -10.52 26.93
C GLU D 75 19.09 -9.59 26.64
N VAL D 76 19.09 -8.89 25.51
CA VAL D 76 17.95 -8.04 25.19
C VAL D 76 16.72 -8.92 24.86
N ARG D 77 16.94 -10.20 24.58
CA ARG D 77 15.82 -11.14 24.55
C ARG D 77 15.00 -11.06 25.83
N GLN D 78 15.64 -10.75 26.96
CA GLN D 78 14.97 -10.70 28.26
C GLN D 78 14.25 -9.39 28.52
N ILE D 79 14.40 -8.39 27.68
CA ILE D 79 13.67 -7.13 27.87
C ILE D 79 12.33 -7.23 27.16
N ALA D 80 11.46 -8.10 27.65
CA ALA D 80 10.16 -8.32 27.05
C ALA D 80 9.24 -8.88 28.12
N PRO D 81 7.93 -8.63 28.03
CA PRO D 81 7.02 -9.20 29.03
C PRO D 81 7.10 -10.71 29.04
N GLY D 82 7.02 -11.28 30.25
CA GLY D 82 7.03 -12.73 30.39
C GLY D 82 8.35 -13.40 30.09
N GLN D 83 9.46 -12.72 30.38
CA GLN D 83 10.78 -13.32 30.28
C GLN D 83 11.34 -13.56 31.67
N THR D 84 12.29 -14.50 31.75
CA THR D 84 13.03 -14.74 32.97
C THR D 84 14.52 -14.76 32.65
N GLY D 85 15.34 -14.66 33.70
CA GLY D 85 16.78 -14.56 33.54
C GLY D 85 17.34 -13.46 34.42
N LYS D 86 18.65 -13.46 34.63
CA LYS D 86 19.27 -12.54 35.60
C LYS D 86 18.87 -11.09 35.32
N ILE D 87 18.63 -10.73 34.06
CA ILE D 87 18.29 -9.36 33.73
C ILE D 87 16.81 -9.10 33.99
N ALA D 88 15.94 -10.01 33.57
CA ALA D 88 14.51 -9.81 33.78
C ALA D 88 14.13 -9.98 35.24
N ASP D 89 14.83 -10.85 35.97
CA ASP D 89 14.48 -11.11 37.36
C ASP D 89 15.16 -10.15 38.33
N TYR D 90 16.43 -9.82 38.11
CA TYR D 90 17.19 -9.08 39.11
C TYR D 90 17.59 -7.67 38.68
N ASN D 91 17.15 -7.21 37.51
CA ASN D 91 17.67 -5.92 37.03
C ASN D 91 16.57 -5.03 36.47
N TYR D 92 15.83 -5.52 35.47
CA TYR D 92 14.77 -4.73 34.83
C TYR D 92 13.66 -5.67 34.42
N LYS D 93 12.46 -5.48 34.96
CA LYS D 93 11.33 -6.37 34.72
C LYS D 93 10.18 -5.60 34.09
N LEU D 94 9.65 -6.11 32.99
CA LEU D 94 8.47 -5.55 32.31
C LEU D 94 7.23 -6.34 32.70
N PRO D 95 6.13 -5.66 32.99
CA PRO D 95 4.89 -6.37 33.30
C PRO D 95 4.37 -7.13 32.08
N ASP D 96 3.51 -8.10 32.34
CA ASP D 96 2.94 -8.87 31.23
C ASP D 96 1.96 -8.05 30.41
N ASP D 97 1.25 -7.10 31.03
CA ASP D 97 0.36 -6.18 30.35
C ASP D 97 1.10 -4.98 29.76
N PHE D 98 2.39 -5.13 29.48
CA PHE D 98 3.20 -4.02 28.96
C PHE D 98 2.70 -3.58 27.61
N THR D 99 2.47 -2.27 27.49
CA THR D 99 2.13 -1.62 26.22
C THR D 99 3.16 -0.52 25.98
N GLY D 100 4.14 -0.83 25.15
CA GLY D 100 5.21 0.11 24.85
C GLY D 100 6.15 -0.51 23.86
N CYS D 101 7.37 0.03 23.79
CA CYS D 101 8.32 -0.43 22.79
C CYS D 101 9.68 -0.66 23.43
N VAL D 102 10.32 -1.75 23.02
CA VAL D 102 11.69 -2.06 23.44
C VAL D 102 12.59 -1.75 22.26
N ILE D 103 13.40 -0.71 22.38
CA ILE D 103 14.27 -0.27 21.29
C ILE D 103 15.71 -0.51 21.71
N ALA D 104 16.45 -1.26 20.88
CA ALA D 104 17.82 -1.61 21.20
C ALA D 104 18.67 -1.55 19.95
N TRP D 105 19.92 -1.11 20.12
CA TRP D 105 20.85 -1.05 19.02
C TRP D 105 22.24 -1.41 19.54
N ASN D 106 23.09 -1.87 18.62
CA ASN D 106 24.46 -2.21 18.98
C ASN D 106 25.28 -0.96 19.20
N SER D 107 26.17 -1.02 20.19
CA SER D 107 27.04 0.11 20.52
C SER D 107 28.42 -0.38 20.90
N ASN D 108 28.93 -1.38 20.18
CA ASN D 108 30.26 -1.88 20.46
C ASN D 108 31.33 -0.85 20.15
N ASN D 109 30.98 0.23 19.44
CA ASN D 109 31.94 1.26 19.10
C ASN D 109 32.04 2.34 20.17
N LEU D 110 31.09 2.41 21.09
CA LEU D 110 31.07 3.46 22.10
C LEU D 110 31.27 2.95 23.53
N ASP D 111 30.72 1.79 23.84
CA ASP D 111 30.73 1.25 25.20
C ASP D 111 31.73 0.12 25.34
N SER D 112 32.81 0.14 24.55
CA SER D 112 33.82 -0.89 24.62
C SER D 112 35.19 -0.27 24.36
N LYS D 113 36.14 -0.64 25.20
CA LYS D 113 37.53 -0.24 25.05
C LYS D 113 38.39 -1.49 24.87
N VAL D 114 39.58 -1.28 24.30
CA VAL D 114 40.44 -2.41 23.95
C VAL D 114 40.92 -3.14 25.19
N GLY D 115 41.26 -2.41 26.25
CA GLY D 115 41.59 -3.08 27.50
C GLY D 115 40.42 -3.68 28.23
N GLY D 116 39.21 -3.54 27.68
CA GLY D 116 38.01 -3.98 28.35
C GLY D 116 37.30 -2.84 29.05
N ASN D 117 36.02 -2.67 28.77
CA ASN D 117 35.18 -1.70 29.47
C ASN D 117 34.41 -2.42 30.56
N TYR D 118 34.63 -2.03 31.81
CA TYR D 118 33.97 -2.65 32.95
C TYR D 118 33.06 -1.69 33.69
N ASN D 119 32.76 -0.52 33.12
CA ASN D 119 31.97 0.47 33.84
C ASN D 119 30.51 0.05 33.99
N TYR D 120 30.01 -0.80 33.08
CA TYR D 120 28.60 -1.19 33.08
C TYR D 120 28.42 -2.41 33.97
N LEU D 121 27.51 -2.30 34.95
CA LEU D 121 27.28 -3.34 35.94
C LEU D 121 25.93 -4.02 35.71
N TYR D 122 25.81 -5.23 36.26
CA TYR D 122 24.52 -5.91 36.35
C TYR D 122 24.43 -6.56 37.72
N ARG D 123 23.20 -6.87 38.14
CA ARG D 123 22.96 -7.49 39.43
C ARG D 123 22.92 -9.00 39.25
N LEU D 124 23.77 -9.71 40.00
CA LEU D 124 23.87 -11.15 39.86
C LEU D 124 23.00 -11.89 40.87
N PHE D 125 22.89 -11.37 42.09
CA PHE D 125 22.15 -12.02 43.17
C PHE D 125 21.08 -11.09 43.71
N ARG D 126 19.96 -11.67 44.12
CA ARG D 126 18.91 -10.92 44.78
C ARG D 126 18.03 -11.89 45.57
N LYS D 127 17.42 -11.36 46.64
CA LYS D 127 16.62 -12.21 47.51
C LYS D 127 15.30 -12.62 46.87
N SER D 128 14.79 -11.85 45.91
CA SER D 128 13.57 -12.21 45.21
C SER D 128 13.49 -11.41 43.92
N ASN D 129 12.73 -11.94 42.97
CA ASN D 129 12.61 -11.30 41.66
C ASN D 129 12.04 -9.90 41.78
N LEU D 130 12.37 -9.06 40.80
CA LEU D 130 11.91 -7.68 40.80
C LEU D 130 10.43 -7.61 40.41
N LYS D 131 9.74 -6.62 40.96
CA LYS D 131 8.43 -6.26 40.47
C LYS D 131 8.57 -5.41 39.22
N PRO D 132 7.52 -5.30 38.41
CA PRO D 132 7.62 -4.52 37.17
C PRO D 132 8.01 -3.06 37.46
N PHE D 133 9.05 -2.61 36.75
CA PHE D 133 9.56 -1.23 36.87
C PHE D 133 10.14 -0.96 38.25
N GLU D 134 10.93 -1.90 38.77
CA GLU D 134 11.64 -1.71 40.02
C GLU D 134 13.09 -1.35 39.73
N ARG D 135 13.74 -0.79 40.75
CA ARG D 135 15.11 -0.29 40.63
C ARG D 135 15.79 -0.52 41.97
N ASP D 136 16.51 -1.63 42.07
CA ASP D 136 17.19 -2.03 43.31
C ASP D 136 18.66 -1.68 43.17
N ILE D 137 19.09 -0.66 43.90
CA ILE D 137 20.49 -0.22 43.88
C ILE D 137 21.23 -0.65 45.13
N SER D 138 20.65 -1.54 45.94
CA SER D 138 21.30 -1.96 47.17
C SER D 138 22.60 -2.70 46.87
N THR D 139 23.61 -2.49 47.71
CA THR D 139 24.86 -3.23 47.63
C THR D 139 25.07 -4.10 48.87
N GLU D 140 23.98 -4.61 49.45
CA GLU D 140 24.10 -5.50 50.60
C GLU D 140 24.61 -6.86 50.16
N ILE D 141 25.51 -7.43 50.97
CA ILE D 141 26.10 -8.73 50.66
C ILE D 141 24.99 -9.78 50.62
N TYR D 142 24.85 -10.44 49.47
CA TYR D 142 23.83 -11.48 49.32
C TYR D 142 24.18 -12.68 50.18
N GLN D 143 23.21 -13.16 50.96
CA GLN D 143 23.39 -14.32 51.81
C GLN D 143 22.94 -15.56 51.04
N ALA D 144 23.91 -16.33 50.56
CA ALA D 144 23.60 -17.54 49.80
C ALA D 144 23.45 -18.76 50.68
N GLY D 145 23.90 -18.71 51.93
CA GLY D 145 23.89 -19.89 52.78
C GLY D 145 23.13 -19.73 54.08
N SER D 146 23.23 -20.74 54.94
CA SER D 146 22.53 -20.72 56.21
C SER D 146 23.05 -19.60 57.11
N THR D 147 24.36 -19.56 57.31
CA THR D 147 25.01 -18.56 58.15
C THR D 147 24.61 -17.15 57.74
N PRO D 148 24.08 -16.33 58.65
CA PRO D 148 23.92 -14.91 58.35
C PRO D 148 25.27 -14.27 58.06
N CYS D 149 25.26 -13.34 57.11
CA CYS D 149 26.49 -12.82 56.53
C CYS D 149 27.01 -11.59 57.26
N ASN D 150 26.13 -10.79 57.84
CA ASN D 150 26.50 -9.62 58.64
C ASN D 150 27.55 -8.72 57.96
N GLY D 151 27.45 -8.53 56.65
CA GLY D 151 28.09 -7.37 56.06
C GLY D 151 29.50 -7.52 55.52
N VAL D 152 30.11 -8.70 55.61
CA VAL D 152 31.42 -8.92 55.00
C VAL D 152 31.41 -10.24 54.24
N GLU D 153 32.20 -10.29 53.17
CA GLU D 153 32.16 -11.39 52.23
C GLU D 153 32.96 -12.58 52.75
N GLY D 154 32.74 -13.73 52.11
CA GLY D 154 33.37 -14.99 52.47
C GLY D 154 32.68 -16.17 51.80
N PHE D 155 32.56 -17.28 52.52
CA PHE D 155 31.84 -18.43 52.00
C PHE D 155 30.34 -18.18 52.02
N ASN D 156 29.66 -18.54 50.93
CA ASN D 156 28.22 -18.34 50.79
C ASN D 156 27.83 -16.88 51.03
N CYS D 157 28.68 -15.97 50.56
CA CYS D 157 28.57 -14.56 50.92
C CYS D 157 29.22 -13.73 49.83
N TYR D 158 28.42 -13.03 49.03
CA TYR D 158 28.90 -12.45 47.79
C TYR D 158 28.38 -11.02 47.61
N PHE D 159 29.20 -10.20 46.94
CA PHE D 159 28.78 -8.86 46.54
C PHE D 159 27.76 -8.96 45.40
N PRO D 160 26.65 -8.23 45.48
CA PRO D 160 25.52 -8.51 44.57
C PRO D 160 25.74 -8.10 43.12
N LEU D 161 26.84 -7.43 42.79
CA LEU D 161 27.00 -6.85 41.47
C LEU D 161 28.26 -7.40 40.80
N GLN D 162 28.23 -7.41 39.46
CA GLN D 162 29.39 -7.74 38.64
C GLN D 162 29.44 -6.79 37.44
N SER D 163 30.59 -6.77 36.77
CA SER D 163 30.81 -5.92 35.62
C SER D 163 30.70 -6.74 34.33
N TYR D 164 30.20 -6.09 33.28
CA TYR D 164 30.36 -6.66 31.95
C TYR D 164 31.81 -6.50 31.50
N GLY D 165 32.24 -7.41 30.63
CA GLY D 165 33.58 -7.32 30.08
C GLY D 165 33.56 -6.92 28.62
N PHE D 166 33.13 -5.68 28.35
CA PHE D 166 32.88 -5.24 26.99
C PHE D 166 34.20 -4.88 26.32
N GLN D 167 34.73 -5.81 25.52
CA GLN D 167 35.90 -5.63 24.68
C GLN D 167 35.50 -5.66 23.21
N PRO D 168 36.15 -4.85 22.36
CA PRO D 168 35.72 -4.82 20.96
C PRO D 168 35.93 -6.15 20.27
N THR D 169 36.94 -6.90 20.68
CA THR D 169 37.20 -8.25 20.21
C THR D 169 36.12 -9.25 20.63
N ASN D 170 35.18 -8.86 21.50
CA ASN D 170 34.14 -9.79 21.93
C ASN D 170 33.21 -10.13 20.79
N GLY D 171 32.62 -11.32 20.86
CA GLY D 171 31.58 -11.68 19.92
C GLY D 171 30.30 -10.92 20.19
N VAL D 172 29.54 -10.66 19.12
CA VAL D 172 28.26 -9.99 19.27
C VAL D 172 27.34 -10.90 20.10
N GLY D 173 26.62 -10.29 21.03
CA GLY D 173 25.93 -11.07 22.03
C GLY D 173 26.66 -10.90 23.34
N TYR D 174 28.00 -10.85 23.27
CA TYR D 174 28.82 -10.40 24.37
C TYR D 174 29.26 -8.95 24.21
N GLN D 175 28.69 -8.23 23.21
CA GLN D 175 28.91 -6.85 22.86
C GLN D 175 27.87 -5.95 23.51
N PRO D 176 28.24 -4.71 23.85
CA PRO D 176 27.30 -3.81 24.54
C PRO D 176 26.20 -3.33 23.61
N TYR D 177 24.95 -3.61 23.97
CA TYR D 177 23.78 -3.06 23.31
C TYR D 177 23.13 -2.04 24.21
N ARG D 178 22.80 -0.88 23.64
CA ARG D 178 22.07 0.16 24.36
C ARG D 178 20.58 -0.04 24.17
N VAL D 179 19.83 0.11 25.25
CA VAL D 179 18.40 -0.18 25.26
C VAL D 179 17.64 1.04 25.76
N VAL D 180 16.60 1.41 25.05
CA VAL D 180 15.61 2.40 25.45
C VAL D 180 14.25 1.75 25.27
N VAL D 181 13.47 1.68 26.35
CA VAL D 181 12.13 1.13 26.25
C VAL D 181 11.13 2.22 26.64
N LEU D 182 10.22 2.54 25.72
CA LEU D 182 9.18 3.53 25.91
C LEU D 182 7.93 2.84 26.44
N SER D 183 7.34 3.40 27.49
CA SER D 183 6.14 2.85 28.08
C SER D 183 5.07 3.93 28.11
N PHE D 184 3.95 3.66 27.44
CA PHE D 184 2.84 4.59 27.38
C PHE D 184 1.77 4.16 28.37
N GLU D 185 1.24 5.13 29.12
CA GLU D 185 0.07 4.90 29.94
C GLU D 185 -0.74 6.18 30.01
N LEU D 186 -2.06 6.04 29.95
CA LEU D 186 -2.97 7.18 30.00
C LEU D 186 -3.90 7.01 31.19
N LEU D 187 -3.99 8.07 32.01
CA LEU D 187 -4.76 8.05 33.25
C LEU D 187 -6.18 8.55 32.97
N HIS D 188 -6.89 8.94 34.04
CA HIS D 188 -8.11 9.73 33.96
C HIS D 188 -7.82 11.23 33.95
N ALA D 189 -6.62 11.61 33.54
CA ALA D 189 -6.09 12.96 33.66
C ALA D 189 -5.87 13.56 32.28
N PRO D 190 -5.71 14.88 32.19
CA PRO D 190 -5.43 15.51 30.89
C PRO D 190 -4.16 14.95 30.26
N ALA D 191 -4.20 14.84 28.94
CA ALA D 191 -3.05 14.38 28.17
C ALA D 191 -2.21 15.57 27.74
N THR D 192 -0.89 15.42 27.77
CA THR D 192 0.01 16.53 27.47
C THR D 192 1.17 16.17 26.54
N VAL D 193 1.48 14.90 26.31
CA VAL D 193 2.39 14.49 25.25
C VAL D 193 1.56 13.88 24.13
N CYS D 194 1.77 14.38 22.91
CA CYS D 194 1.05 13.90 21.74
C CYS D 194 2.05 13.69 20.61
N GLY D 195 1.56 13.12 19.51
CA GLY D 195 2.37 12.94 18.34
C GLY D 195 1.72 13.57 17.12
N PRO D 196 2.55 14.03 16.15
CA PRO D 196 2.07 14.51 14.86
C PRO D 196 2.07 13.42 13.78
N THR E 1 3.94 6.69 1.16
CA THR E 1 3.49 5.53 1.92
C THR E 1 4.58 5.01 2.84
N GLN E 2 4.20 4.69 4.09
CA GLN E 2 5.17 4.22 5.07
C GLN E 2 5.72 2.85 4.70
N MET E 3 4.83 1.88 4.50
CA MET E 3 5.25 0.51 4.23
C MET E 3 4.30 -0.12 3.23
N GLN E 4 4.85 -0.82 2.24
CA GLN E 4 4.05 -1.59 1.30
C GLN E 4 4.69 -2.95 1.11
N LEU E 5 3.86 -3.99 1.08
CA LEU E 5 4.31 -5.37 1.01
C LEU E 5 3.99 -5.97 -0.35
N VAL E 6 4.95 -6.72 -0.89
CA VAL E 6 4.82 -7.42 -2.16
C VAL E 6 5.12 -8.89 -1.93
N GLN E 7 4.29 -9.77 -2.49
CA GLN E 7 4.47 -11.20 -2.29
C GLN E 7 4.85 -11.90 -3.59
N SER E 8 5.41 -13.09 -3.44
CA SER E 8 5.91 -13.84 -4.58
C SER E 8 4.79 -14.18 -5.54
N GLY E 9 5.17 -14.57 -6.76
CA GLY E 9 4.18 -14.87 -7.78
C GLY E 9 3.32 -16.07 -7.42
N THR E 10 2.17 -16.15 -8.08
CA THR E 10 1.27 -17.26 -7.85
C THR E 10 1.92 -18.56 -8.34
N GLU E 11 1.67 -19.65 -7.61
CA GLU E 11 2.40 -20.89 -7.79
C GLU E 11 1.47 -22.00 -8.25
N VAL E 12 1.95 -22.81 -9.19
CA VAL E 12 1.30 -24.03 -9.64
C VAL E 12 2.18 -25.19 -9.20
N LYS E 13 1.79 -25.85 -8.12
CA LYS E 13 2.51 -26.99 -7.57
C LYS E 13 1.65 -28.23 -7.68
N LYS E 14 2.21 -29.38 -7.31
CA LYS E 14 1.48 -30.63 -7.37
C LYS E 14 1.72 -31.41 -6.08
N PRO E 15 0.80 -32.30 -5.72
CA PRO E 15 0.82 -32.89 -4.36
C PRO E 15 2.14 -33.59 -4.06
N GLY E 16 2.70 -33.28 -2.90
CA GLY E 16 3.93 -33.91 -2.47
C GLY E 16 5.09 -32.94 -2.47
N GLU E 17 5.15 -32.07 -3.49
CA GLU E 17 6.17 -31.05 -3.53
C GLU E 17 6.02 -30.12 -2.33
N SER E 18 7.12 -29.48 -1.97
CA SER E 18 7.10 -28.44 -0.96
C SER E 18 7.21 -27.08 -1.62
N LEU E 19 6.94 -26.04 -0.84
CA LEU E 19 6.77 -24.70 -1.40
C LEU E 19 7.05 -23.67 -0.32
N LYS E 20 7.75 -22.60 -0.68
CA LYS E 20 8.11 -21.53 0.26
C LYS E 20 7.85 -20.20 -0.44
N ILE E 21 6.69 -19.61 -0.16
CA ILE E 21 6.32 -18.32 -0.71
C ILE E 21 6.90 -17.23 0.18
N SER E 22 6.93 -16.01 -0.34
CA SER E 22 7.62 -14.91 0.32
C SER E 22 6.77 -13.64 0.27
N CYS E 23 7.17 -12.68 1.11
CA CYS E 23 6.48 -11.39 1.24
C CYS E 23 7.52 -10.37 1.70
N LYS E 24 7.92 -9.46 0.80
CA LYS E 24 9.01 -8.52 1.04
C LYS E 24 8.45 -7.13 1.35
N GLY E 25 8.92 -6.54 2.45
CA GLY E 25 8.47 -5.22 2.85
C GLY E 25 9.35 -4.12 2.26
N SER E 26 8.70 -3.14 1.62
CA SER E 26 9.38 -2.05 0.95
C SER E 26 9.02 -0.74 1.63
N GLY E 27 10.00 -0.12 2.27
CA GLY E 27 9.79 1.13 2.96
C GLY E 27 10.70 1.25 4.17
N TYR E 28 10.83 2.47 4.66
CA TYR E 28 11.62 2.72 5.86
C TYR E 28 10.83 2.29 7.10
N GLY E 29 11.57 1.91 8.14
CA GLY E 29 10.94 1.46 9.37
C GLY E 29 10.42 0.05 9.35
N PHE E 30 10.98 -0.83 8.49
CA PHE E 30 10.52 -2.21 8.49
C PHE E 30 10.86 -2.92 9.79
N ILE E 31 11.91 -2.47 10.48
CA ILE E 31 12.29 -3.08 11.75
C ILE E 31 11.14 -3.03 12.74
N THR E 32 10.19 -2.14 12.52
CA THR E 32 9.06 -2.00 13.44
C THR E 32 8.00 -3.07 13.20
N TYR E 33 7.87 -3.56 11.97
CA TYR E 33 6.71 -4.33 11.58
C TYR E 33 6.83 -5.80 11.98
N TRP E 34 5.69 -6.37 12.36
CA TRP E 34 5.49 -7.81 12.52
C TRP E 34 4.66 -8.30 11.36
N ILE E 35 5.17 -9.25 10.60
CA ILE E 35 4.47 -9.79 9.44
C ILE E 35 3.64 -10.97 9.90
N GLY E 36 2.39 -11.03 9.45
CA GLY E 36 1.53 -12.16 9.75
C GLY E 36 0.94 -12.71 8.47
N TRP E 37 0.63 -14.00 8.51
CA TRP E 37 0.11 -14.72 7.34
C TRP E 37 -1.34 -15.10 7.58
N VAL E 38 -2.19 -14.80 6.59
CA VAL E 38 -3.62 -15.08 6.64
C VAL E 38 -3.98 -15.97 5.47
N ARG E 39 -4.70 -17.05 5.75
CA ARG E 39 -5.10 -18.02 4.75
C ARG E 39 -6.59 -17.87 4.48
N GLN E 40 -6.96 -17.84 3.20
CA GLN E 40 -8.36 -17.72 2.81
C GLN E 40 -8.65 -18.73 1.72
N MET E 41 -9.45 -19.73 2.05
CA MET E 41 -9.72 -20.74 1.03
C MET E 41 -10.93 -20.35 0.21
N PRO E 42 -11.02 -20.85 -1.04
CA PRO E 42 -12.06 -20.39 -1.96
C PRO E 42 -13.46 -20.35 -1.36
N GLY E 43 -14.05 -19.15 -1.32
CA GLY E 43 -15.40 -18.97 -0.84
C GLY E 43 -15.54 -18.82 0.66
N LYS E 44 -14.47 -18.96 1.43
CA LYS E 44 -14.54 -18.96 2.89
C LYS E 44 -13.91 -17.68 3.45
N GLY E 45 -13.89 -17.60 4.78
CA GLY E 45 -13.40 -16.42 5.47
C GLY E 45 -11.89 -16.47 5.68
N LEU E 46 -11.43 -15.60 6.57
CA LEU E 46 -10.00 -15.40 6.82
C LEU E 46 -9.56 -16.21 8.02
N GLU E 47 -8.47 -16.96 7.85
CA GLU E 47 -7.87 -17.74 8.93
C GLU E 47 -6.50 -17.15 9.25
N TRP E 48 -6.30 -16.75 10.51
CA TRP E 48 -5.00 -16.26 10.94
C TRP E 48 -4.09 -17.47 11.17
N MET E 49 -2.97 -17.51 10.45
CA MET E 49 -2.03 -18.63 10.52
C MET E 49 -0.96 -18.39 11.59
N GLY E 50 -0.19 -17.33 11.43
CA GLY E 50 0.89 -17.05 12.37
C GLY E 50 1.35 -15.62 12.21
N ILE E 51 2.35 -15.28 13.02
CA ILE E 51 3.00 -13.97 12.98
C ILE E 51 4.45 -14.17 13.36
N ILE E 52 5.32 -13.31 12.82
CA ILE E 52 6.75 -13.41 13.06
C ILE E 52 7.36 -12.01 13.10
N TYR E 53 8.35 -11.82 13.96
CA TYR E 53 9.06 -10.56 14.03
C TYR E 53 10.45 -10.74 13.43
N PRO E 54 10.74 -10.14 12.27
CA PRO E 54 12.03 -10.40 11.61
C PRO E 54 13.25 -9.93 12.42
N GLY E 55 13.06 -9.06 13.42
CA GLY E 55 14.20 -8.59 14.19
C GLY E 55 14.88 -9.68 14.98
N ASP E 56 14.14 -10.71 15.41
CA ASP E 56 14.74 -11.86 16.06
C ASP E 56 14.04 -13.16 15.70
N SER E 57 13.16 -13.13 14.69
CA SER E 57 12.43 -14.32 14.25
C SER E 57 11.71 -15.01 15.40
N GLU E 58 11.14 -14.21 16.31
CA GLU E 58 10.17 -14.74 17.27
C GLU E 58 8.87 -15.01 16.52
N THR E 59 8.46 -16.27 16.47
CA THR E 59 7.28 -16.66 15.70
C THR E 59 6.22 -17.25 16.60
N ARG E 60 4.96 -16.97 16.29
CA ARG E 60 3.80 -17.52 16.99
C ARG E 60 2.87 -18.12 15.95
N TYR E 61 2.47 -19.37 16.16
CA TYR E 61 1.52 -20.04 15.27
C TYR E 61 0.14 -20.12 15.92
N SER E 62 -0.86 -20.22 15.10
CA SER E 62 -2.13 -20.57 15.70
C SER E 62 -2.29 -22.09 15.76
N PRO E 63 -2.96 -22.60 16.79
CA PRO E 63 -3.06 -24.07 16.95
C PRO E 63 -3.55 -24.81 15.71
N SER E 64 -4.29 -24.16 14.82
CA SER E 64 -4.73 -24.81 13.59
C SER E 64 -3.59 -25.07 12.61
N PHE E 65 -2.42 -24.45 12.82
CA PHE E 65 -1.36 -24.49 11.83
C PHE E 65 -0.01 -24.90 12.39
N GLN E 66 0.10 -25.16 13.69
CA GLN E 66 1.38 -25.60 14.24
C GLN E 66 1.79 -26.92 13.60
N GLY E 67 3.05 -26.99 13.18
CA GLY E 67 3.58 -28.23 12.65
C GLY E 67 3.23 -28.46 11.21
N GLN E 68 2.20 -27.77 10.73
CA GLN E 68 1.78 -27.94 9.35
C GLN E 68 2.38 -26.90 8.42
N VAL E 69 2.73 -25.72 8.92
CA VAL E 69 3.53 -24.76 8.18
C VAL E 69 4.59 -24.22 9.11
N THR E 70 5.70 -23.76 8.54
CA THR E 70 6.73 -23.06 9.28
C THR E 70 6.88 -21.67 8.69
N ILE E 71 7.24 -20.71 9.55
CA ILE E 71 7.30 -19.30 9.19
C ILE E 71 8.71 -18.80 9.47
N SER E 72 9.49 -18.58 8.42
CA SER E 72 10.82 -18.00 8.55
C SER E 72 10.77 -16.50 8.27
N ALA E 73 11.90 -15.83 8.50
CA ALA E 73 12.09 -14.45 8.09
C ALA E 73 13.58 -14.18 7.93
N ASP E 74 13.91 -13.33 6.97
CA ASP E 74 15.28 -12.93 6.68
C ASP E 74 15.36 -11.42 6.86
N LYS E 75 15.98 -10.99 7.97
CA LYS E 75 15.98 -9.57 8.30
C LYS E 75 16.77 -8.75 7.28
N SER E 76 17.78 -9.34 6.64
CA SER E 76 18.65 -8.60 5.74
C SER E 76 17.96 -8.14 4.46
N ILE E 77 16.75 -8.60 4.17
CA ILE E 77 16.07 -8.19 2.94
C ILE E 77 14.60 -7.91 3.20
N ASN E 78 14.25 -7.70 4.48
CA ASN E 78 12.89 -7.36 4.88
C ASN E 78 11.87 -8.35 4.35
N THR E 79 12.23 -9.63 4.36
CA THR E 79 11.41 -10.67 3.75
C THR E 79 10.94 -11.66 4.81
N ALA E 80 9.66 -11.99 4.79
CA ALA E 80 9.10 -13.05 5.60
C ALA E 80 8.63 -14.18 4.70
N TYR E 81 8.71 -15.41 5.20
CA TYR E 81 8.49 -16.59 4.39
C TYR E 81 7.41 -17.47 5.00
N LEU E 82 6.69 -18.18 4.15
CA LEU E 82 5.72 -19.20 4.54
C LEU E 82 6.03 -20.46 3.74
N GLN E 83 6.31 -21.56 4.44
CA GLN E 83 6.87 -22.74 3.80
C GLN E 83 6.13 -24.01 4.23
N TRP E 84 5.92 -24.90 3.27
CA TRP E 84 5.45 -26.25 3.52
C TRP E 84 6.57 -27.23 3.25
N SER E 85 6.37 -28.47 3.72
CA SER E 85 7.28 -29.56 3.42
C SER E 85 6.71 -30.58 2.47
N SER E 86 5.37 -30.70 2.40
CA SER E 86 4.72 -31.55 1.41
C SER E 86 3.28 -31.05 1.25
N LEU E 87 2.99 -30.45 0.11
CA LEU E 87 1.68 -29.83 -0.11
C LEU E 87 0.59 -30.90 -0.27
N LYS E 88 -0.51 -30.70 0.43
CA LYS E 88 -1.71 -31.50 0.25
C LYS E 88 -2.67 -30.74 -0.66
N ALA E 89 -3.63 -31.48 -1.24
CA ALA E 89 -4.70 -30.82 -1.97
C ALA E 89 -5.47 -29.86 -1.09
N SER E 90 -5.54 -30.14 0.22
CA SER E 90 -6.21 -29.27 1.17
C SER E 90 -5.57 -27.89 1.28
N ASP E 91 -4.40 -27.70 0.69
CA ASP E 91 -3.62 -26.48 0.88
C ASP E 91 -3.84 -25.45 -0.23
N THR E 92 -4.69 -25.73 -1.22
CA THR E 92 -4.92 -24.74 -2.28
C THR E 92 -5.79 -23.63 -1.73
N ALA E 93 -5.29 -22.39 -1.81
CA ALA E 93 -6.00 -21.21 -1.32
C ALA E 93 -5.22 -19.98 -1.75
N ILE E 94 -5.66 -18.81 -1.28
CA ILE E 94 -4.90 -17.57 -1.39
C ILE E 94 -4.30 -17.27 -0.03
N TYR E 95 -3.04 -16.83 -0.02
CA TYR E 95 -2.30 -16.57 1.21
C TYR E 95 -1.89 -15.11 1.22
N TYR E 96 -2.37 -14.37 2.22
CA TYR E 96 -2.05 -12.95 2.36
C TYR E 96 -1.00 -12.79 3.45
N CYS E 97 0.00 -11.96 3.19
CA CYS E 97 0.88 -11.51 4.25
C CYS E 97 0.36 -10.15 4.72
N ALA E 98 0.38 -9.93 6.02
CA ALA E 98 -0.24 -8.75 6.60
C ALA E 98 0.67 -8.19 7.68
N GLY E 99 0.90 -6.89 7.62
CA GLY E 99 1.86 -6.23 8.49
C GLY E 99 1.20 -5.24 9.42
N GLY E 100 1.66 -5.22 10.66
CA GLY E 100 1.30 -4.21 11.61
C GLY E 100 2.51 -3.94 12.47
N SER E 101 2.82 -2.66 12.65
CA SER E 101 4.07 -2.29 13.30
C SER E 101 4.00 -2.48 14.80
N GLY E 102 4.04 -3.74 15.24
CA GLY E 102 3.93 -4.09 16.63
C GLY E 102 3.34 -5.48 16.85
N ILE E 103 3.29 -5.88 18.12
CA ILE E 103 2.53 -7.06 18.52
C ILE E 103 1.28 -6.58 19.25
N SER E 104 0.18 -7.30 19.09
CA SER E 104 -1.12 -6.87 19.62
C SER E 104 -1.52 -5.51 19.03
N THR E 105 -1.53 -5.48 17.70
CA THR E 105 -1.84 -4.27 16.95
C THR E 105 -2.54 -4.71 15.67
N PRO E 106 -3.41 -3.87 15.11
CA PRO E 106 -4.07 -4.22 13.86
C PRO E 106 -3.06 -4.36 12.73
N MET E 107 -3.34 -5.29 11.81
CA MET E 107 -2.53 -5.42 10.61
C MET E 107 -3.04 -4.41 9.59
N ASP E 108 -2.29 -3.31 9.43
CA ASP E 108 -2.72 -2.17 8.65
C ASP E 108 -2.17 -2.16 7.23
N VAL E 109 -1.27 -3.09 6.90
CA VAL E 109 -0.64 -3.20 5.58
C VAL E 109 -0.88 -4.62 5.06
N TRP E 110 -1.31 -4.72 3.81
CA TRP E 110 -1.62 -6.03 3.24
C TRP E 110 -0.98 -6.19 1.88
N GLY E 111 -0.35 -7.33 1.66
CA GLY E 111 0.15 -7.67 0.35
C GLY E 111 -0.97 -8.09 -0.58
N GLN E 112 -0.60 -8.33 -1.82
CA GLN E 112 -1.57 -8.70 -2.85
C GLN E 112 -2.04 -10.14 -2.73
N GLY E 113 -1.44 -10.94 -1.85
CA GLY E 113 -1.81 -12.33 -1.72
C GLY E 113 -1.21 -13.18 -2.82
N THR E 114 -0.81 -14.41 -2.50
CA THR E 114 -0.37 -15.36 -3.51
C THR E 114 -1.33 -16.53 -3.53
N THR E 115 -1.80 -16.88 -4.71
CA THR E 115 -2.62 -18.06 -4.92
C THR E 115 -1.70 -19.24 -5.22
N VAL E 116 -1.77 -20.29 -4.41
CA VAL E 116 -1.10 -21.56 -4.68
C VAL E 116 -2.15 -22.62 -4.98
N THR E 117 -1.91 -23.43 -6.00
CA THR E 117 -2.85 -24.48 -6.41
C THR E 117 -2.10 -25.81 -6.55
N VAL E 118 -2.62 -26.85 -5.90
CA VAL E 118 -1.95 -28.16 -5.79
C VAL E 118 -2.63 -29.16 -6.73
N ALA E 119 -2.54 -28.90 -8.05
CA ALA E 119 -3.21 -29.77 -9.02
C ALA E 119 -2.72 -29.43 -10.41
N SER E 120 -2.81 -30.43 -11.30
CA SER E 120 -2.46 -30.26 -12.70
C SER E 120 -3.40 -29.26 -13.36
N THR E 121 -2.85 -28.49 -14.31
CA THR E 121 -3.63 -27.51 -15.03
C THR E 121 -4.21 -28.11 -16.31
N LYS E 122 -5.39 -27.65 -16.69
CA LYS E 122 -6.09 -28.15 -17.86
C LYS E 122 -6.77 -27.00 -18.58
N GLY E 123 -6.67 -26.99 -19.91
CA GLY E 123 -7.28 -25.98 -20.73
C GLY E 123 -8.78 -26.16 -20.86
N PRO E 124 -9.50 -25.05 -21.00
CA PRO E 124 -10.96 -25.11 -20.99
C PRO E 124 -11.53 -25.46 -22.34
N SER E 125 -12.70 -26.11 -22.31
CA SER E 125 -13.49 -26.40 -23.50
C SER E 125 -14.63 -25.39 -23.58
N VAL E 126 -14.86 -24.86 -24.77
CA VAL E 126 -15.83 -23.79 -24.99
C VAL E 126 -16.96 -24.33 -25.85
N PHE E 127 -18.18 -24.21 -25.35
CA PHE E 127 -19.33 -24.70 -26.08
C PHE E 127 -20.35 -23.58 -26.21
N PRO E 128 -21.04 -23.49 -27.34
CA PRO E 128 -21.97 -22.37 -27.56
C PRO E 128 -23.34 -22.65 -26.97
N LEU E 129 -23.94 -21.62 -26.41
CA LEU E 129 -25.33 -21.65 -25.93
C LEU E 129 -26.14 -20.79 -26.90
N ALA E 130 -26.73 -21.43 -27.89
CA ALA E 130 -27.39 -20.72 -28.96
C ALA E 130 -28.75 -20.19 -28.50
N PRO E 131 -29.20 -19.06 -29.08
CA PRO E 131 -30.53 -18.55 -28.74
C PRO E 131 -31.64 -19.41 -29.31
N SER E 132 -32.88 -19.12 -28.93
CA SER E 132 -34.05 -19.80 -29.47
C SER E 132 -35.14 -18.77 -29.74
N SER E 133 -36.13 -19.20 -30.51
CA SER E 133 -37.25 -18.32 -30.92
C SER E 133 -38.25 -18.06 -29.79
N GLY E 134 -39.30 -11.69 -32.14
CA GLY E 134 -40.11 -11.13 -31.08
C GLY E 134 -39.44 -9.97 -30.38
N GLY E 135 -39.12 -10.14 -29.09
CA GLY E 135 -38.49 -9.10 -28.32
C GLY E 135 -36.97 -9.18 -28.33
N THR E 136 -36.37 -9.53 -27.19
CA THR E 136 -34.93 -9.74 -27.08
C THR E 136 -34.66 -11.17 -26.63
N ALA E 137 -33.63 -11.78 -27.21
CA ALA E 137 -33.20 -13.12 -26.88
C ALA E 137 -31.82 -13.10 -26.23
N ALA E 138 -31.50 -14.19 -25.55
CA ALA E 138 -30.24 -14.34 -24.83
C ALA E 138 -29.40 -15.44 -25.44
N LEU E 139 -28.07 -15.27 -25.34
CA LEU E 139 -27.12 -16.23 -25.86
C LEU E 139 -25.87 -16.15 -24.98
N GLY E 140 -24.99 -17.13 -25.14
CA GLY E 140 -23.79 -17.11 -24.34
C GLY E 140 -22.84 -18.24 -24.68
N CYS E 141 -21.78 -18.33 -23.88
CA CYS E 141 -20.75 -19.35 -24.00
C CYS E 141 -20.66 -20.16 -22.71
N LEU E 142 -20.37 -21.45 -22.86
CA LEU E 142 -20.18 -22.33 -21.72
C LEU E 142 -18.70 -22.71 -21.66
N VAL E 143 -18.00 -22.16 -20.67
CA VAL E 143 -16.59 -22.47 -20.45
C VAL E 143 -16.52 -23.60 -19.43
N LYS E 144 -16.17 -24.79 -19.89
CA LYS E 144 -16.34 -26.00 -19.11
C LYS E 144 -15.01 -26.74 -18.93
N ASP E 145 -14.86 -27.38 -17.77
CA ASP E 145 -13.77 -28.30 -17.47
C ASP E 145 -12.40 -27.65 -17.66
N TYR E 146 -11.94 -26.92 -16.65
CA TYR E 146 -10.64 -26.28 -16.70
C TYR E 146 -10.11 -26.08 -15.28
N PHE E 147 -8.81 -25.84 -15.19
CA PHE E 147 -8.15 -25.71 -13.89
C PHE E 147 -6.79 -25.06 -14.06
N PRO E 148 -6.43 -24.10 -13.21
CA PRO E 148 -7.32 -23.51 -12.21
C PRO E 148 -7.92 -22.19 -12.66
N GLU E 149 -8.55 -21.46 -11.75
CA GLU E 149 -8.99 -20.10 -12.02
C GLU E 149 -7.77 -19.19 -12.14
N PRO E 150 -7.93 -18.04 -12.83
CA PRO E 150 -9.14 -17.52 -13.47
C PRO E 150 -9.22 -17.81 -14.96
N VAL E 151 -10.40 -17.62 -15.53
CA VAL E 151 -10.59 -17.59 -16.97
C VAL E 151 -11.32 -16.30 -17.33
N THR E 152 -10.85 -15.61 -18.36
CA THR E 152 -11.40 -14.33 -18.76
C THR E 152 -12.16 -14.50 -20.07
N VAL E 153 -13.33 -13.87 -20.17
CA VAL E 153 -14.17 -13.99 -21.35
C VAL E 153 -14.75 -12.62 -21.70
N SER E 154 -14.65 -12.25 -22.97
CA SER E 154 -15.27 -11.04 -23.49
C SER E 154 -16.05 -11.39 -24.75
N TRP E 155 -16.81 -10.41 -25.26
CA TRP E 155 -17.66 -10.62 -26.42
C TRP E 155 -17.28 -9.64 -27.52
N ASN E 156 -17.09 -10.17 -28.74
CA ASN E 156 -16.72 -9.38 -29.90
C ASN E 156 -15.50 -8.52 -29.61
N SER E 157 -14.53 -9.11 -28.90
CA SER E 157 -13.25 -8.48 -28.57
C SER E 157 -13.41 -7.18 -27.79
N GLY E 158 -14.49 -7.05 -27.01
CA GLY E 158 -14.75 -5.83 -26.28
C GLY E 158 -15.85 -4.95 -26.85
N ALA E 159 -16.32 -5.24 -28.07
CA ALA E 159 -17.37 -4.43 -28.67
C ALA E 159 -18.73 -4.61 -28.00
N LEU E 160 -18.87 -5.60 -27.12
CA LEU E 160 -20.12 -5.85 -26.42
C LEU E 160 -19.83 -5.87 -24.92
N THR E 161 -20.17 -4.76 -24.25
CA THR E 161 -20.07 -4.67 -22.81
C THR E 161 -21.44 -4.65 -22.13
N SER E 162 -22.45 -4.12 -22.79
CA SER E 162 -23.75 -3.93 -22.18
C SER E 162 -24.54 -5.24 -22.18
N GLY E 163 -25.15 -5.54 -21.03
CA GLY E 163 -25.99 -6.72 -20.92
C GLY E 163 -25.26 -8.02 -20.79
N VAL E 164 -23.96 -8.00 -20.46
CA VAL E 164 -23.14 -9.19 -20.36
C VAL E 164 -23.07 -9.62 -18.91
N HIS E 165 -23.28 -10.90 -18.67
CA HIS E 165 -23.19 -11.50 -17.34
C HIS E 165 -22.29 -12.73 -17.43
N THR E 166 -21.10 -12.64 -16.84
CA THR E 166 -20.23 -13.80 -16.71
C THR E 166 -20.32 -14.30 -15.27
N PHE E 167 -20.68 -15.56 -15.12
CA PHE E 167 -20.98 -16.10 -13.81
C PHE E 167 -19.70 -16.55 -13.09
N PRO E 168 -19.69 -16.48 -11.76
CA PRO E 168 -18.56 -17.05 -11.02
C PRO E 168 -18.46 -18.54 -11.26
N ALA E 169 -17.23 -19.03 -11.34
CA ALA E 169 -17.00 -20.43 -11.64
C ALA E 169 -17.46 -21.31 -10.48
N VAL E 170 -17.99 -22.48 -10.81
CA VAL E 170 -18.38 -23.47 -9.81
C VAL E 170 -17.54 -24.72 -10.03
N LEU E 171 -16.90 -25.20 -8.97
CA LEU E 171 -16.11 -26.41 -9.04
C LEU E 171 -17.04 -27.62 -9.08
N GLN E 172 -16.93 -28.43 -10.12
CA GLN E 172 -17.73 -29.63 -10.20
C GLN E 172 -17.11 -30.73 -9.34
N SER E 173 -17.86 -31.83 -9.16
CA SER E 173 -17.27 -33.01 -8.52
C SER E 173 -16.18 -33.62 -9.38
N SER E 174 -16.06 -33.18 -10.63
CA SER E 174 -14.94 -33.56 -11.48
C SER E 174 -13.60 -33.16 -10.90
N GLY E 175 -13.56 -32.15 -10.04
CA GLY E 175 -12.30 -31.52 -9.69
C GLY E 175 -11.88 -30.43 -10.63
N LEU E 176 -12.71 -30.09 -11.62
CA LEU E 176 -12.42 -29.05 -12.58
C LEU E 176 -13.49 -27.96 -12.48
N TYR E 177 -13.16 -26.79 -13.02
CA TYR E 177 -14.06 -25.65 -12.93
C TYR E 177 -14.96 -25.58 -14.16
N SER E 178 -16.02 -24.78 -14.03
CA SER E 178 -16.94 -24.55 -15.13
C SER E 178 -17.70 -23.26 -14.85
N LEU E 179 -18.10 -22.58 -15.92
CA LEU E 179 -18.88 -21.36 -15.78
C LEU E 179 -19.55 -21.04 -17.11
N SER E 180 -20.66 -20.31 -17.01
CA SER E 180 -21.35 -19.78 -18.19
C SER E 180 -21.14 -18.28 -18.27
N SER E 181 -21.34 -17.74 -19.46
CA SER E 181 -21.28 -16.30 -19.68
C SER E 181 -22.31 -15.95 -20.74
N VAL E 182 -23.30 -15.12 -20.38
CA VAL E 182 -24.46 -14.86 -21.22
C VAL E 182 -24.54 -13.38 -21.54
N VAL E 183 -25.21 -13.07 -22.64
CA VAL E 183 -25.50 -11.70 -23.05
C VAL E 183 -26.84 -11.70 -23.76
N THR E 184 -27.62 -10.64 -23.52
CA THR E 184 -28.93 -10.47 -24.13
C THR E 184 -28.84 -9.41 -25.23
N VAL E 185 -29.34 -9.76 -26.41
CA VAL E 185 -29.34 -8.85 -27.57
C VAL E 185 -30.70 -8.89 -28.23
N PRO E 186 -31.07 -7.81 -28.90
CA PRO E 186 -32.38 -7.78 -29.58
C PRO E 186 -32.48 -8.87 -30.63
N SER E 187 -33.62 -9.56 -30.65
CA SER E 187 -33.85 -10.62 -31.63
C SER E 187 -33.69 -10.11 -33.05
N SER E 188 -33.78 -8.79 -33.26
CA SER E 188 -33.57 -8.21 -34.58
C SER E 188 -32.18 -8.54 -35.12
N SER E 189 -31.18 -8.50 -34.24
CA SER E 189 -29.77 -8.59 -34.62
C SER E 189 -29.26 -10.02 -34.76
N LEU E 190 -30.09 -11.03 -34.44
CA LEU E 190 -29.63 -12.40 -34.54
C LEU E 190 -29.44 -12.86 -35.98
N GLY E 191 -30.00 -12.12 -36.94
CA GLY E 191 -29.73 -12.36 -38.35
C GLY E 191 -28.80 -11.34 -38.98
N THR E 192 -28.31 -10.38 -38.21
CA THR E 192 -27.46 -9.31 -38.73
C THR E 192 -26.03 -9.45 -38.24
N GLN E 193 -25.78 -9.24 -36.96
CA GLN E 193 -24.41 -9.23 -36.44
C GLN E 193 -24.04 -10.58 -35.86
N THR E 194 -22.76 -10.92 -36.00
CA THR E 194 -22.22 -12.15 -35.45
C THR E 194 -21.65 -11.89 -34.06
N TYR E 195 -21.82 -12.88 -33.17
CA TYR E 195 -21.38 -12.78 -31.78
C TYR E 195 -20.34 -13.84 -31.50
N ILE E 196 -19.15 -13.40 -31.08
CA ILE E 196 -18.03 -14.28 -30.76
C ILE E 196 -17.60 -14.01 -29.32
N CYS E 197 -17.48 -15.06 -28.53
CA CYS E 197 -16.93 -14.95 -27.19
C CYS E 197 -15.46 -15.33 -27.21
N ASN E 198 -14.64 -14.56 -26.49
CA ASN E 198 -13.19 -14.71 -26.47
C ASN E 198 -12.77 -15.09 -25.05
N VAL E 199 -12.37 -16.33 -24.84
CA VAL E 199 -12.02 -16.82 -23.52
C VAL E 199 -10.51 -17.05 -23.47
N ASN E 200 -9.87 -16.55 -22.40
CA ASN E 200 -8.44 -16.69 -22.17
C ASN E 200 -8.22 -17.47 -20.89
N HIS E 201 -7.38 -18.50 -20.95
CA HIS E 201 -6.97 -19.22 -19.76
C HIS E 201 -5.45 -19.21 -19.73
N LYS E 202 -4.88 -18.38 -18.85
CA LYS E 202 -3.44 -18.16 -18.81
C LYS E 202 -2.65 -19.37 -18.31
N PRO E 203 -3.05 -20.03 -17.22
CA PRO E 203 -2.25 -21.16 -16.72
C PRO E 203 -1.97 -22.25 -17.74
N SER E 204 -2.85 -22.44 -18.72
CA SER E 204 -2.62 -23.36 -19.82
C SER E 204 -2.18 -22.67 -21.10
N ASN E 205 -2.14 -21.33 -21.11
CA ASN E 205 -1.70 -20.54 -22.25
C ASN E 205 -2.51 -20.86 -23.51
N THR E 206 -3.82 -21.03 -23.35
CA THR E 206 -4.72 -21.20 -24.48
C THR E 206 -5.76 -20.09 -24.48
N LYS E 207 -6.14 -19.66 -25.68
CA LYS E 207 -7.15 -18.63 -25.87
C LYS E 207 -8.08 -19.09 -26.99
N VAL E 208 -9.34 -19.33 -26.67
CA VAL E 208 -10.32 -19.90 -27.60
C VAL E 208 -11.39 -18.86 -27.87
N ASP E 209 -11.83 -18.80 -29.13
CA ASP E 209 -12.92 -17.92 -29.55
C ASP E 209 -13.92 -18.72 -30.37
N LYS E 210 -15.10 -18.95 -29.81
CA LYS E 210 -16.17 -19.67 -30.49
C LYS E 210 -17.28 -18.72 -30.90
N LYS E 211 -17.83 -18.94 -32.09
CA LYS E 211 -18.96 -18.17 -32.59
C LYS E 211 -20.26 -18.85 -32.21
N VAL E 212 -21.22 -18.05 -31.73
CA VAL E 212 -22.54 -18.54 -31.35
C VAL E 212 -23.56 -18.03 -32.36
N GLU E 213 -24.54 -18.88 -32.67
CA GLU E 213 -25.53 -18.60 -33.71
C GLU E 213 -26.65 -19.60 -33.56
N PRO E 214 -27.87 -19.27 -34.02
CA PRO E 214 -28.98 -20.22 -33.88
C PRO E 214 -28.77 -21.44 -34.75
N LYS E 215 -29.43 -22.53 -34.37
CA LYS E 215 -29.34 -23.79 -35.08
C LYS E 215 -30.68 -24.13 -35.74
N SER E 216 -30.60 -24.83 -36.88
CA SER E 216 -31.77 -25.21 -37.66
C SER E 216 -32.78 -26.03 -36.87
N ASP F 1 -7.86 -18.93 24.57
CA ASP F 1 -8.13 -18.62 23.17
C ASP F 1 -9.45 -17.88 23.03
N ILE F 2 -9.44 -16.79 22.26
CA ILE F 2 -10.62 -15.96 22.07
C ILE F 2 -11.31 -16.36 20.78
N GLN F 3 -12.64 -16.29 20.78
CA GLN F 3 -13.43 -16.62 19.60
C GLN F 3 -14.50 -15.56 19.40
N LEU F 4 -14.62 -15.07 18.17
CA LEU F 4 -15.57 -14.02 17.83
C LEU F 4 -16.58 -14.53 16.81
N THR F 5 -17.85 -14.18 17.01
CA THR F 5 -18.91 -14.53 16.07
C THR F 5 -19.75 -13.28 15.81
N GLN F 6 -20.04 -13.02 14.55
CA GLN F 6 -20.78 -11.83 14.14
C GLN F 6 -22.24 -12.16 13.87
N SER F 7 -23.07 -11.13 13.94
CA SER F 7 -24.49 -11.26 13.65
C SER F 7 -24.92 -9.98 12.95
N PRO F 8 -25.71 -10.07 11.87
CA PRO F 8 -26.16 -11.32 11.25
C PRO F 8 -25.14 -11.88 10.26
N ASP F 9 -25.45 -13.03 9.66
CA ASP F 9 -24.55 -13.62 8.68
C ASP F 9 -24.56 -12.84 7.37
N SER F 10 -25.76 -12.52 6.88
CA SER F 10 -25.93 -11.70 5.69
C SER F 10 -26.89 -10.57 6.01
N LEU F 11 -26.87 -9.55 5.16
CA LEU F 11 -27.56 -8.31 5.48
C LEU F 11 -27.80 -7.54 4.18
N ALA F 12 -29.01 -7.01 4.03
CA ALA F 12 -29.41 -6.26 2.84
C ALA F 12 -30.08 -4.97 3.27
N VAL F 13 -29.51 -3.84 2.90
CA VAL F 13 -29.97 -2.53 3.33
C VAL F 13 -30.09 -1.63 2.11
N SER F 14 -31.15 -0.83 2.07
CA SER F 14 -31.40 0.01 0.91
C SER F 14 -30.44 1.20 0.89
N LEU F 15 -30.32 1.78 -0.30
CA LEU F 15 -29.40 2.90 -0.52
C LEU F 15 -29.67 4.02 0.47
N GLY F 16 -28.59 4.61 0.98
CA GLY F 16 -28.70 5.76 1.85
C GLY F 16 -29.06 5.46 3.28
N GLU F 17 -29.54 4.27 3.60
CA GLU F 17 -29.88 3.92 4.97
C GLU F 17 -28.64 3.39 5.70
N ARG F 18 -28.81 2.99 6.96
CA ARG F 18 -27.69 2.55 7.78
C ARG F 18 -27.77 1.05 8.05
N ALA F 19 -26.61 0.42 8.08
CA ALA F 19 -26.47 -1.01 8.33
C ALA F 19 -25.58 -1.23 9.55
N THR F 20 -25.97 -2.17 10.41
CA THR F 20 -25.24 -2.46 11.64
C THR F 20 -24.86 -3.93 11.68
N ILE F 21 -23.64 -4.22 12.14
CA ILE F 21 -23.10 -5.57 12.23
C ILE F 21 -22.57 -5.76 13.66
N ASN F 22 -23.17 -6.68 14.40
CA ASN F 22 -22.65 -7.03 15.70
C ASN F 22 -21.46 -7.96 15.57
N CYS F 23 -20.61 -7.95 16.59
CA CYS F 23 -19.58 -8.96 16.74
C CYS F 23 -19.35 -9.17 18.23
N LYS F 24 -19.72 -10.36 18.73
CA LYS F 24 -19.51 -10.72 20.13
C LYS F 24 -18.29 -11.62 20.26
N SER F 25 -17.52 -11.42 21.31
CA SER F 25 -16.30 -12.18 21.55
C SER F 25 -16.47 -13.11 22.75
N SER F 26 -15.72 -14.22 22.73
CA SER F 26 -15.80 -15.15 23.84
C SER F 26 -15.26 -14.52 25.12
N GLN F 27 -14.29 -13.62 25.00
CA GLN F 27 -13.62 -13.00 26.12
C GLN F 27 -13.39 -11.53 25.79
N SER F 28 -13.38 -10.70 26.83
CA SER F 28 -13.30 -9.27 26.64
C SER F 28 -11.88 -8.85 26.26
N VAL F 29 -11.78 -7.84 25.39
CA VAL F 29 -10.52 -7.47 24.77
C VAL F 29 -10.13 -6.04 25.16
N LEU F 30 -10.17 -5.74 26.46
CA LEU F 30 -9.82 -4.42 26.99
C LEU F 30 -8.48 -4.47 27.71
N TYR F 31 -7.49 -3.81 27.15
CA TYR F 31 -6.37 -3.38 27.97
C TYR F 31 -6.87 -2.31 28.93
N SER F 32 -6.38 -2.36 30.18
CA SER F 32 -6.63 -1.29 31.12
C SER F 32 -5.40 -0.42 31.36
N SER F 33 -4.23 -0.88 30.91
CA SER F 33 -3.10 0.02 30.73
C SER F 33 -3.53 1.28 29.98
N ILE F 34 -4.29 1.11 28.91
CA ILE F 34 -4.93 2.19 28.17
C ILE F 34 -6.38 1.78 27.94
N ASN F 35 -7.33 2.62 28.36
CA ASN F 35 -8.72 2.20 28.28
C ASN F 35 -9.23 2.16 26.85
N LYS F 36 -8.72 1.20 26.06
CA LYS F 36 -9.12 1.02 24.67
C LYS F 36 -9.38 -0.46 24.41
N ASN F 37 -10.28 -0.74 23.48
CA ASN F 37 -10.65 -2.11 23.12
C ASN F 37 -9.79 -2.60 21.97
N TYR F 38 -9.32 -3.84 22.07
CA TYR F 38 -8.40 -4.39 21.08
C TYR F 38 -9.17 -5.26 20.09
N LEU F 39 -9.90 -4.58 19.22
CA LEU F 39 -10.72 -5.22 18.20
C LEU F 39 -10.74 -4.32 16.97
N ALA F 40 -10.70 -4.94 15.79
CA ALA F 40 -10.66 -4.20 14.53
C ALA F 40 -11.75 -4.71 13.59
N TRP F 41 -12.07 -3.88 12.60
CA TRP F 41 -13.10 -4.16 11.61
C TRP F 41 -12.47 -4.14 10.24
N TYR F 42 -12.62 -5.24 9.50
CA TYR F 42 -11.99 -5.39 8.20
C TYR F 42 -13.04 -5.51 7.11
N GLN F 43 -12.70 -5.02 5.93
CA GLN F 43 -13.56 -5.12 4.75
C GLN F 43 -12.81 -5.89 3.67
N GLN F 44 -13.52 -6.78 2.96
CA GLN F 44 -12.93 -7.47 1.83
C GLN F 44 -13.93 -7.55 0.69
N LYS F 45 -13.52 -7.08 -0.48
CA LYS F 45 -14.27 -7.19 -1.71
C LYS F 45 -13.70 -8.31 -2.57
N PRO F 46 -14.48 -8.86 -3.50
CA PRO F 46 -14.01 -10.01 -4.28
C PRO F 46 -12.73 -9.70 -5.04
N GLY F 47 -11.69 -10.48 -4.76
CA GLY F 47 -10.44 -10.36 -5.48
C GLY F 47 -9.54 -9.26 -5.02
N GLN F 48 -9.71 -8.78 -3.79
CA GLN F 48 -8.93 -7.69 -3.25
C GLN F 48 -8.44 -8.05 -1.85
N PRO F 49 -7.33 -7.47 -1.41
CA PRO F 49 -6.85 -7.76 -0.07
C PRO F 49 -7.76 -7.12 0.96
N PRO F 50 -7.85 -7.69 2.16
CA PRO F 50 -8.63 -7.03 3.22
C PRO F 50 -8.10 -5.65 3.52
N LYS F 51 -9.02 -4.76 3.90
CA LYS F 51 -8.72 -3.37 4.17
C LYS F 51 -9.13 -3.06 5.61
N LEU F 52 -8.20 -2.49 6.38
CA LEU F 52 -8.53 -2.10 7.75
C LEU F 52 -9.40 -0.85 7.75
N LEU F 53 -10.54 -0.93 8.43
CA LEU F 53 -11.48 0.20 8.54
C LEU F 53 -11.42 0.84 9.91
N ILE F 54 -11.73 0.06 10.95
CA ILE F 54 -11.77 0.54 12.32
C ILE F 54 -10.77 -0.25 13.14
N TYR F 55 -9.96 0.44 13.92
CA TYR F 55 -9.12 -0.20 14.91
C TYR F 55 -9.41 0.43 16.26
N TRP F 56 -9.04 -0.29 17.32
CA TRP F 56 -9.35 0.13 18.68
C TRP F 56 -10.86 0.37 18.85
N ALA F 57 -11.65 -0.41 18.10
CA ALA F 57 -13.10 -0.48 18.20
C ALA F 57 -13.83 0.76 17.68
N SER F 58 -13.24 1.95 17.87
CA SER F 58 -13.92 3.18 17.50
C SER F 58 -13.07 4.17 16.73
N THR F 59 -11.82 3.85 16.41
CA THR F 59 -10.94 4.77 15.70
C THR F 59 -10.92 4.41 14.22
N ARG F 60 -11.09 5.43 13.37
CA ARG F 60 -11.10 5.23 11.93
C ARG F 60 -9.67 5.17 11.38
N GLU F 61 -9.48 4.34 10.36
CA GLU F 61 -8.21 4.24 9.68
C GLU F 61 -8.18 5.19 8.48
N SER F 62 -6.97 5.54 8.06
CA SER F 62 -6.78 6.41 6.89
C SER F 62 -7.48 5.83 5.67
N GLY F 63 -8.00 6.73 4.83
CA GLY F 63 -8.67 6.30 3.62
C GLY F 63 -9.97 5.57 3.83
N VAL F 64 -10.63 5.77 4.97
CA VAL F 64 -11.90 5.15 5.29
C VAL F 64 -12.95 6.26 5.42
N PRO F 65 -14.11 6.12 4.80
CA PRO F 65 -15.07 7.23 4.77
C PRO F 65 -15.65 7.56 6.13
N ASP F 66 -16.20 8.78 6.22
CA ASP F 66 -16.79 9.26 7.46
C ASP F 66 -17.92 8.36 7.93
N ARG F 67 -18.67 7.78 6.99
CA ARG F 67 -19.89 7.05 7.31
C ARG F 67 -19.64 5.74 8.04
N PHE F 68 -18.40 5.26 8.06
CA PHE F 68 -18.06 4.06 8.84
C PHE F 68 -17.83 4.45 10.29
N SER F 69 -18.50 3.76 11.20
CA SER F 69 -18.41 4.07 12.62
C SER F 69 -18.43 2.76 13.39
N GLY F 70 -17.49 2.62 14.33
CA GLY F 70 -17.43 1.47 15.21
C GLY F 70 -17.72 1.91 16.63
N SER F 71 -18.45 1.07 17.37
CA SER F 71 -18.79 1.37 18.75
C SER F 71 -18.80 0.07 19.55
N GLY F 72 -19.29 0.14 20.77
CA GLY F 72 -19.37 -1.01 21.65
C GLY F 72 -18.14 -1.14 22.54
N SER F 73 -18.31 -1.91 23.61
CA SER F 73 -17.23 -2.13 24.56
C SER F 73 -17.41 -3.48 25.24
N GLY F 74 -16.32 -3.98 25.83
CA GLY F 74 -16.37 -5.20 26.61
C GLY F 74 -16.40 -6.47 25.78
N THR F 75 -17.60 -6.96 25.50
CA THR F 75 -17.81 -8.22 24.81
C THR F 75 -18.57 -8.07 23.51
N ASP F 76 -19.39 -7.04 23.37
CA ASP F 76 -20.21 -6.83 22.19
C ASP F 76 -19.76 -5.54 21.50
N PHE F 77 -19.56 -5.63 20.20
CA PHE F 77 -19.15 -4.48 19.39
C PHE F 77 -20.03 -4.41 18.15
N THR F 78 -20.26 -3.20 17.66
CA THR F 78 -21.02 -3.01 16.44
C THR F 78 -20.25 -2.09 15.51
N LEU F 79 -20.41 -2.33 14.20
CA LEU F 79 -19.91 -1.46 13.14
C LEU F 79 -21.11 -1.02 12.32
N THR F 80 -21.45 0.25 12.41
CA THR F 80 -22.64 0.77 11.73
C THR F 80 -22.21 1.68 10.60
N ILE F 81 -22.66 1.34 9.38
CA ILE F 81 -22.36 2.11 8.18
C ILE F 81 -23.54 3.03 7.92
N SER F 82 -23.40 4.30 8.29
CA SER F 82 -24.44 5.27 7.97
C SER F 82 -24.41 5.60 6.49
N SER F 83 -25.57 5.95 5.94
CA SER F 83 -25.71 6.38 4.54
C SER F 83 -24.99 5.41 3.60
N LEU F 84 -25.54 4.20 3.51
CA LEU F 84 -24.92 3.14 2.73
C LEU F 84 -24.81 3.55 1.26
N GLN F 85 -23.75 3.07 0.61
CA GLN F 85 -23.48 3.38 -0.79
C GLN F 85 -23.25 2.10 -1.57
N ALA F 86 -23.23 2.23 -2.90
CA ALA F 86 -23.12 1.07 -3.78
C ALA F 86 -21.79 0.34 -3.54
N GLU F 87 -20.67 1.05 -3.70
CA GLU F 87 -19.37 0.41 -3.57
C GLU F 87 -19.07 -0.05 -2.15
N ASP F 88 -20.02 0.09 -1.22
CA ASP F 88 -19.84 -0.45 0.11
C ASP F 88 -20.20 -1.92 0.21
N VAL F 89 -20.83 -2.51 -0.81
CA VAL F 89 -21.24 -3.91 -0.71
C VAL F 89 -19.99 -4.78 -0.70
N ALA F 90 -19.79 -5.46 0.41
CA ALA F 90 -18.60 -6.26 0.63
C ALA F 90 -18.88 -7.20 1.80
N VAL F 91 -17.86 -7.93 2.20
CA VAL F 91 -17.90 -8.77 3.38
C VAL F 91 -17.13 -8.06 4.47
N TYR F 92 -17.68 -8.05 5.68
CA TYR F 92 -17.06 -7.35 6.79
C TYR F 92 -16.69 -8.34 7.88
N TYR F 93 -15.44 -8.31 8.31
CA TYR F 93 -14.90 -9.19 9.32
C TYR F 93 -14.56 -8.38 10.56
N CYS F 94 -14.90 -8.90 11.74
CA CYS F 94 -14.30 -8.35 12.94
C CYS F 94 -13.10 -9.20 13.31
N GLN F 95 -12.16 -8.58 14.02
CA GLN F 95 -10.90 -9.23 14.37
C GLN F 95 -10.40 -8.62 15.67
N GLN F 96 -10.02 -9.48 16.62
CA GLN F 96 -9.38 -9.04 17.85
C GLN F 96 -7.88 -9.19 17.71
N TYR F 97 -7.17 -8.34 18.45
CA TYR F 97 -5.72 -8.45 18.55
C TYR F 97 -5.26 -8.29 20.01
N TYR F 98 -6.16 -8.56 20.96
CA TYR F 98 -5.81 -8.50 22.37
C TYR F 98 -4.71 -9.51 22.69
N SER F 99 -4.88 -10.76 22.25
CA SER F 99 -3.93 -11.83 22.53
C SER F 99 -3.73 -12.66 21.28
N THR F 100 -2.57 -13.29 21.20
CA THR F 100 -2.41 -14.28 20.15
C THR F 100 -2.93 -15.63 20.61
N PRO F 101 -3.46 -16.47 19.70
CA PRO F 101 -3.57 -16.22 18.25
C PRO F 101 -4.69 -15.25 17.90
N TYR F 102 -4.42 -14.35 16.96
CA TYR F 102 -5.48 -13.50 16.45
C TYR F 102 -6.59 -14.36 15.85
N THR F 103 -7.82 -13.89 15.97
CA THR F 103 -8.95 -14.64 15.44
C THR F 103 -9.95 -13.69 14.78
N PHE F 104 -10.60 -14.19 13.74
CA PHE F 104 -11.57 -13.41 12.97
C PHE F 104 -12.99 -13.86 13.30
N GLY F 105 -13.94 -13.02 12.90
CA GLY F 105 -15.33 -13.43 12.85
C GLY F 105 -15.60 -14.21 11.58
N GLN F 106 -16.82 -14.75 11.49
CA GLN F 106 -17.18 -15.53 10.31
C GLN F 106 -17.39 -14.64 9.08
N GLY F 107 -17.52 -13.34 9.27
CA GLY F 107 -17.79 -12.44 8.17
C GLY F 107 -19.28 -12.20 7.97
N THR F 108 -19.60 -10.99 7.53
CA THR F 108 -20.98 -10.59 7.30
C THR F 108 -21.07 -9.97 5.90
N LYS F 109 -21.95 -10.51 5.07
CA LYS F 109 -22.17 -9.96 3.73
C LYS F 109 -23.19 -8.83 3.79
N VAL F 110 -22.86 -7.69 3.20
CA VAL F 110 -23.80 -6.60 3.07
C VAL F 110 -24.09 -6.38 1.59
N GLU F 111 -25.33 -5.97 1.30
CA GLU F 111 -25.75 -5.73 -0.08
C GLU F 111 -26.84 -4.67 -0.08
N ILE F 112 -27.19 -4.21 -1.28
CA ILE F 112 -28.17 -3.14 -1.46
C ILE F 112 -29.55 -3.74 -1.60
N LYS F 113 -30.52 -3.17 -0.87
CA LYS F 113 -31.92 -3.57 -0.96
C LYS F 113 -32.61 -2.84 -2.12
N ARG F 114 -33.58 -3.50 -2.72
CA ARG F 114 -34.20 -3.01 -3.94
C ARG F 114 -35.63 -3.51 -4.00
N THR F 115 -36.46 -2.80 -4.78
CA THR F 115 -37.78 -3.33 -5.15
C THR F 115 -37.60 -4.69 -5.80
N VAL F 116 -38.54 -5.60 -5.52
CA VAL F 116 -38.40 -6.95 -6.07
C VAL F 116 -38.63 -6.90 -7.58
N ALA F 117 -37.81 -7.68 -8.30
CA ALA F 117 -37.83 -7.69 -9.76
C ALA F 117 -37.87 -9.14 -10.22
N ALA F 118 -38.88 -9.46 -11.04
CA ALA F 118 -39.02 -10.83 -11.52
C ALA F 118 -37.91 -11.14 -12.51
N PRO F 119 -37.41 -12.37 -12.52
CA PRO F 119 -36.39 -12.75 -13.51
C PRO F 119 -37.00 -13.09 -14.85
N SER F 120 -36.24 -12.80 -15.91
CA SER F 120 -36.58 -13.27 -17.24
C SER F 120 -35.83 -14.58 -17.48
N VAL F 121 -36.58 -15.65 -17.69
CA VAL F 121 -36.05 -17.01 -17.71
C VAL F 121 -35.74 -17.42 -19.14
N PHE F 122 -34.58 -18.05 -19.33
CA PHE F 122 -34.21 -18.67 -20.58
C PHE F 122 -33.64 -20.05 -20.30
N ILE F 123 -33.81 -20.97 -21.26
CA ILE F 123 -33.21 -22.30 -21.17
C ILE F 123 -32.46 -22.60 -22.46
N PHE F 124 -31.23 -23.10 -22.32
CA PHE F 124 -30.38 -23.47 -23.45
C PHE F 124 -30.21 -24.98 -23.51
N PRO F 125 -30.65 -25.66 -24.56
CA PRO F 125 -30.28 -27.07 -24.75
C PRO F 125 -28.80 -27.19 -25.01
N PRO F 126 -28.21 -28.38 -24.84
CA PRO F 126 -26.75 -28.48 -24.90
C PRO F 126 -26.23 -28.31 -26.32
N SER F 127 -24.96 -27.89 -26.39
CA SER F 127 -24.23 -27.88 -27.66
C SER F 127 -24.28 -29.25 -28.31
N ASP F 128 -24.23 -29.28 -29.63
CA ASP F 128 -23.99 -30.52 -30.34
C ASP F 128 -22.51 -30.84 -30.48
N GLU F 129 -21.64 -29.83 -30.33
CA GLU F 129 -20.21 -30.09 -30.16
C GLU F 129 -19.93 -30.78 -28.84
N GLN F 130 -20.64 -30.39 -27.78
CA GLN F 130 -20.45 -30.99 -26.48
C GLN F 130 -20.88 -32.46 -26.47
N LEU F 131 -21.90 -32.80 -27.26
CA LEU F 131 -22.38 -34.18 -27.28
C LEU F 131 -21.39 -35.14 -27.94
N LYS F 132 -20.34 -34.64 -28.59
CA LYS F 132 -19.26 -35.51 -29.03
C LYS F 132 -18.27 -35.81 -27.90
N SER F 133 -18.23 -34.97 -26.86
CA SER F 133 -17.37 -35.19 -25.72
C SER F 133 -17.90 -36.26 -24.77
N GLY F 134 -19.15 -36.69 -24.94
CA GLY F 134 -19.78 -37.62 -24.04
C GLY F 134 -20.48 -36.98 -22.86
N THR F 135 -20.53 -35.65 -22.81
CA THR F 135 -21.17 -34.92 -21.74
C THR F 135 -22.20 -33.96 -22.32
N ALA F 136 -23.19 -33.61 -21.51
CA ALA F 136 -24.25 -32.70 -21.93
C ALA F 136 -24.65 -31.82 -20.77
N SER F 137 -24.70 -30.51 -20.99
CA SER F 137 -25.04 -29.56 -19.94
C SER F 137 -26.23 -28.72 -20.38
N VAL F 138 -27.33 -28.81 -19.64
CA VAL F 138 -28.51 -27.98 -19.83
C VAL F 138 -28.47 -26.85 -18.81
N VAL F 139 -28.57 -25.61 -19.29
CA VAL F 139 -28.40 -24.45 -18.44
C VAL F 139 -29.66 -23.60 -18.48
N CYS F 140 -30.16 -23.26 -17.29
CA CYS F 140 -31.27 -22.34 -17.09
C CYS F 140 -30.73 -21.02 -16.58
N LEU F 141 -31.30 -19.91 -17.05
CA LEU F 141 -30.78 -18.58 -16.77
C LEU F 141 -31.89 -17.69 -16.20
N LEU F 142 -31.63 -17.12 -15.02
CA LEU F 142 -32.52 -16.14 -14.41
C LEU F 142 -31.81 -14.80 -14.49
N ASN F 143 -32.38 -13.85 -15.25
CA ASN F 143 -31.68 -12.62 -15.61
C ASN F 143 -32.33 -11.42 -14.93
N ASN F 144 -31.49 -10.63 -14.24
CA ASN F 144 -31.86 -9.32 -13.69
C ASN F 144 -33.06 -9.42 -12.76
N PHE F 145 -32.81 -9.93 -11.56
CA PHE F 145 -33.86 -10.13 -10.57
C PHE F 145 -33.34 -9.81 -9.17
N TYR F 146 -34.27 -9.52 -8.28
CA TYR F 146 -34.02 -9.29 -6.86
C TYR F 146 -35.29 -9.67 -6.12
N PRO F 147 -35.19 -10.27 -4.92
CA PRO F 147 -33.98 -10.72 -4.22
C PRO F 147 -33.43 -12.01 -4.82
N ARG F 148 -32.29 -12.47 -4.30
CA ARG F 148 -31.67 -13.67 -4.85
C ARG F 148 -32.53 -14.90 -4.57
N GLU F 149 -33.18 -14.96 -3.40
CA GLU F 149 -33.96 -16.13 -3.00
C GLU F 149 -34.90 -16.57 -4.11
N ALA F 150 -34.58 -17.70 -4.74
CA ALA F 150 -35.36 -18.24 -5.84
C ALA F 150 -35.12 -19.74 -5.90
N LYS F 151 -36.19 -20.53 -5.89
CA LYS F 151 -36.05 -21.97 -6.01
C LYS F 151 -36.23 -22.35 -7.49
N VAL F 152 -35.18 -22.93 -8.06
CA VAL F 152 -35.09 -23.28 -9.47
C VAL F 152 -35.03 -24.80 -9.56
N GLN F 153 -36.12 -25.40 -10.04
CA GLN F 153 -36.22 -26.85 -10.11
C GLN F 153 -36.06 -27.36 -11.53
N TRP F 154 -35.27 -28.42 -11.68
CA TRP F 154 -35.15 -29.15 -12.93
C TRP F 154 -36.14 -30.31 -12.92
N LYS F 155 -36.89 -30.47 -14.01
CA LYS F 155 -37.83 -31.59 -14.15
C LYS F 155 -37.54 -32.24 -15.51
N VAL F 156 -36.56 -33.14 -15.54
CA VAL F 156 -36.20 -33.85 -16.75
C VAL F 156 -37.24 -34.95 -16.98
N ASP F 157 -38.06 -34.78 -18.00
CA ASP F 157 -39.09 -35.76 -18.37
C ASP F 157 -40.21 -35.84 -17.33
N ASN F 158 -40.60 -34.69 -16.81
CA ASN F 158 -41.66 -34.53 -15.82
C ASN F 158 -41.37 -35.24 -14.51
N ALA F 159 -40.13 -35.66 -14.28
CA ALA F 159 -39.68 -36.18 -13.00
C ALA F 159 -38.78 -35.13 -12.38
N LEU F 160 -39.12 -34.67 -11.17
CA LEU F 160 -38.27 -33.71 -10.49
C LEU F 160 -36.91 -34.34 -10.20
N GLN F 161 -35.83 -33.64 -10.56
CA GLN F 161 -34.49 -34.21 -10.49
C GLN F 161 -33.63 -33.36 -9.55
N SER F 162 -32.91 -34.03 -8.64
CA SER F 162 -32.08 -33.36 -7.64
C SER F 162 -30.63 -33.79 -7.76
N GLY F 163 -29.75 -32.93 -7.24
CA GLY F 163 -28.43 -33.36 -6.92
C GLY F 163 -27.48 -33.49 -8.08
N ASN F 164 -27.89 -33.14 -9.29
CA ASN F 164 -26.94 -33.02 -10.39
C ASN F 164 -27.02 -31.65 -11.04
N SER F 165 -27.62 -30.67 -10.35
CA SER F 165 -27.66 -29.29 -10.78
C SER F 165 -26.84 -28.44 -9.83
N GLN F 166 -26.06 -27.51 -10.38
CA GLN F 166 -25.29 -26.56 -9.59
C GLN F 166 -25.62 -25.15 -10.05
N GLU F 167 -25.75 -24.24 -9.08
CA GLU F 167 -26.15 -22.87 -9.36
C GLU F 167 -24.97 -21.92 -9.18
N SER F 168 -25.07 -20.76 -9.81
CA SER F 168 -24.09 -19.71 -9.65
C SER F 168 -24.80 -18.37 -9.81
N VAL F 169 -24.39 -17.39 -9.00
CA VAL F 169 -25.00 -16.07 -8.99
C VAL F 169 -23.92 -15.04 -9.26
N THR F 170 -24.18 -14.13 -10.18
CA THR F 170 -23.28 -12.99 -10.34
C THR F 170 -23.30 -12.15 -9.07
N GLU F 171 -22.25 -11.36 -8.89
CA GLU F 171 -22.28 -10.39 -7.81
C GLU F 171 -23.26 -9.28 -8.17
N GLN F 172 -23.84 -8.65 -7.14
CA GLN F 172 -24.92 -7.70 -7.35
C GLN F 172 -24.48 -6.59 -8.29
N ASP F 173 -25.29 -6.36 -9.33
CA ASP F 173 -24.96 -5.36 -10.33
C ASP F 173 -24.86 -3.98 -9.69
N SER F 174 -23.80 -3.25 -10.04
CA SER F 174 -23.44 -2.01 -9.35
C SER F 174 -24.41 -0.87 -9.59
N LYS F 175 -25.35 -1.01 -10.52
CA LYS F 175 -26.20 0.12 -10.88
C LYS F 175 -27.70 -0.14 -10.73
N ASP F 176 -28.19 -1.32 -11.06
CA ASP F 176 -29.62 -1.63 -10.89
C ASP F 176 -29.88 -2.49 -9.65
N SER F 177 -28.83 -2.93 -8.95
CA SER F 177 -28.96 -3.71 -7.71
C SER F 177 -29.71 -5.02 -7.92
N THR F 178 -29.39 -5.71 -9.02
CA THR F 178 -29.99 -6.99 -9.34
C THR F 178 -28.91 -8.06 -9.46
N TYR F 179 -29.32 -9.31 -9.32
CA TYR F 179 -28.47 -10.46 -9.55
C TYR F 179 -28.89 -11.15 -10.84
N SER F 180 -28.18 -12.23 -11.17
CA SER F 180 -28.59 -13.12 -12.24
C SER F 180 -28.01 -14.50 -11.93
N LEU F 181 -28.81 -15.53 -12.18
CA LEU F 181 -28.50 -16.89 -11.77
C LEU F 181 -28.42 -17.81 -12.98
N SER F 182 -27.53 -18.81 -12.88
CA SER F 182 -27.43 -19.85 -13.89
C SER F 182 -27.46 -21.20 -13.17
N SER F 183 -28.54 -21.96 -13.37
CA SER F 183 -28.68 -23.31 -12.83
C SER F 183 -28.27 -24.28 -13.94
N THR F 184 -27.16 -24.97 -13.75
CA THR F 184 -26.56 -25.82 -14.77
C THR F 184 -26.76 -27.28 -14.37
N LEU F 185 -27.60 -28.00 -15.11
CA LEU F 185 -27.76 -29.43 -14.95
C LEU F 185 -26.86 -30.16 -15.95
N THR F 186 -25.93 -30.94 -15.44
CA THR F 186 -25.01 -31.68 -16.30
C THR F 186 -25.17 -33.18 -16.06
N LEU F 187 -25.19 -33.93 -17.16
CA LEU F 187 -25.32 -35.38 -17.13
C LEU F 187 -24.61 -35.95 -18.36
N SER F 188 -24.43 -37.27 -18.37
CA SER F 188 -23.75 -37.93 -19.47
C SER F 188 -24.62 -37.90 -20.73
N LYS F 189 -23.96 -38.10 -21.88
CA LYS F 189 -24.68 -38.13 -23.15
C LYS F 189 -25.60 -39.34 -23.22
N ALA F 190 -25.15 -40.48 -22.71
CA ALA F 190 -25.98 -41.68 -22.70
C ALA F 190 -27.29 -41.43 -21.95
N ASP F 191 -27.19 -40.92 -20.72
CA ASP F 191 -28.40 -40.60 -19.95
C ASP F 191 -29.18 -39.45 -20.56
N TYR F 192 -28.51 -38.58 -21.32
CA TYR F 192 -29.21 -37.44 -21.91
C TYR F 192 -30.24 -37.89 -22.93
N GLU F 193 -29.90 -38.87 -23.75
CA GLU F 193 -30.79 -39.32 -24.82
C GLU F 193 -31.82 -40.33 -24.35
N LYS F 194 -31.84 -40.66 -23.05
CA LYS F 194 -32.89 -41.50 -22.48
C LYS F 194 -34.17 -40.73 -22.21
N HIS F 195 -34.08 -39.41 -22.05
CA HIS F 195 -35.23 -38.57 -21.75
C HIS F 195 -35.45 -37.58 -22.88
N LYS F 196 -36.66 -37.01 -22.93
CA LYS F 196 -37.07 -36.19 -24.06
C LYS F 196 -37.38 -34.75 -23.69
N VAL F 197 -38.20 -34.50 -22.67
CA VAL F 197 -38.63 -33.15 -22.35
C VAL F 197 -37.82 -32.65 -21.16
N TYR F 198 -37.12 -31.54 -21.35
CA TYR F 198 -36.25 -30.94 -20.33
C TYR F 198 -36.83 -29.58 -19.96
N ALA F 199 -37.22 -29.43 -18.71
CA ALA F 199 -37.95 -28.25 -18.27
C ALA F 199 -37.28 -27.63 -17.05
N CYS F 200 -37.28 -26.31 -17.02
CA CYS F 200 -36.74 -25.55 -15.91
C CYS F 200 -37.85 -24.68 -15.33
N GLU F 201 -38.22 -24.93 -14.07
CA GLU F 201 -39.32 -24.23 -13.43
C GLU F 201 -38.76 -23.32 -12.34
N VAL F 202 -39.15 -22.04 -12.39
CA VAL F 202 -38.65 -21.01 -11.47
C VAL F 202 -39.79 -20.54 -10.59
N THR F 203 -39.59 -20.62 -9.28
CA THR F 203 -40.49 -20.00 -8.31
C THR F 203 -39.75 -18.84 -7.65
N HIS F 204 -40.30 -17.64 -7.79
CA HIS F 204 -39.66 -16.45 -7.26
C HIS F 204 -40.70 -15.48 -6.73
N GLN F 205 -40.29 -14.68 -5.75
CA GLN F 205 -41.19 -13.74 -5.10
C GLN F 205 -41.76 -12.73 -6.09
N GLY F 206 -41.04 -12.46 -7.17
CA GLY F 206 -41.48 -11.52 -8.17
C GLY F 206 -42.42 -12.07 -9.21
N LEU F 207 -42.82 -13.32 -9.09
CA LEU F 207 -43.66 -13.99 -10.08
C LEU F 207 -44.98 -14.44 -9.44
N SER F 208 -46.08 -14.19 -10.16
CA SER F 208 -47.40 -14.59 -9.64
C SER F 208 -47.50 -16.10 -9.47
N SER F 209 -46.85 -16.86 -10.35
CA SER F 209 -46.88 -18.31 -10.31
C SER F 209 -45.62 -18.82 -10.99
N PRO F 210 -45.20 -20.05 -10.70
CA PRO F 210 -43.97 -20.57 -11.30
C PRO F 210 -44.01 -20.52 -12.81
N VAL F 211 -43.04 -19.81 -13.40
CA VAL F 211 -42.86 -19.76 -14.84
C VAL F 211 -41.91 -20.87 -15.25
N THR F 212 -42.36 -21.74 -16.15
CA THR F 212 -41.57 -22.86 -16.65
C THR F 212 -41.11 -22.57 -18.07
N LYS F 213 -39.88 -22.99 -18.39
CA LYS F 213 -39.35 -22.87 -19.75
C LYS F 213 -38.71 -24.20 -20.12
N SER F 214 -39.32 -24.91 -21.07
CA SER F 214 -38.92 -26.26 -21.41
C SER F 214 -38.44 -26.35 -22.86
N PHE F 215 -38.02 -27.55 -23.24
CA PHE F 215 -37.71 -27.87 -24.62
C PHE F 215 -37.71 -29.38 -24.78
N ASN F 216 -38.03 -29.83 -25.98
CA ASN F 216 -37.94 -31.25 -26.34
C ASN F 216 -36.64 -31.48 -27.10
N ARG F 217 -36.01 -32.62 -26.81
CA ARG F 217 -34.66 -32.87 -27.33
C ARG F 217 -34.67 -33.05 -28.84
N GLY F 218 -33.79 -32.34 -29.53
CA GLY F 218 -33.60 -32.50 -30.95
C GLY F 218 -34.65 -31.86 -31.82
N GLU F 219 -35.28 -30.79 -31.37
CA GLU F 219 -36.30 -30.10 -32.16
C GLU F 219 -36.09 -28.58 -32.11
N GLN G 1 44.95 10.33 32.29
CA GLN G 1 45.06 8.89 32.51
C GLN G 1 45.19 8.57 34.00
N VAL G 2 45.01 7.29 34.33
CA VAL G 2 45.17 6.86 35.71
C VAL G 2 46.66 6.79 36.04
N GLN G 3 47.02 7.31 37.23
CA GLN G 3 48.38 7.18 37.72
C GLN G 3 48.34 6.78 39.19
N LEU G 4 49.20 5.83 39.56
CA LEU G 4 49.32 5.32 40.92
C LEU G 4 50.72 5.64 41.41
N VAL G 5 50.83 6.35 42.53
CA VAL G 5 52.13 6.66 43.12
C VAL G 5 52.17 6.07 44.54
N GLU G 6 53.14 5.20 44.79
CA GLU G 6 53.24 4.56 46.09
C GLU G 6 54.25 5.29 46.97
N SER G 7 54.16 5.04 48.28
CA SER G 7 55.01 5.74 49.23
C SER G 7 55.11 4.93 50.51
N GLY G 8 56.17 5.19 51.28
CA GLY G 8 56.29 4.66 52.62
C GLY G 8 57.27 3.52 52.80
N GLY G 9 57.91 3.04 51.73
CA GLY G 9 58.86 1.95 51.88
C GLY G 9 60.16 2.40 52.50
N GLY G 10 60.92 1.43 53.00
CA GLY G 10 62.24 1.74 53.52
C GLY G 10 62.78 0.61 54.37
N LEU G 11 63.92 0.89 54.99
CA LEU G 11 64.55 -0.05 55.91
C LEU G 11 63.71 -0.18 57.17
N MET G 12 63.57 -1.40 57.68
CA MET G 12 62.90 -1.61 58.95
C MET G 12 63.40 -2.89 59.60
N GLN G 13 63.67 -2.82 60.90
CA GLN G 13 64.02 -4.00 61.68
C GLN G 13 62.86 -4.98 61.71
N ALA G 14 63.18 -6.27 61.76
CA ALA G 14 62.14 -7.28 61.86
C ALA G 14 61.35 -7.12 63.14
N GLY G 15 60.06 -7.45 63.07
CA GLY G 15 59.15 -7.26 64.17
C GLY G 15 58.52 -5.89 64.25
N GLY G 16 58.93 -4.95 63.41
CA GLY G 16 58.44 -3.59 63.47
C GLY G 16 57.19 -3.37 62.64
N SER G 17 56.80 -2.10 62.52
CA SER G 17 55.62 -1.69 61.79
C SER G 17 56.02 -0.81 60.62
N LEU G 18 55.24 -0.89 59.54
CA LEU G 18 55.42 -0.04 58.38
C LEU G 18 54.06 0.15 57.71
N ARG G 19 53.81 1.37 57.20
CA ARG G 19 52.59 1.67 56.49
C ARG G 19 52.93 2.22 55.12
N LEU G 20 52.55 1.50 54.08
CA LEU G 20 52.66 1.99 52.71
C LEU G 20 51.35 2.64 52.27
N SER G 21 51.47 3.65 51.41
CA SER G 21 50.31 4.33 50.86
C SER G 21 50.50 4.49 49.36
N CYS G 22 49.40 4.40 48.62
CA CYS G 22 49.39 4.52 47.18
C CYS G 22 48.26 5.46 46.79
N ALA G 23 48.61 6.58 46.14
CA ALA G 23 47.64 7.59 45.72
C ALA G 23 47.29 7.40 44.25
N VAL G 24 46.01 7.55 43.92
CA VAL G 24 45.55 7.39 42.54
C VAL G 24 44.95 8.70 42.06
N SER G 25 45.41 9.18 40.89
CA SER G 25 44.80 10.32 40.22
C SER G 25 44.12 9.83 38.95
N GLY G 26 42.93 10.35 38.66
CA GLY G 26 42.26 10.02 37.43
C GLY G 26 40.81 9.58 37.56
N ARG G 27 40.42 8.55 36.81
CA ARG G 27 39.05 8.04 36.84
C ARG G 27 38.72 7.50 38.22
N THR G 28 38.26 8.36 39.12
CA THR G 28 38.27 7.99 40.53
C THR G 28 37.14 7.03 40.90
N PHE G 29 35.89 7.29 40.49
CA PHE G 29 34.85 6.36 40.94
C PHE G 29 34.54 5.26 39.95
N SER G 30 35.28 5.15 38.87
CA SER G 30 35.29 3.88 38.16
C SER G 30 35.97 2.79 38.95
N THR G 31 36.68 3.14 40.03
CA THR G 31 37.48 2.20 40.79
C THR G 31 36.60 1.13 41.41
N ALA G 32 36.93 -0.13 41.11
CA ALA G 32 36.26 -1.27 41.71
C ALA G 32 37.02 -1.81 42.90
N ALA G 33 38.33 -2.00 42.77
CA ALA G 33 39.15 -2.58 43.83
C ALA G 33 40.59 -2.11 43.69
N MET G 34 41.27 -2.02 44.83
CA MET G 34 42.70 -1.79 44.89
C MET G 34 43.38 -3.02 45.48
N GLY G 35 44.65 -3.22 45.12
CA GLY G 35 45.38 -4.39 45.59
C GLY G 35 46.85 -4.10 45.72
N TRP G 36 47.51 -4.88 46.57
CA TRP G 36 48.95 -4.79 46.80
C TRP G 36 49.62 -6.08 46.36
N PHE G 37 50.74 -5.94 45.65
CA PHE G 37 51.54 -7.07 45.21
C PHE G 37 52.99 -6.82 45.60
N ARG G 38 53.77 -7.90 45.68
CA ARG G 38 55.17 -7.77 46.03
C ARG G 38 55.99 -8.74 45.18
N GLN G 39 57.21 -8.34 44.88
CA GLN G 39 58.11 -9.17 44.08
C GLN G 39 59.53 -9.03 44.62
N ALA G 40 60.08 -10.15 45.12
CA ALA G 40 61.48 -10.21 45.52
C ALA G 40 62.34 -10.54 44.32
N PRO G 41 63.62 -10.15 44.34
CA PRO G 41 64.50 -10.45 43.19
C PRO G 41 64.60 -11.95 42.96
N GLY G 42 64.44 -12.35 41.70
CA GLY G 42 64.57 -13.74 41.32
C GLY G 42 63.35 -14.60 41.58
N LYS G 43 62.30 -14.05 42.17
CA LYS G 43 61.06 -14.76 42.41
C LYS G 43 59.94 -14.06 41.64
N GLU G 44 58.80 -14.74 41.57
CA GLU G 44 57.65 -14.23 40.83
C GLU G 44 56.84 -13.28 41.68
N ARG G 45 56.22 -12.31 41.01
CA ARG G 45 55.30 -11.39 41.68
C ARG G 45 54.16 -12.17 42.31
N GLU G 46 53.84 -11.85 43.56
CA GLU G 46 52.83 -12.60 44.30
C GLU G 46 51.82 -11.65 44.94
N PHE G 47 50.61 -12.17 45.11
CA PHE G 47 49.50 -11.39 45.66
C PHE G 47 49.67 -11.22 47.17
N VAL G 48 49.31 -10.04 47.66
CA VAL G 48 49.40 -9.70 49.08
C VAL G 48 48.02 -9.49 49.69
N ALA G 49 47.30 -8.48 49.22
CA ALA G 49 45.98 -8.16 49.75
C ALA G 49 45.26 -7.27 48.78
N ALA G 50 43.93 -7.38 48.74
CA ALA G 50 43.07 -6.55 47.91
C ALA G 50 41.92 -5.99 48.74
N ILE G 51 41.36 -4.88 48.26
CA ILE G 51 40.29 -4.18 48.94
C ILE G 51 39.26 -3.71 47.91
N ARG G 52 37.98 -3.86 48.23
CA ARG G 52 36.91 -3.37 47.38
C ARG G 52 36.63 -1.91 47.69
N TRP G 53 36.65 -1.07 46.66
CA TRP G 53 36.48 0.36 46.86
C TRP G 53 35.16 0.66 47.57
N SER G 54 34.05 0.17 47.01
CA SER G 54 32.77 0.22 47.70
C SER G 54 32.74 -0.83 48.80
N GLY G 55 32.16 -0.46 49.94
CA GLY G 55 32.07 -1.41 51.03
C GLY G 55 33.34 -1.52 51.85
N GLY G 56 34.45 -1.90 51.23
CA GLY G 56 35.72 -1.95 51.92
C GLY G 56 36.09 -3.27 52.55
N SER G 57 35.52 -4.38 52.08
CA SER G 57 35.87 -5.68 52.61
C SER G 57 37.14 -6.22 51.94
N ALA G 58 37.92 -6.98 52.72
CA ALA G 58 39.30 -7.29 52.40
C ALA G 58 39.51 -8.76 52.07
N TYR G 59 40.54 -9.02 51.27
CA TYR G 59 41.02 -10.38 51.00
C TYR G 59 42.54 -10.40 51.16
N TYR G 60 43.04 -11.43 51.84
CA TYR G 60 44.44 -11.52 52.21
C TYR G 60 45.06 -12.82 51.74
N ALA G 61 46.30 -12.75 51.27
CA ALA G 61 47.08 -13.96 51.08
C ALA G 61 47.37 -14.59 52.45
N ASP G 62 47.45 -15.92 52.48
CA ASP G 62 47.65 -16.60 53.74
C ASP G 62 48.99 -16.27 54.38
N SER G 63 49.96 -15.80 53.57
CA SER G 63 51.28 -15.49 54.10
C SER G 63 51.27 -14.31 55.06
N VAL G 64 50.26 -13.44 54.98
CA VAL G 64 50.24 -12.19 55.74
C VAL G 64 48.97 -12.02 56.58
N LYS G 65 48.13 -13.05 56.66
CA LYS G 65 46.95 -12.97 57.50
C LYS G 65 47.34 -12.69 58.95
N GLY G 66 46.60 -11.77 59.57
CA GLY G 66 46.89 -11.40 60.95
C GLY G 66 48.09 -10.50 61.12
N ARG G 67 48.87 -10.25 60.07
CA ARG G 67 50.05 -9.40 60.12
C ARG G 67 49.89 -8.11 59.32
N PHE G 68 49.34 -8.20 58.11
CA PHE G 68 49.06 -7.04 57.28
C PHE G 68 47.56 -6.76 57.30
N THR G 69 47.20 -5.48 57.23
CA THR G 69 45.79 -5.11 57.07
C THR G 69 45.66 -4.01 56.03
N ILE G 70 44.70 -4.19 55.11
CA ILE G 70 44.50 -3.31 53.97
C ILE G 70 43.43 -2.29 54.31
N SER G 71 43.60 -1.08 53.79
CA SER G 71 42.73 0.04 54.17
C SER G 71 42.58 1.00 52.99
N ARG G 72 41.43 1.67 52.94
CA ARG G 72 41.14 2.59 51.84
C ARG G 72 40.53 3.86 52.38
N ASP G 73 40.96 4.99 51.82
CA ASP G 73 40.35 6.30 52.06
C ASP G 73 39.79 6.76 50.72
N LYS G 74 38.46 6.72 50.57
CA LYS G 74 37.82 7.11 49.32
C LYS G 74 37.93 8.61 49.06
N ALA G 75 37.95 9.44 50.12
CA ALA G 75 37.95 10.90 49.91
C ALA G 75 39.28 11.37 49.35
N LYS G 76 40.39 10.85 49.89
CA LYS G 76 41.73 11.18 49.43
C LYS G 76 42.21 10.25 48.33
N ASN G 77 41.48 9.18 48.05
CA ASN G 77 41.76 8.27 46.93
C ASN G 77 43.14 7.64 47.08
N THR G 78 43.40 7.11 48.27
CA THR G 78 44.64 6.39 48.53
C THR G 78 44.30 5.11 49.27
N VAL G 79 45.07 4.06 49.00
CA VAL G 79 44.96 2.78 49.67
C VAL G 79 46.21 2.59 50.50
N TYR G 80 46.07 1.96 51.67
CA TYR G 80 47.17 1.78 52.59
C TYR G 80 47.40 0.31 52.89
N LEU G 81 48.64 -0.02 53.24
CA LEU G 81 49.01 -1.37 53.68
C LEU G 81 49.78 -1.22 54.98
N GLN G 82 49.20 -1.70 56.08
CA GLN G 82 49.84 -1.65 57.39
C GLN G 82 50.56 -2.98 57.61
N MET G 83 51.89 -2.95 57.57
CA MET G 83 52.72 -4.15 57.69
C MET G 83 53.31 -4.21 59.09
N ASN G 84 52.67 -4.99 59.96
CA ASN G 84 53.16 -5.22 61.31
C ASN G 84 53.65 -6.66 61.44
N SER G 85 54.57 -6.88 62.37
CA SER G 85 55.25 -8.17 62.53
C SER G 85 56.04 -8.53 61.27
N LEU G 86 56.76 -7.55 60.73
CA LEU G 86 57.53 -7.75 59.51
C LEU G 86 58.58 -8.83 59.69
N LYS G 87 58.78 -9.65 58.64
CA LYS G 87 59.72 -10.75 58.68
C LYS G 87 60.81 -10.59 57.63
N TYR G 88 61.89 -11.35 57.81
CA TYR G 88 63.00 -11.29 56.87
C TYR G 88 62.55 -11.56 55.45
N GLU G 89 61.59 -12.47 55.27
CA GLU G 89 61.15 -12.86 53.93
C GLU G 89 60.07 -11.94 53.38
N ASP G 90 59.75 -10.86 54.07
CA ASP G 90 58.82 -9.85 53.55
C ASP G 90 59.52 -8.82 52.67
N THR G 91 60.84 -8.89 52.57
CA THR G 91 61.60 -7.96 51.74
C THR G 91 61.23 -8.16 50.28
N ALA G 92 60.73 -7.10 49.65
CA ALA G 92 60.36 -7.16 48.24
C ALA G 92 60.05 -5.74 47.78
N VAL G 93 59.66 -5.63 46.51
CA VAL G 93 59.15 -4.39 45.94
C VAL G 93 57.63 -4.48 45.93
N TYR G 94 56.96 -3.53 46.57
CA TYR G 94 55.52 -3.60 46.78
C TYR G 94 54.81 -2.67 45.78
N TYR G 95 53.93 -3.25 44.97
CA TYR G 95 53.17 -2.53 43.96
C TYR G 95 51.72 -2.42 44.38
N CYS G 96 51.09 -1.30 44.06
CA CYS G 96 49.65 -1.11 44.23
C CYS G 96 49.00 -1.20 42.85
N ALA G 97 47.91 -1.95 42.76
CA ALA G 97 47.22 -2.15 41.51
C ALA G 97 45.78 -1.71 41.65
N ARG G 98 45.19 -1.30 40.52
CA ARG G 98 43.84 -0.75 40.47
C ARG G 98 43.07 -1.43 39.36
N THR G 99 41.82 -1.76 39.63
CA THR G 99 40.94 -2.35 38.62
C THR G 99 39.57 -1.72 38.70
N GLU G 100 38.93 -1.58 37.54
CA GLU G 100 37.55 -1.13 37.46
C GLU G 100 36.57 -2.29 37.33
N ASN G 101 37.08 -3.52 37.34
CA ASN G 101 36.27 -4.73 37.20
C ASN G 101 35.58 -5.03 38.53
N VAL G 102 34.28 -4.77 38.60
CA VAL G 102 33.49 -5.11 39.78
C VAL G 102 33.18 -6.60 39.72
N ARG G 103 33.76 -7.38 40.63
CA ARG G 103 33.60 -8.82 40.66
C ARG G 103 32.86 -9.21 41.94
N SER G 104 31.83 -10.07 41.78
CA SER G 104 31.03 -10.48 42.93
C SER G 104 31.88 -11.22 43.95
N LEU G 105 32.50 -12.32 43.53
CA LEU G 105 33.40 -13.06 44.41
C LEU G 105 34.62 -12.21 44.75
N LEU G 106 34.80 -11.89 46.03
CA LEU G 106 35.96 -11.10 46.43
C LEU G 106 37.28 -11.84 46.22
N SER G 107 37.25 -13.18 46.26
CA SER G 107 38.46 -13.97 46.02
C SER G 107 38.98 -13.86 44.60
N ASP G 108 38.24 -13.22 43.69
CA ASP G 108 38.72 -13.07 42.33
C ASP G 108 39.86 -12.06 42.25
N TYR G 109 39.86 -11.06 43.14
CA TYR G 109 40.89 -10.03 43.09
C TYR G 109 42.27 -10.55 43.49
N ALA G 110 42.37 -11.79 43.98
CA ALA G 110 43.67 -12.36 44.25
C ALA G 110 44.32 -12.92 42.99
N THR G 111 43.54 -13.20 41.94
CA THR G 111 44.08 -13.81 40.73
C THR G 111 43.66 -13.11 39.44
N TRP G 112 42.60 -12.31 39.44
CA TRP G 112 42.17 -11.64 38.21
C TRP G 112 43.12 -10.48 37.88
N PRO G 113 43.27 -10.16 36.60
CA PRO G 113 44.24 -9.13 36.21
C PRO G 113 43.78 -7.73 36.59
N TYR G 114 44.76 -6.87 36.87
CA TYR G 114 44.56 -5.45 37.11
C TYR G 114 45.07 -4.68 35.90
N ASP G 115 44.43 -3.54 35.60
CA ASP G 115 44.79 -2.76 34.44
C ASP G 115 45.80 -1.65 34.74
N TYR G 116 45.87 -1.18 35.99
CA TYR G 116 46.70 -0.03 36.34
C TYR G 116 47.58 -0.37 37.52
N TRP G 117 48.90 -0.25 37.33
CA TRP G 117 49.89 -0.52 38.36
C TRP G 117 50.72 0.73 38.62
N GLY G 118 51.24 0.82 39.84
CA GLY G 118 52.33 1.74 40.11
C GLY G 118 53.64 1.10 39.72
N GLN G 119 54.73 1.81 40.01
CA GLN G 119 56.06 1.25 39.80
C GLN G 119 56.67 0.68 41.07
N GLY G 120 55.99 0.77 42.20
CA GLY G 120 56.36 0.05 43.40
C GLY G 120 57.26 0.84 44.31
N THR G 121 57.31 0.42 45.58
CA THR G 121 58.31 0.89 46.52
C THR G 121 58.97 -0.29 47.21
N GLN G 122 60.17 -0.04 47.71
CA GLN G 122 61.01 -1.07 48.29
C GLN G 122 60.79 -1.16 49.79
N VAL G 123 60.50 -2.37 50.27
CA VAL G 123 60.52 -2.70 51.68
C VAL G 123 61.71 -3.61 51.94
N THR G 124 62.49 -3.31 52.97
CA THR G 124 63.64 -4.12 53.33
C THR G 124 63.62 -4.37 54.84
N VAL G 125 63.54 -5.64 55.21
CA VAL G 125 63.49 -6.07 56.61
C VAL G 125 64.84 -6.64 56.99
N SER G 126 65.45 -6.09 58.04
CA SER G 126 66.74 -6.56 58.51
C SER G 126 66.55 -7.56 59.64
N SER G 127 67.61 -8.27 59.96
CA SER G 127 67.59 -9.27 61.03
C SER G 127 67.04 -8.69 62.33
N GLN H 1 -49.75 25.20 -4.23
CA GLN H 1 -49.78 24.86 -5.65
C GLN H 1 -49.97 26.10 -6.51
N VAL H 2 -49.53 26.02 -7.76
CA VAL H 2 -49.76 27.09 -8.74
C VAL H 2 -51.20 27.00 -9.23
N GLN H 3 -51.91 28.13 -9.16
CA GLN H 3 -53.26 28.21 -9.68
C GLN H 3 -53.48 29.52 -10.41
N LEU H 4 -54.10 29.43 -11.58
CA LEU H 4 -54.38 30.57 -12.44
C LEU H 4 -55.88 30.85 -12.37
N VAL H 5 -56.25 32.12 -12.28
CA VAL H 5 -57.65 32.50 -12.18
C VAL H 5 -57.96 33.51 -13.29
N GLU H 6 -58.97 33.19 -14.11
CA GLU H 6 -59.36 34.05 -15.21
C GLU H 6 -60.41 35.06 -14.75
N SER H 7 -60.45 36.20 -15.42
CA SER H 7 -61.33 37.29 -15.03
C SER H 7 -61.71 38.10 -16.26
N GLY H 8 -62.87 38.75 -16.19
CA GLY H 8 -63.23 39.74 -17.19
C GLY H 8 -64.06 39.25 -18.35
N GLY H 9 -64.50 38.00 -18.35
CA GLY H 9 -65.38 37.54 -19.40
C GLY H 9 -66.77 38.14 -19.32
N GLY H 10 -67.54 37.96 -20.38
CA GLY H 10 -68.92 38.40 -20.39
C GLY H 10 -69.44 38.59 -21.80
N LEU H 11 -70.61 39.21 -21.87
CA LEU H 11 -71.33 39.47 -23.11
C LEU H 11 -71.00 40.89 -23.58
N MET H 12 -70.66 41.04 -24.87
CA MET H 12 -70.48 42.37 -25.44
C MET H 12 -70.69 42.32 -26.95
N GLN H 13 -71.38 43.34 -27.48
CA GLN H 13 -71.77 43.36 -28.89
C GLN H 13 -70.55 43.65 -29.75
N ALA H 14 -70.58 43.11 -30.97
CA ALA H 14 -69.43 43.18 -31.87
C ALA H 14 -68.96 44.60 -32.10
N GLY H 15 -67.68 44.75 -32.41
CA GLY H 15 -67.04 46.05 -32.53
C GLY H 15 -66.54 46.62 -31.22
N GLY H 16 -66.87 46.01 -30.09
CA GLY H 16 -66.52 46.54 -28.79
C GLY H 16 -65.20 46.01 -28.28
N SER H 17 -64.88 46.38 -27.04
CA SER H 17 -63.61 46.05 -26.43
C SER H 17 -63.83 45.21 -25.18
N LEU H 18 -62.86 44.35 -24.88
CA LEU H 18 -62.89 43.51 -23.70
C LEU H 18 -61.46 43.20 -23.27
N ARG H 19 -61.22 43.25 -21.95
CA ARG H 19 -59.91 42.98 -21.36
C ARG H 19 -60.04 41.87 -20.33
N LEU H 20 -59.44 40.72 -20.62
CA LEU H 20 -59.43 39.62 -19.66
C LEU H 20 -58.12 39.61 -18.88
N SER H 21 -58.23 39.18 -17.63
CA SER H 21 -57.09 39.06 -16.73
C SER H 21 -56.98 37.61 -16.26
N CYS H 22 -55.74 37.22 -15.94
CA CYS H 22 -55.45 35.87 -15.46
C CYS H 22 -54.38 36.00 -14.38
N ALA H 23 -54.78 35.88 -13.12
CA ALA H 23 -53.87 36.07 -11.99
C ALA H 23 -53.23 34.75 -11.59
N VAL H 24 -51.93 34.80 -11.30
CA VAL H 24 -51.14 33.61 -10.99
C VAL H 24 -50.67 33.68 -9.54
N SER H 25 -50.77 32.57 -8.83
CA SER H 25 -50.32 32.47 -7.45
C SER H 25 -49.45 31.22 -7.27
N GLY H 26 -48.28 31.41 -6.66
CA GLY H 26 -47.38 30.31 -6.34
C GLY H 26 -45.97 30.50 -6.87
N ARG H 27 -45.38 29.42 -7.38
CA ARG H 27 -44.07 29.38 -8.03
C ARG H 27 -43.94 30.51 -9.05
N THR H 28 -43.55 31.72 -8.63
CA THR H 28 -43.57 32.87 -9.55
C THR H 28 -42.28 33.05 -10.38
N PHE H 29 -41.10 32.97 -9.75
CA PHE H 29 -39.87 33.24 -10.49
C PHE H 29 -39.57 32.19 -11.57
N SER H 30 -40.31 31.09 -11.61
CA SER H 30 -40.09 30.06 -12.61
C SER H 30 -40.89 30.30 -13.89
N THR H 31 -41.64 31.40 -13.97
CA THR H 31 -42.52 31.64 -15.11
C THR H 31 -41.69 31.88 -16.36
N ALA H 32 -41.93 31.07 -17.39
CA ALA H 32 -41.24 31.24 -18.66
C ALA H 32 -42.10 32.03 -19.62
N ALA H 33 -43.38 31.69 -19.71
CA ALA H 33 -44.29 32.36 -20.62
C ALA H 33 -45.72 32.06 -20.19
N MET H 34 -46.62 32.97 -20.58
CA MET H 34 -48.05 32.77 -20.45
C MET H 34 -48.68 32.82 -21.83
N GLY H 35 -49.81 32.12 -21.98
CA GLY H 35 -50.52 32.14 -23.24
C GLY H 35 -52.01 32.08 -23.02
N TRP H 36 -52.75 32.55 -24.01
CA TRP H 36 -54.20 32.50 -24.02
C TRP H 36 -54.67 31.53 -25.10
N PHE H 37 -55.64 30.71 -24.75
CA PHE H 37 -56.28 29.78 -25.68
C PHE H 37 -57.78 29.98 -25.60
N ARG H 38 -58.48 29.61 -26.66
CA ARG H 38 -59.93 29.70 -26.65
C ARG H 38 -60.52 28.46 -27.30
N GLN H 39 -61.78 28.20 -26.98
CA GLN H 39 -62.45 27.00 -27.45
C GLN H 39 -63.94 27.28 -27.53
N ALA H 40 -64.50 27.27 -28.74
CA ALA H 40 -65.95 27.32 -28.92
C ALA H 40 -66.52 25.92 -28.78
N PRO H 41 -67.80 25.79 -28.40
CA PRO H 41 -68.39 24.45 -28.25
C PRO H 41 -68.31 23.65 -29.54
N GLY H 42 -67.91 22.37 -29.42
CA GLY H 42 -67.82 21.48 -30.55
C GLY H 42 -66.61 21.66 -31.44
N LYS H 43 -65.87 22.75 -31.31
CA LYS H 43 -64.65 22.99 -32.07
C LYS H 43 -63.43 22.93 -31.15
N GLU H 44 -62.25 22.71 -31.74
CA GLU H 44 -61.07 22.37 -30.95
C GLU H 44 -60.33 23.60 -30.44
N ARG H 45 -59.65 23.40 -29.31
CA ARG H 45 -58.85 24.46 -28.68
C ARG H 45 -57.88 25.06 -29.68
N GLU H 46 -57.75 26.39 -29.65
CA GLU H 46 -56.85 27.08 -30.55
C GLU H 46 -56.07 28.16 -29.80
N PHE H 47 -54.80 28.25 -30.15
CA PHE H 47 -53.92 29.28 -29.61
C PHE H 47 -54.33 30.65 -30.14
N VAL H 48 -54.19 31.68 -29.30
CA VAL H 48 -54.46 33.03 -29.76
C VAL H 48 -53.27 33.95 -29.51
N ALA H 49 -52.66 33.87 -28.33
CA ALA H 49 -51.55 34.76 -28.01
C ALA H 49 -50.73 34.18 -26.86
N ALA H 50 -49.42 34.43 -26.92
CA ALA H 50 -48.49 34.05 -25.87
C ALA H 50 -47.54 35.21 -25.64
N ILE H 51 -47.00 35.30 -24.43
CA ILE H 51 -46.05 36.35 -24.06
C ILE H 51 -44.98 35.74 -23.18
N ARG H 52 -43.72 36.13 -23.43
CA ARG H 52 -42.63 35.67 -22.58
C ARG H 52 -42.59 36.52 -21.33
N TRP H 53 -42.44 35.86 -20.18
CA TRP H 53 -42.40 36.59 -18.92
C TRP H 53 -41.21 37.54 -18.86
N SER H 54 -40.01 37.02 -19.16
CA SER H 54 -38.84 37.86 -19.31
C SER H 54 -38.91 38.59 -20.65
N GLY H 55 -38.74 39.90 -20.61
CA GLY H 55 -38.74 40.70 -21.84
C GLY H 55 -40.10 41.15 -22.37
N GLY H 56 -41.06 40.23 -22.43
CA GLY H 56 -42.41 40.59 -22.77
C GLY H 56 -42.77 40.61 -24.24
N SER H 57 -41.91 40.10 -25.11
CA SER H 57 -42.25 40.04 -26.53
C SER H 57 -43.36 39.03 -26.76
N ALA H 58 -44.25 39.32 -27.70
CA ALA H 58 -45.50 38.59 -27.86
C ALA H 58 -45.55 37.85 -29.18
N TYR H 59 -46.28 36.74 -29.18
CA TYR H 59 -46.59 35.97 -30.38
C TYR H 59 -48.10 35.85 -30.53
N TYR H 60 -48.61 36.05 -31.75
CA TYR H 60 -50.03 36.10 -32.00
C TYR H 60 -50.43 35.15 -33.11
N ALA H 61 -51.55 34.44 -32.88
CA ALA H 61 -52.19 33.74 -33.98
C ALA H 61 -52.63 34.76 -35.03
N ASP H 62 -52.61 34.32 -36.30
CA ASP H 62 -52.96 35.23 -37.38
C ASP H 62 -54.38 35.77 -37.23
N SER H 63 -55.27 35.01 -36.59
CA SER H 63 -56.68 35.34 -36.54
C SER H 63 -56.99 36.58 -35.70
N VAL H 64 -56.07 37.00 -34.82
CA VAL H 64 -56.30 38.12 -33.92
C VAL H 64 -55.17 39.14 -33.98
N LYS H 65 -54.27 39.02 -34.95
CA LYS H 65 -53.22 40.03 -35.13
C LYS H 65 -53.85 41.38 -35.47
N GLY H 66 -53.42 42.42 -34.76
CA GLY H 66 -53.98 43.74 -34.93
C GLY H 66 -55.23 44.01 -34.15
N ARG H 67 -55.87 42.99 -33.60
CA ARG H 67 -57.07 43.15 -32.79
C ARG H 67 -56.86 42.81 -31.33
N PHE H 68 -56.11 41.75 -31.04
CA PHE H 68 -55.82 41.34 -29.67
C PHE H 68 -54.40 41.77 -29.29
N THR H 69 -54.24 42.17 -28.03
CA THR H 69 -52.94 42.56 -27.50
C THR H 69 -52.73 41.84 -26.18
N ILE H 70 -51.68 41.02 -26.12
CA ILE H 70 -51.39 40.31 -24.89
C ILE H 70 -50.36 41.10 -24.10
N SER H 71 -50.55 41.14 -22.79
CA SER H 71 -49.88 42.06 -21.89
C SER H 71 -49.59 41.32 -20.61
N ARG H 72 -48.58 41.78 -19.86
CA ARG H 72 -48.34 41.15 -18.58
C ARG H 72 -47.74 42.17 -17.61
N ASP H 73 -48.07 41.97 -16.33
CA ASP H 73 -47.61 42.78 -15.21
C ASP H 73 -46.88 41.83 -14.24
N LYS H 74 -45.56 41.90 -14.23
CA LYS H 74 -44.76 40.97 -13.42
C LYS H 74 -45.01 41.17 -11.93
N ALA H 75 -45.29 42.40 -11.51
CA ALA H 75 -45.31 42.73 -10.08
C ALA H 75 -46.45 42.04 -9.36
N LYS H 76 -47.66 42.04 -9.94
CA LYS H 76 -48.78 41.32 -9.35
C LYS H 76 -49.13 40.07 -10.14
N ASN H 77 -48.24 39.64 -11.04
CA ASN H 77 -48.30 38.32 -11.68
C ASN H 77 -49.66 38.07 -12.35
N THR H 78 -50.05 38.99 -13.21
CA THR H 78 -51.25 38.84 -14.02
C THR H 78 -50.89 39.06 -15.47
N VAL H 79 -51.46 38.24 -16.35
CA VAL H 79 -51.34 38.38 -17.79
C VAL H 79 -52.69 38.90 -18.30
N TYR H 80 -52.66 39.77 -19.30
CA TYR H 80 -53.87 40.36 -19.83
C TYR H 80 -54.03 40.06 -21.31
N LEU H 81 -55.28 40.02 -21.76
CA LEU H 81 -55.62 39.94 -23.17
C LEU H 81 -56.61 41.05 -23.47
N GLN H 82 -56.19 42.03 -24.27
CA GLN H 82 -57.07 43.11 -24.70
C GLN H 82 -57.70 42.74 -26.03
N MET H 83 -59.02 42.62 -26.04
CA MET H 83 -59.74 42.13 -27.21
C MET H 83 -60.59 43.27 -27.78
N ASN H 84 -60.05 43.93 -28.80
CA ASN H 84 -60.74 45.00 -29.48
C ASN H 84 -61.23 44.53 -30.85
N SER H 85 -62.25 45.22 -31.36
CA SER H 85 -62.91 44.86 -32.62
C SER H 85 -63.44 43.42 -32.56
N LEU H 86 -64.18 43.13 -31.50
CA LEU H 86 -64.71 41.78 -31.30
C LEU H 86 -65.67 41.41 -32.42
N LYS H 87 -65.57 40.17 -32.88
CA LYS H 87 -66.50 39.61 -33.85
C LYS H 87 -67.20 38.41 -33.23
N TYR H 88 -68.33 38.01 -33.82
CA TYR H 88 -68.97 36.78 -33.37
C TYR H 88 -68.05 35.58 -33.53
N GLU H 89 -67.05 35.69 -34.41
CA GLU H 89 -66.00 34.67 -34.52
C GLU H 89 -65.31 34.41 -33.17
N ASP H 90 -65.28 35.40 -32.29
CA ASP H 90 -64.48 35.35 -31.06
C ASP H 90 -65.21 34.75 -29.87
N THR H 91 -66.46 34.33 -30.02
CA THR H 91 -67.20 33.79 -28.89
C THR H 91 -66.69 32.38 -28.55
N ALA H 92 -66.20 32.22 -27.34
CA ALA H 92 -65.62 30.96 -26.89
C ALA H 92 -65.26 31.11 -25.41
N VAL H 93 -64.86 30.00 -24.79
CA VAL H 93 -64.28 30.01 -23.45
C VAL H 93 -62.77 30.25 -23.60
N TYR H 94 -62.27 31.28 -22.93
CA TYR H 94 -60.87 31.69 -23.06
C TYR H 94 -60.06 31.19 -21.88
N TYR H 95 -59.05 30.38 -22.16
CA TYR H 95 -58.17 29.81 -21.14
C TYR H 95 -56.82 30.48 -21.17
N CYS H 96 -56.28 30.78 -19.99
CA CYS H 96 -54.90 31.18 -19.85
C CYS H 96 -54.07 29.99 -19.38
N ALA H 97 -52.84 29.91 -19.89
CA ALA H 97 -51.96 28.79 -19.59
C ALA H 97 -50.58 29.33 -19.22
N ARG H 98 -49.86 28.55 -18.42
CA ARG H 98 -48.58 28.94 -17.88
C ARG H 98 -47.57 27.82 -18.13
N THR H 99 -46.38 28.19 -18.59
CA THR H 99 -45.31 27.21 -18.77
C THR H 99 -44.04 27.73 -18.13
N GLU H 100 -43.25 26.80 -17.60
CA GLU H 100 -41.92 27.11 -17.07
C GLU H 100 -40.82 26.67 -18.03
N ASN H 101 -41.19 26.22 -19.23
CA ASN H 101 -40.22 25.79 -20.23
C ASN H 101 -39.76 27.02 -21.00
N VAL H 102 -38.52 27.43 -20.78
CA VAL H 102 -37.95 28.58 -21.48
C VAL H 102 -37.46 28.10 -22.85
N ARG H 103 -38.10 28.60 -23.91
CA ARG H 103 -37.80 28.20 -25.28
C ARG H 103 -37.16 29.37 -26.01
N SER H 104 -36.00 29.12 -26.63
CA SER H 104 -35.26 30.21 -27.27
C SER H 104 -36.10 30.85 -28.38
N LEU H 105 -36.82 30.02 -29.13
CA LEU H 105 -37.68 30.48 -30.22
C LEU H 105 -39.05 30.85 -29.67
N LEU H 106 -39.45 32.11 -29.83
CA LEU H 106 -40.70 32.57 -29.22
C LEU H 106 -41.92 31.86 -29.79
N SER H 107 -41.88 31.51 -31.08
CA SER H 107 -43.02 30.84 -31.67
C SER H 107 -43.23 29.44 -31.13
N ASP H 108 -42.28 28.91 -30.35
CA ASP H 108 -42.47 27.59 -29.74
C ASP H 108 -43.70 27.57 -28.85
N TYR H 109 -44.04 28.70 -28.22
CA TYR H 109 -45.16 28.77 -27.28
C TYR H 109 -46.51 28.69 -27.97
N ALA H 110 -46.55 28.64 -29.30
CA ALA H 110 -47.81 28.39 -29.99
C ALA H 110 -48.09 26.90 -30.16
N THR H 111 -47.06 26.04 -30.12
CA THR H 111 -47.24 24.61 -30.31
C THR H 111 -46.88 23.77 -29.09
N TRP H 112 -45.92 24.22 -28.27
CA TRP H 112 -45.45 23.39 -27.15
C TRP H 112 -46.51 23.29 -26.05
N PRO H 113 -46.52 22.20 -25.30
CA PRO H 113 -47.53 22.03 -24.24
C PRO H 113 -47.30 23.00 -23.10
N TYR H 114 -48.40 23.38 -22.46
CA TYR H 114 -48.34 24.21 -21.26
C TYR H 114 -48.66 23.34 -20.05
N ASP H 115 -47.95 23.59 -18.96
CA ASP H 115 -48.03 22.73 -17.79
C ASP H 115 -49.25 23.01 -16.92
N TYR H 116 -49.62 24.28 -16.73
CA TYR H 116 -50.72 24.65 -15.86
C TYR H 116 -51.75 25.49 -16.62
N TRP H 117 -53.02 25.25 -16.32
CA TRP H 117 -54.12 25.93 -16.98
C TRP H 117 -55.10 26.49 -15.96
N GLY H 118 -55.75 27.58 -16.31
CA GLY H 118 -56.95 28.00 -15.62
C GLY H 118 -58.12 27.16 -16.06
N GLN H 119 -59.30 27.50 -15.54
CA GLN H 119 -60.51 26.78 -15.91
C GLN H 119 -61.43 27.59 -16.81
N GLY H 120 -61.05 28.81 -17.16
CA GLY H 120 -61.64 29.51 -18.30
C GLY H 120 -62.77 30.44 -17.89
N THR H 121 -63.00 31.43 -18.76
CA THR H 121 -64.07 32.39 -18.61
C THR H 121 -64.73 32.55 -19.98
N GLN H 122 -66.03 32.82 -19.99
CA GLN H 122 -66.78 32.84 -21.24
C GLN H 122 -66.86 34.26 -21.81
N VAL H 123 -66.57 34.38 -23.09
CA VAL H 123 -66.70 35.63 -23.84
C VAL H 123 -67.74 35.40 -24.93
N THR H 124 -68.80 36.20 -24.94
CA THR H 124 -69.90 36.06 -25.89
C THR H 124 -70.09 37.36 -26.63
N VAL H 125 -70.01 37.30 -27.97
CA VAL H 125 -70.17 38.47 -28.83
C VAL H 125 -71.58 38.41 -29.41
N SER H 126 -72.27 39.55 -29.44
CA SER H 126 -73.69 39.58 -29.71
C SER H 126 -74.06 40.09 -31.09
N SER H 127 -73.11 40.62 -31.86
CA SER H 127 -73.38 41.13 -33.21
C SER H 127 -74.58 42.07 -33.23
C1 NAG I . -23.88 15.21 2.31
C2 NAG I . -22.46 15.27 2.93
C3 NAG I . -21.90 13.86 3.11
C4 NAG I . -22.89 12.95 3.85
C5 NAG I . -24.21 12.94 3.11
C6 NAG I . -25.28 12.12 3.80
C7 NAG I . -20.68 16.93 2.54
C8 NAG I . -19.84 17.61 1.48
N2 NAG I . -21.57 16.04 2.07
O3 NAG I . -20.65 13.90 3.77
O4 NAG I . -22.38 11.63 3.94
O5 NAG I . -24.71 14.28 3.04
O6 NAG I . -26.57 12.45 3.29
O7 NAG I . -20.55 17.19 3.72
C1 NAG J . 20.30 10.97 17.57
C2 NAG J . 18.91 11.45 17.17
C3 NAG J . 18.68 11.16 15.69
C4 NAG J . 19.75 11.84 14.85
C5 NAG J . 21.14 11.40 15.30
C6 NAG J . 22.24 12.20 14.64
C7 NAG J . 16.66 11.34 18.14
C8 NAG J . 15.73 10.56 19.03
N2 NAG J . 17.88 10.83 17.98
O3 NAG J . 17.39 11.62 15.29
O4 NAG J . 19.58 11.51 13.48
O5 NAG J . 21.30 11.58 16.71
O6 NAG J . 22.44 13.44 15.30
O7 NAG J . 16.31 12.39 17.60
#